data_2Z10
# 
_entry.id   2Z10 
# 
_audit_conform.dict_name       mmcif_pdbx.dic 
_audit_conform.dict_version    5.399 
_audit_conform.dict_location   http://mmcif.pdb.org/dictionaries/ascii/mmcif_pdbx.dic 
# 
loop_
_database_2.database_id 
_database_2.database_code 
_database_2.pdbx_database_accession 
_database_2.pdbx_DOI 
PDB   2Z10         pdb_00002z10 10.2210/pdb2z10/pdb 
RCSB  RCSB027384   ?            ?                   
WWPDB D_1000027384 ?            ?                   
# 
loop_
_pdbx_audit_revision_history.ordinal 
_pdbx_audit_revision_history.data_content_type 
_pdbx_audit_revision_history.major_revision 
_pdbx_audit_revision_history.minor_revision 
_pdbx_audit_revision_history.revision_date 
1 'Structure model' 1 0 2007-11-13 
2 'Structure model' 1 1 2011-07-13 
3 'Structure model' 1 2 2024-11-20 
# 
_pdbx_audit_revision_details.ordinal             1 
_pdbx_audit_revision_details.revision_ordinal    1 
_pdbx_audit_revision_details.data_content_type   'Structure model' 
_pdbx_audit_revision_details.provider            repository 
_pdbx_audit_revision_details.type                'Initial release' 
_pdbx_audit_revision_details.description         ? 
_pdbx_audit_revision_details.details             ? 
# 
loop_
_pdbx_audit_revision_group.ordinal 
_pdbx_audit_revision_group.revision_ordinal 
_pdbx_audit_revision_group.data_content_type 
_pdbx_audit_revision_group.group 
1 2 'Structure model' 'Version format compliance' 
2 3 'Structure model' 'Data collection'           
3 3 'Structure model' 'Database references'       
4 3 'Structure model' 'Derived calculations'      
5 3 'Structure model' 'Structure summary'         
# 
loop_
_pdbx_audit_revision_category.ordinal 
_pdbx_audit_revision_category.revision_ordinal 
_pdbx_audit_revision_category.data_content_type 
_pdbx_audit_revision_category.category 
1 3 'Structure model' chem_comp_atom            
2 3 'Structure model' chem_comp_bond            
3 3 'Structure model' database_2                
4 3 'Structure model' pdbx_entry_details        
5 3 'Structure model' pdbx_modification_feature 
6 3 'Structure model' struct_conn               
# 
loop_
_pdbx_audit_revision_item.ordinal 
_pdbx_audit_revision_item.revision_ordinal 
_pdbx_audit_revision_item.data_content_type 
_pdbx_audit_revision_item.item 
1 3 'Structure model' '_database_2.pdbx_DOI'                
2 3 'Structure model' '_database_2.pdbx_database_accession' 
3 3 'Structure model' '_struct_conn.pdbx_leaving_atom_flag' 
# 
_pdbx_database_status.status_code                     REL 
_pdbx_database_status.entry_id                        2Z10 
_pdbx_database_status.recvd_initial_deposition_date   2007-05-07 
_pdbx_database_status.deposit_site                    PDBJ 
_pdbx_database_status.process_site                    PDBJ 
_pdbx_database_status.status_code_sf                  REL 
_pdbx_database_status.status_code_mr                  ? 
_pdbx_database_status.SG_entry                        Y 
_pdbx_database_status.pdb_format_compatible           Y 
_pdbx_database_status.status_code_cs                  ? 
_pdbx_database_status.status_code_nmr_data            ? 
_pdbx_database_status.methods_development_category    ? 
# 
_pdbx_database_related.db_name        TargetDB 
_pdbx_database_related.db_id          ttk003001865.1 
_pdbx_database_related.details        . 
_pdbx_database_related.content_type   unspecified 
# 
loop_
_audit_author.name 
_audit_author.pdbx_ordinal 
'Murayama, K.'                                           1 
'Kato-Murayama, M.'                                      2 
'Terada, T.'                                             3 
'Kuramitsu, S.'                                          4 
'Shirouzu, M.'                                           5 
'Yokoyama, S.'                                           6 
'RIKEN Structural Genomics/Proteomics Initiative (RSGI)' 7 
# 
_citation.id                        primary 
_citation.title                     
;Genetic Encoding of 3-Iodo-l-Tyrosine in Escherichia coli for Single-Wavelength Anomalous Dispersion Phasing in Protein Crystallography
;
_citation.journal_abbrev            Structure 
_citation.journal_volume            17 
_citation.page_first                335 
_citation.page_last                 344 
_citation.year                      2009 
_citation.journal_id_ASTM           STRUE6 
_citation.country                   UK 
_citation.journal_id_ISSN           0969-2126 
_citation.journal_id_CSD            2005 
_citation.book_publisher            ? 
_citation.pdbx_database_id_PubMed   19278648 
_citation.pdbx_database_id_DOI      10.1016/j.str.2009.01.008 
# 
loop_
_citation_author.citation_id 
_citation_author.name 
_citation_author.ordinal 
_citation_author.identifier_ORCID 
primary 'Sakamoto, K.'      1  ? 
primary 'Murayama, K.'      2  ? 
primary 'Oki, K.'           3  ? 
primary 'Iraha, F.'         4  ? 
primary 'Kato-Murayama, M.' 5  ? 
primary 'Takahashi, M.'     6  ? 
primary 'Ohtake, K.'        7  ? 
primary 'Kobayashi, T.'     8  ? 
primary 'Kuramitsu, S.'     9  ? 
primary 'Shirouzu, M.'      10 ? 
primary 'Yokoyama, S.'      11 ? 
# 
loop_
_entity.id 
_entity.type 
_entity.src_method 
_entity.pdbx_description 
_entity.formula_weight 
_entity.pdbx_number_of_molecules 
_entity.pdbx_ec 
_entity.pdbx_mutation 
_entity.pdbx_fragment 
_entity.details 
1 polymer man 'Ribosomal-protein-alanine acetyltransferase' 22288.467 1   2.3.1.128 ? ? ? 
2 water   nat water                                         18.015    184 ?         ? ? ? 
# 
_entity_poly.entity_id                      1 
_entity_poly.type                           'polypeptide(L)' 
_entity_poly.nstd_linkage                   no 
_entity_poly.nstd_monomer                   yes 
_entity_poly.pdbx_seq_one_letter_code       
;MWAFPERFEGRHVRLEPLALAHLPAFLRHYDPEVYRFLSRAPVAPTEEALRAHLEGLLGEPGRVNWAILFGKEVAGRISV
IAPEPEHAKLELGTMLFKPFWGSPANKEAK(IYR)LLLRHAFEVLRAERVQFKVDLRNERSQRALEALGAVREGVLRKNR
RLPDGAFRDDVVYSVLKEEWPGVKARLEARLYGASGNP
;
_entity_poly.pdbx_seq_one_letter_code_can   
;MWAFPERFEGRHVRLEPLALAHLPAFLRHYDPEVYRFLSRAPVAPTEEALRAHLEGLLGEPGRVNWAILFGKEVAGRISV
IAPEPEHAKLELGTMLFKPFWGSPANKEAKYLLLRHAFEVLRAERVQFKVDLRNERSQRALEALGAVREGVLRKNRRLPD
GAFRDDVVYSVLKEEWPGVKARLEARLYGASGNP
;
_entity_poly.pdbx_strand_id                 A 
_entity_poly.pdbx_target_identifier         ttk003001865.1 
# 
_pdbx_entity_nonpoly.entity_id   2 
_pdbx_entity_nonpoly.name        water 
_pdbx_entity_nonpoly.comp_id     HOH 
# 
loop_
_entity_poly_seq.entity_id 
_entity_poly_seq.num 
_entity_poly_seq.mon_id 
_entity_poly_seq.hetero 
1 1   MET n 
1 2   TRP n 
1 3   ALA n 
1 4   PHE n 
1 5   PRO n 
1 6   GLU n 
1 7   ARG n 
1 8   PHE n 
1 9   GLU n 
1 10  GLY n 
1 11  ARG n 
1 12  HIS n 
1 13  VAL n 
1 14  ARG n 
1 15  LEU n 
1 16  GLU n 
1 17  PRO n 
1 18  LEU n 
1 19  ALA n 
1 20  LEU n 
1 21  ALA n 
1 22  HIS n 
1 23  LEU n 
1 24  PRO n 
1 25  ALA n 
1 26  PHE n 
1 27  LEU n 
1 28  ARG n 
1 29  HIS n 
1 30  TYR n 
1 31  ASP n 
1 32  PRO n 
1 33  GLU n 
1 34  VAL n 
1 35  TYR n 
1 36  ARG n 
1 37  PHE n 
1 38  LEU n 
1 39  SER n 
1 40  ARG n 
1 41  ALA n 
1 42  PRO n 
1 43  VAL n 
1 44  ALA n 
1 45  PRO n 
1 46  THR n 
1 47  GLU n 
1 48  GLU n 
1 49  ALA n 
1 50  LEU n 
1 51  ARG n 
1 52  ALA n 
1 53  HIS n 
1 54  LEU n 
1 55  GLU n 
1 56  GLY n 
1 57  LEU n 
1 58  LEU n 
1 59  GLY n 
1 60  GLU n 
1 61  PRO n 
1 62  GLY n 
1 63  ARG n 
1 64  VAL n 
1 65  ASN n 
1 66  TRP n 
1 67  ALA n 
1 68  ILE n 
1 69  LEU n 
1 70  PHE n 
1 71  GLY n 
1 72  LYS n 
1 73  GLU n 
1 74  VAL n 
1 75  ALA n 
1 76  GLY n 
1 77  ARG n 
1 78  ILE n 
1 79  SER n 
1 80  VAL n 
1 81  ILE n 
1 82  ALA n 
1 83  PRO n 
1 84  GLU n 
1 85  PRO n 
1 86  GLU n 
1 87  HIS n 
1 88  ALA n 
1 89  LYS n 
1 90  LEU n 
1 91  GLU n 
1 92  LEU n 
1 93  GLY n 
1 94  THR n 
1 95  MET n 
1 96  LEU n 
1 97  PHE n 
1 98  LYS n 
1 99  PRO n 
1 100 PHE n 
1 101 TRP n 
1 102 GLY n 
1 103 SER n 
1 104 PRO n 
1 105 ALA n 
1 106 ASN n 
1 107 LYS n 
1 108 GLU n 
1 109 ALA n 
1 110 LYS n 
1 111 IYR n 
1 112 LEU n 
1 113 LEU n 
1 114 LEU n 
1 115 ARG n 
1 116 HIS n 
1 117 ALA n 
1 118 PHE n 
1 119 GLU n 
1 120 VAL n 
1 121 LEU n 
1 122 ARG n 
1 123 ALA n 
1 124 GLU n 
1 125 ARG n 
1 126 VAL n 
1 127 GLN n 
1 128 PHE n 
1 129 LYS n 
1 130 VAL n 
1 131 ASP n 
1 132 LEU n 
1 133 ARG n 
1 134 ASN n 
1 135 GLU n 
1 136 ARG n 
1 137 SER n 
1 138 GLN n 
1 139 ARG n 
1 140 ALA n 
1 141 LEU n 
1 142 GLU n 
1 143 ALA n 
1 144 LEU n 
1 145 GLY n 
1 146 ALA n 
1 147 VAL n 
1 148 ARG n 
1 149 GLU n 
1 150 GLY n 
1 151 VAL n 
1 152 LEU n 
1 153 ARG n 
1 154 LYS n 
1 155 ASN n 
1 156 ARG n 
1 157 ARG n 
1 158 LEU n 
1 159 PRO n 
1 160 ASP n 
1 161 GLY n 
1 162 ALA n 
1 163 PHE n 
1 164 ARG n 
1 165 ASP n 
1 166 ASP n 
1 167 VAL n 
1 168 VAL n 
1 169 TYR n 
1 170 SER n 
1 171 VAL n 
1 172 LEU n 
1 173 LYS n 
1 174 GLU n 
1 175 GLU n 
1 176 TRP n 
1 177 PRO n 
1 178 GLY n 
1 179 VAL n 
1 180 LYS n 
1 181 ALA n 
1 182 ARG n 
1 183 LEU n 
1 184 GLU n 
1 185 ALA n 
1 186 ARG n 
1 187 LEU n 
1 188 TYR n 
1 189 GLY n 
1 190 ALA n 
1 191 SER n 
1 192 GLY n 
1 193 ASN n 
1 194 PRO n 
# 
_entity_src_gen.entity_id                          1 
_entity_src_gen.pdbx_src_id                        1 
_entity_src_gen.pdbx_alt_source_flag               sample 
_entity_src_gen.pdbx_seq_type                      ? 
_entity_src_gen.pdbx_beg_seq_num                   ? 
_entity_src_gen.pdbx_end_seq_num                   ? 
_entity_src_gen.gene_src_common_name               ? 
_entity_src_gen.gene_src_genus                     Thermus 
_entity_src_gen.pdbx_gene_src_gene                 ? 
_entity_src_gen.gene_src_species                   'Thermus thermophilus' 
_entity_src_gen.gene_src_strain                    HB27 
_entity_src_gen.gene_src_tissue                    ? 
_entity_src_gen.gene_src_tissue_fraction           ? 
_entity_src_gen.gene_src_details                   ? 
_entity_src_gen.pdbx_gene_src_fragment             ? 
_entity_src_gen.pdbx_gene_src_scientific_name      'Thermus thermophilus' 
_entity_src_gen.pdbx_gene_src_ncbi_taxonomy_id     262724 
_entity_src_gen.pdbx_gene_src_variant              ? 
_entity_src_gen.pdbx_gene_src_cell_line            ? 
_entity_src_gen.pdbx_gene_src_atcc                 ? 
_entity_src_gen.pdbx_gene_src_organ                ? 
_entity_src_gen.pdbx_gene_src_organelle            ? 
_entity_src_gen.pdbx_gene_src_cell                 ? 
_entity_src_gen.pdbx_gene_src_cellular_location    ? 
_entity_src_gen.host_org_common_name               ? 
_entity_src_gen.pdbx_host_org_scientific_name      'Escherichia coli' 
_entity_src_gen.pdbx_host_org_ncbi_taxonomy_id     562 
_entity_src_gen.host_org_genus                     Escherichia 
_entity_src_gen.pdbx_host_org_gene                 ? 
_entity_src_gen.pdbx_host_org_organ                ? 
_entity_src_gen.host_org_species                   ? 
_entity_src_gen.pdbx_host_org_tissue               ? 
_entity_src_gen.pdbx_host_org_tissue_fraction      ? 
_entity_src_gen.pdbx_host_org_strain               ? 
_entity_src_gen.pdbx_host_org_variant              ? 
_entity_src_gen.pdbx_host_org_cell_line            ? 
_entity_src_gen.pdbx_host_org_atcc                 ? 
_entity_src_gen.pdbx_host_org_culture_collection   ? 
_entity_src_gen.pdbx_host_org_cell                 ? 
_entity_src_gen.pdbx_host_org_organelle            ? 
_entity_src_gen.pdbx_host_org_cellular_location    ? 
_entity_src_gen.pdbx_host_org_vector_type          plasmid 
_entity_src_gen.pdbx_host_org_vector               ? 
_entity_src_gen.host_org_details                   ? 
_entity_src_gen.expression_system_id               ? 
_entity_src_gen.plasmid_name                       pET11a 
_entity_src_gen.plasmid_details                    ? 
_entity_src_gen.pdbx_description                   ? 
# 
loop_
_chem_comp.id 
_chem_comp.type 
_chem_comp.mon_nstd_flag 
_chem_comp.name 
_chem_comp.pdbx_synonyms 
_chem_comp.formula 
_chem_comp.formula_weight 
ALA 'L-peptide linking' y ALANINE         ? 'C3 H7 N O2'     89.093  
ARG 'L-peptide linking' y ARGININE        ? 'C6 H15 N4 O2 1' 175.209 
ASN 'L-peptide linking' y ASPARAGINE      ? 'C4 H8 N2 O3'    132.118 
ASP 'L-peptide linking' y 'ASPARTIC ACID' ? 'C4 H7 N O4'     133.103 
GLN 'L-peptide linking' y GLUTAMINE       ? 'C5 H10 N2 O3'   146.144 
GLU 'L-peptide linking' y 'GLUTAMIC ACID' ? 'C5 H9 N O4'     147.129 
GLY 'peptide linking'   y GLYCINE         ? 'C2 H5 N O2'     75.067  
HIS 'L-peptide linking' y HISTIDINE       ? 'C6 H10 N3 O2 1' 156.162 
HOH non-polymer         . WATER           ? 'H2 O'           18.015  
ILE 'L-peptide linking' y ISOLEUCINE      ? 'C6 H13 N O2'    131.173 
IYR 'L-peptide linking' n 3-IODO-TYROSINE ? 'C9 H10 I N O3'  307.085 
LEU 'L-peptide linking' y LEUCINE         ? 'C6 H13 N O2'    131.173 
LYS 'L-peptide linking' y LYSINE          ? 'C6 H15 N2 O2 1' 147.195 
MET 'L-peptide linking' y METHIONINE      ? 'C5 H11 N O2 S'  149.211 
PHE 'L-peptide linking' y PHENYLALANINE   ? 'C9 H11 N O2'    165.189 
PRO 'L-peptide linking' y PROLINE         ? 'C5 H9 N O2'     115.130 
SER 'L-peptide linking' y SERINE          ? 'C3 H7 N O3'     105.093 
THR 'L-peptide linking' y THREONINE       ? 'C4 H9 N O3'     119.119 
TRP 'L-peptide linking' y TRYPTOPHAN      ? 'C11 H12 N2 O2'  204.225 
TYR 'L-peptide linking' y TYROSINE        ? 'C9 H11 N O3'    181.189 
VAL 'L-peptide linking' y VALINE          ? 'C5 H11 N O2'    117.146 
# 
loop_
_pdbx_poly_seq_scheme.asym_id 
_pdbx_poly_seq_scheme.entity_id 
_pdbx_poly_seq_scheme.seq_id 
_pdbx_poly_seq_scheme.mon_id 
_pdbx_poly_seq_scheme.ndb_seq_num 
_pdbx_poly_seq_scheme.pdb_seq_num 
_pdbx_poly_seq_scheme.auth_seq_num 
_pdbx_poly_seq_scheme.pdb_mon_id 
_pdbx_poly_seq_scheme.auth_mon_id 
_pdbx_poly_seq_scheme.pdb_strand_id 
_pdbx_poly_seq_scheme.pdb_ins_code 
_pdbx_poly_seq_scheme.hetero 
A 1 1   MET 1   1   1   MET MET A . n 
A 1 2   TRP 2   2   2   TRP TRP A . n 
A 1 3   ALA 3   3   3   ALA ALA A . n 
A 1 4   PHE 4   4   4   PHE PHE A . n 
A 1 5   PRO 5   5   5   PRO PRO A . n 
A 1 6   GLU 6   6   6   GLU GLU A . n 
A 1 7   ARG 7   7   7   ARG ARG A . n 
A 1 8   PHE 8   8   8   PHE PHE A . n 
A 1 9   GLU 9   9   9   GLU GLU A . n 
A 1 10  GLY 10  10  10  GLY GLY A . n 
A 1 11  ARG 11  11  11  ARG ARG A . n 
A 1 12  HIS 12  12  12  HIS HIS A . n 
A 1 13  VAL 13  13  13  VAL VAL A . n 
A 1 14  ARG 14  14  14  ARG ARG A . n 
A 1 15  LEU 15  15  15  LEU LEU A . n 
A 1 16  GLU 16  16  16  GLU GLU A . n 
A 1 17  PRO 17  17  17  PRO PRO A . n 
A 1 18  LEU 18  18  18  LEU LEU A . n 
A 1 19  ALA 19  19  19  ALA ALA A . n 
A 1 20  LEU 20  20  20  LEU LEU A . n 
A 1 21  ALA 21  21  21  ALA ALA A . n 
A 1 22  HIS 22  22  22  HIS HIS A . n 
A 1 23  LEU 23  23  23  LEU LEU A . n 
A 1 24  PRO 24  24  24  PRO PRO A . n 
A 1 25  ALA 25  25  25  ALA ALA A . n 
A 1 26  PHE 26  26  26  PHE PHE A . n 
A 1 27  LEU 27  27  27  LEU LEU A . n 
A 1 28  ARG 28  28  28  ARG ARG A . n 
A 1 29  HIS 29  29  29  HIS HIS A . n 
A 1 30  TYR 30  30  30  TYR TYR A . n 
A 1 31  ASP 31  31  31  ASP ASP A . n 
A 1 32  PRO 32  32  32  PRO PRO A . n 
A 1 33  GLU 33  33  33  GLU GLU A . n 
A 1 34  VAL 34  34  34  VAL VAL A . n 
A 1 35  TYR 35  35  35  TYR TYR A . n 
A 1 36  ARG 36  36  36  ARG ARG A . n 
A 1 37  PHE 37  37  37  PHE PHE A . n 
A 1 38  LEU 38  38  38  LEU LEU A . n 
A 1 39  SER 39  39  39  SER SER A . n 
A 1 40  ARG 40  40  40  ARG ARG A . n 
A 1 41  ALA 41  41  41  ALA ALA A . n 
A 1 42  PRO 42  42  42  PRO PRO A . n 
A 1 43  VAL 43  43  43  VAL VAL A . n 
A 1 44  ALA 44  44  44  ALA ALA A . n 
A 1 45  PRO 45  45  45  PRO PRO A . n 
A 1 46  THR 46  46  46  THR THR A . n 
A 1 47  GLU 47  47  47  GLU GLU A . n 
A 1 48  GLU 48  48  48  GLU GLU A . n 
A 1 49  ALA 49  49  49  ALA ALA A . n 
A 1 50  LEU 50  50  50  LEU LEU A . n 
A 1 51  ARG 51  51  51  ARG ARG A . n 
A 1 52  ALA 52  52  52  ALA ALA A . n 
A 1 53  HIS 53  53  53  HIS HIS A . n 
A 1 54  LEU 54  54  54  LEU LEU A . n 
A 1 55  GLU 55  55  55  GLU GLU A . n 
A 1 56  GLY 56  56  56  GLY GLY A . n 
A 1 57  LEU 57  57  57  LEU LEU A . n 
A 1 58  LEU 58  58  58  LEU LEU A . n 
A 1 59  GLY 59  59  59  GLY GLY A . n 
A 1 60  GLU 60  60  60  GLU GLU A . n 
A 1 61  PRO 61  61  61  PRO PRO A . n 
A 1 62  GLY 62  62  62  GLY GLY A . n 
A 1 63  ARG 63  63  63  ARG ARG A . n 
A 1 64  VAL 64  64  64  VAL VAL A . n 
A 1 65  ASN 65  65  65  ASN ASN A . n 
A 1 66  TRP 66  66  66  TRP TRP A . n 
A 1 67  ALA 67  67  67  ALA ALA A . n 
A 1 68  ILE 68  68  68  ILE ILE A . n 
A 1 69  LEU 69  69  69  LEU LEU A . n 
A 1 70  PHE 70  70  70  PHE PHE A . n 
A 1 71  GLY 71  71  71  GLY GLY A . n 
A 1 72  LYS 72  72  72  LYS LYS A . n 
A 1 73  GLU 73  73  73  GLU GLU A . n 
A 1 74  VAL 74  74  74  VAL VAL A . n 
A 1 75  ALA 75  75  75  ALA ALA A . n 
A 1 76  GLY 76  76  76  GLY GLY A . n 
A 1 77  ARG 77  77  77  ARG ARG A . n 
A 1 78  ILE 78  78  78  ILE ILE A . n 
A 1 79  SER 79  79  79  SER SER A . n 
A 1 80  VAL 80  80  80  VAL VAL A . n 
A 1 81  ILE 81  81  81  ILE ILE A . n 
A 1 82  ALA 82  82  82  ALA ALA A . n 
A 1 83  PRO 83  83  83  PRO PRO A . n 
A 1 84  GLU 84  84  84  GLU GLU A . n 
A 1 85  PRO 85  85  85  PRO PRO A . n 
A 1 86  GLU 86  86  86  GLU GLU A . n 
A 1 87  HIS 87  87  87  HIS HIS A . n 
A 1 88  ALA 88  88  88  ALA ALA A . n 
A 1 89  LYS 89  89  89  LYS LYS A . n 
A 1 90  LEU 90  90  90  LEU LEU A . n 
A 1 91  GLU 91  91  91  GLU GLU A . n 
A 1 92  LEU 92  92  92  LEU LEU A . n 
A 1 93  GLY 93  93  93  GLY GLY A . n 
A 1 94  THR 94  94  94  THR THR A . n 
A 1 95  MET 95  95  95  MET MET A . n 
A 1 96  LEU 96  96  96  LEU LEU A . n 
A 1 97  PHE 97  97  97  PHE PHE A . n 
A 1 98  LYS 98  98  98  LYS LYS A . n 
A 1 99  PRO 99  99  99  PRO PRO A . n 
A 1 100 PHE 100 100 100 PHE PHE A . n 
A 1 101 TRP 101 101 101 TRP TRP A . n 
A 1 102 GLY 102 102 102 GLY GLY A . n 
A 1 103 SER 103 103 103 SER SER A . n 
A 1 104 PRO 104 104 104 PRO PRO A . n 
A 1 105 ALA 105 105 105 ALA ALA A . n 
A 1 106 ASN 106 106 106 ASN ASN A . n 
A 1 107 LYS 107 107 107 LYS LYS A . n 
A 1 108 GLU 108 108 108 GLU GLU A . n 
A 1 109 ALA 109 109 109 ALA ALA A . n 
A 1 110 LYS 110 110 110 LYS LYS A . n 
A 1 111 IYR 111 111 111 IYR IYR A . n 
A 1 112 LEU 112 112 112 LEU LEU A . n 
A 1 113 LEU 113 113 113 LEU LEU A . n 
A 1 114 LEU 114 114 114 LEU LEU A . n 
A 1 115 ARG 115 115 115 ARG ARG A . n 
A 1 116 HIS 116 116 116 HIS HIS A . n 
A 1 117 ALA 117 117 117 ALA ALA A . n 
A 1 118 PHE 118 118 118 PHE PHE A . n 
A 1 119 GLU 119 119 119 GLU GLU A . n 
A 1 120 VAL 120 120 120 VAL VAL A . n 
A 1 121 LEU 121 121 121 LEU LEU A . n 
A 1 122 ARG 122 122 122 ARG ARG A . n 
A 1 123 ALA 123 123 123 ALA ALA A . n 
A 1 124 GLU 124 124 124 GLU GLU A . n 
A 1 125 ARG 125 125 125 ARG ARG A . n 
A 1 126 VAL 126 126 126 VAL VAL A . n 
A 1 127 GLN 127 127 127 GLN GLN A . n 
A 1 128 PHE 128 128 128 PHE PHE A . n 
A 1 129 LYS 129 129 129 LYS LYS A . n 
A 1 130 VAL 130 130 130 VAL VAL A . n 
A 1 131 ASP 131 131 131 ASP ASP A . n 
A 1 132 LEU 132 132 132 LEU LEU A . n 
A 1 133 ARG 133 133 133 ARG ARG A . n 
A 1 134 ASN 134 134 134 ASN ASN A . n 
A 1 135 GLU 135 135 135 GLU GLU A . n 
A 1 136 ARG 136 136 136 ARG ARG A . n 
A 1 137 SER 137 137 137 SER SER A . n 
A 1 138 GLN 138 138 138 GLN GLN A . n 
A 1 139 ARG 139 139 139 ARG ARG A . n 
A 1 140 ALA 140 140 140 ALA ALA A . n 
A 1 141 LEU 141 141 141 LEU LEU A . n 
A 1 142 GLU 142 142 142 GLU GLU A . n 
A 1 143 ALA 143 143 143 ALA ALA A . n 
A 1 144 LEU 144 144 144 LEU LEU A . n 
A 1 145 GLY 145 145 145 GLY GLY A . n 
A 1 146 ALA 146 146 146 ALA ALA A . n 
A 1 147 VAL 147 147 147 VAL VAL A . n 
A 1 148 ARG 148 148 148 ARG ARG A . n 
A 1 149 GLU 149 149 149 GLU GLU A . n 
A 1 150 GLY 150 150 150 GLY GLY A . n 
A 1 151 VAL 151 151 151 VAL VAL A . n 
A 1 152 LEU 152 152 152 LEU LEU A . n 
A 1 153 ARG 153 153 153 ARG ARG A . n 
A 1 154 LYS 154 154 154 LYS LYS A . n 
A 1 155 ASN 155 155 155 ASN ASN A . n 
A 1 156 ARG 156 156 156 ARG ARG A . n 
A 1 157 ARG 157 157 157 ARG ARG A . n 
A 1 158 LEU 158 158 158 LEU LEU A . n 
A 1 159 PRO 159 159 159 PRO PRO A . n 
A 1 160 ASP 160 160 160 ASP ASP A . n 
A 1 161 GLY 161 161 161 GLY GLY A . n 
A 1 162 ALA 162 162 162 ALA ALA A . n 
A 1 163 PHE 163 163 163 PHE PHE A . n 
A 1 164 ARG 164 164 164 ARG ARG A . n 
A 1 165 ASP 165 165 165 ASP ASP A . n 
A 1 166 ASP 166 166 166 ASP ASP A . n 
A 1 167 VAL 167 167 167 VAL VAL A . n 
A 1 168 VAL 168 168 168 VAL VAL A . n 
A 1 169 TYR 169 169 169 TYR TYR A . n 
A 1 170 SER 170 170 170 SER SER A . n 
A 1 171 VAL 171 171 171 VAL VAL A . n 
A 1 172 LEU 172 172 172 LEU LEU A . n 
A 1 173 LYS 173 173 173 LYS LYS A . n 
A 1 174 GLU 174 174 174 GLU GLU A . n 
A 1 175 GLU 175 175 175 GLU GLU A . n 
A 1 176 TRP 176 176 176 TRP TRP A . n 
A 1 177 PRO 177 177 177 PRO PRO A . n 
A 1 178 GLY 178 178 178 GLY GLY A . n 
A 1 179 VAL 179 179 179 VAL VAL A . n 
A 1 180 LYS 180 180 180 LYS LYS A . n 
A 1 181 ALA 181 181 181 ALA ALA A . n 
A 1 182 ARG 182 182 182 ARG ARG A . n 
A 1 183 LEU 183 183 183 LEU LEU A . n 
A 1 184 GLU 184 184 184 GLU GLU A . n 
A 1 185 ALA 185 185 185 ALA ALA A . n 
A 1 186 ARG 186 186 186 ARG ARG A . n 
A 1 187 LEU 187 187 187 LEU LEU A . n 
A 1 188 TYR 188 188 188 TYR TYR A . n 
A 1 189 GLY 189 189 ?   ?   ?   A . n 
A 1 190 ALA 190 190 ?   ?   ?   A . n 
A 1 191 SER 191 191 ?   ?   ?   A . n 
A 1 192 GLY 192 192 ?   ?   ?   A . n 
A 1 193 ASN 193 193 ?   ?   ?   A . n 
A 1 194 PRO 194 194 ?   ?   ?   A . n 
# 
loop_
_pdbx_nonpoly_scheme.asym_id 
_pdbx_nonpoly_scheme.entity_id 
_pdbx_nonpoly_scheme.mon_id 
_pdbx_nonpoly_scheme.ndb_seq_num 
_pdbx_nonpoly_scheme.pdb_seq_num 
_pdbx_nonpoly_scheme.auth_seq_num 
_pdbx_nonpoly_scheme.pdb_mon_id 
_pdbx_nonpoly_scheme.auth_mon_id 
_pdbx_nonpoly_scheme.pdb_strand_id 
_pdbx_nonpoly_scheme.pdb_ins_code 
B 2 HOH 1   195 1   HOH HOH A . 
B 2 HOH 2   196 2   HOH HOH A . 
B 2 HOH 3   197 3   HOH HOH A . 
B 2 HOH 4   198 4   HOH HOH A . 
B 2 HOH 5   199 5   HOH HOH A . 
B 2 HOH 6   200 6   HOH HOH A . 
B 2 HOH 7   201 7   HOH HOH A . 
B 2 HOH 8   202 8   HOH HOH A . 
B 2 HOH 9   203 9   HOH HOH A . 
B 2 HOH 10  204 10  HOH HOH A . 
B 2 HOH 11  205 11  HOH HOH A . 
B 2 HOH 12  206 12  HOH HOH A . 
B 2 HOH 13  207 13  HOH HOH A . 
B 2 HOH 14  208 14  HOH HOH A . 
B 2 HOH 15  209 15  HOH HOH A . 
B 2 HOH 16  210 16  HOH HOH A . 
B 2 HOH 17  211 17  HOH HOH A . 
B 2 HOH 18  212 18  HOH HOH A . 
B 2 HOH 19  213 19  HOH HOH A . 
B 2 HOH 20  214 20  HOH HOH A . 
B 2 HOH 21  215 21  HOH HOH A . 
B 2 HOH 22  216 22  HOH HOH A . 
B 2 HOH 23  217 23  HOH HOH A . 
B 2 HOH 24  218 24  HOH HOH A . 
B 2 HOH 25  219 25  HOH HOH A . 
B 2 HOH 26  220 26  HOH HOH A . 
B 2 HOH 27  221 27  HOH HOH A . 
B 2 HOH 28  222 28  HOH HOH A . 
B 2 HOH 29  223 29  HOH HOH A . 
B 2 HOH 30  224 30  HOH HOH A . 
B 2 HOH 31  225 31  HOH HOH A . 
B 2 HOH 32  226 32  HOH HOH A . 
B 2 HOH 33  227 33  HOH HOH A . 
B 2 HOH 34  228 34  HOH HOH A . 
B 2 HOH 35  229 35  HOH HOH A . 
B 2 HOH 36  230 36  HOH HOH A . 
B 2 HOH 37  231 37  HOH HOH A . 
B 2 HOH 38  232 38  HOH HOH A . 
B 2 HOH 39  233 39  HOH HOH A . 
B 2 HOH 40  234 40  HOH HOH A . 
B 2 HOH 41  235 41  HOH HOH A . 
B 2 HOH 42  236 42  HOH HOH A . 
B 2 HOH 43  237 43  HOH HOH A . 
B 2 HOH 44  238 44  HOH HOH A . 
B 2 HOH 45  239 45  HOH HOH A . 
B 2 HOH 46  240 46  HOH HOH A . 
B 2 HOH 47  241 47  HOH HOH A . 
B 2 HOH 48  242 48  HOH HOH A . 
B 2 HOH 49  243 49  HOH HOH A . 
B 2 HOH 50  244 50  HOH HOH A . 
B 2 HOH 51  245 51  HOH HOH A . 
B 2 HOH 52  246 52  HOH HOH A . 
B 2 HOH 53  247 53  HOH HOH A . 
B 2 HOH 54  248 54  HOH HOH A . 
B 2 HOH 55  249 55  HOH HOH A . 
B 2 HOH 56  250 56  HOH HOH A . 
B 2 HOH 57  251 57  HOH HOH A . 
B 2 HOH 58  252 58  HOH HOH A . 
B 2 HOH 59  253 59  HOH HOH A . 
B 2 HOH 60  254 60  HOH HOH A . 
B 2 HOH 61  255 61  HOH HOH A . 
B 2 HOH 62  256 62  HOH HOH A . 
B 2 HOH 63  257 63  HOH HOH A . 
B 2 HOH 64  258 64  HOH HOH A . 
B 2 HOH 65  259 65  HOH HOH A . 
B 2 HOH 66  260 66  HOH HOH A . 
B 2 HOH 67  261 67  HOH HOH A . 
B 2 HOH 68  262 68  HOH HOH A . 
B 2 HOH 69  263 69  HOH HOH A . 
B 2 HOH 70  264 70  HOH HOH A . 
B 2 HOH 71  265 71  HOH HOH A . 
B 2 HOH 72  266 72  HOH HOH A . 
B 2 HOH 73  267 73  HOH HOH A . 
B 2 HOH 74  268 74  HOH HOH A . 
B 2 HOH 75  269 75  HOH HOH A . 
B 2 HOH 76  270 76  HOH HOH A . 
B 2 HOH 77  271 77  HOH HOH A . 
B 2 HOH 78  272 78  HOH HOH A . 
B 2 HOH 79  273 79  HOH HOH A . 
B 2 HOH 80  274 80  HOH HOH A . 
B 2 HOH 81  275 81  HOH HOH A . 
B 2 HOH 82  276 82  HOH HOH A . 
B 2 HOH 83  277 83  HOH HOH A . 
B 2 HOH 84  278 84  HOH HOH A . 
B 2 HOH 85  279 85  HOH HOH A . 
B 2 HOH 86  280 86  HOH HOH A . 
B 2 HOH 87  281 87  HOH HOH A . 
B 2 HOH 88  282 88  HOH HOH A . 
B 2 HOH 89  283 89  HOH HOH A . 
B 2 HOH 90  284 90  HOH HOH A . 
B 2 HOH 91  285 91  HOH HOH A . 
B 2 HOH 92  286 92  HOH HOH A . 
B 2 HOH 93  287 93  HOH HOH A . 
B 2 HOH 94  288 94  HOH HOH A . 
B 2 HOH 95  289 95  HOH HOH A . 
B 2 HOH 96  290 96  HOH HOH A . 
B 2 HOH 97  291 97  HOH HOH A . 
B 2 HOH 98  292 98  HOH HOH A . 
B 2 HOH 99  293 99  HOH HOH A . 
B 2 HOH 100 294 100 HOH HOH A . 
B 2 HOH 101 295 101 HOH HOH A . 
B 2 HOH 102 296 102 HOH HOH A . 
B 2 HOH 103 297 103 HOH HOH A . 
B 2 HOH 104 298 104 HOH HOH A . 
B 2 HOH 105 299 105 HOH HOH A . 
B 2 HOH 106 300 106 HOH HOH A . 
B 2 HOH 107 301 107 HOH HOH A . 
B 2 HOH 108 302 108 HOH HOH A . 
B 2 HOH 109 303 109 HOH HOH A . 
B 2 HOH 110 304 110 HOH HOH A . 
B 2 HOH 111 305 111 HOH HOH A . 
B 2 HOH 112 306 112 HOH HOH A . 
B 2 HOH 113 307 113 HOH HOH A . 
B 2 HOH 114 308 114 HOH HOH A . 
B 2 HOH 115 309 115 HOH HOH A . 
B 2 HOH 116 310 116 HOH HOH A . 
B 2 HOH 117 311 117 HOH HOH A . 
B 2 HOH 118 312 118 HOH HOH A . 
B 2 HOH 119 313 119 HOH HOH A . 
B 2 HOH 120 314 120 HOH HOH A . 
B 2 HOH 121 315 121 HOH HOH A . 
B 2 HOH 122 316 122 HOH HOH A . 
B 2 HOH 123 317 123 HOH HOH A . 
B 2 HOH 124 318 124 HOH HOH A . 
B 2 HOH 125 319 125 HOH HOH A . 
B 2 HOH 126 320 126 HOH HOH A . 
B 2 HOH 127 321 127 HOH HOH A . 
B 2 HOH 128 322 128 HOH HOH A . 
B 2 HOH 129 323 129 HOH HOH A . 
B 2 HOH 130 324 130 HOH HOH A . 
B 2 HOH 131 325 131 HOH HOH A . 
B 2 HOH 132 326 132 HOH HOH A . 
B 2 HOH 133 327 133 HOH HOH A . 
B 2 HOH 134 328 134 HOH HOH A . 
B 2 HOH 135 329 135 HOH HOH A . 
B 2 HOH 136 330 136 HOH HOH A . 
B 2 HOH 137 331 137 HOH HOH A . 
B 2 HOH 138 332 138 HOH HOH A . 
B 2 HOH 139 333 139 HOH HOH A . 
B 2 HOH 140 334 140 HOH HOH A . 
B 2 HOH 141 335 141 HOH HOH A . 
B 2 HOH 142 336 142 HOH HOH A . 
B 2 HOH 143 337 143 HOH HOH A . 
B 2 HOH 144 338 144 HOH HOH A . 
B 2 HOH 145 339 145 HOH HOH A . 
B 2 HOH 146 340 146 HOH HOH A . 
B 2 HOH 147 341 147 HOH HOH A . 
B 2 HOH 148 342 148 HOH HOH A . 
B 2 HOH 149 343 149 HOH HOH A . 
B 2 HOH 150 344 150 HOH HOH A . 
B 2 HOH 151 345 151 HOH HOH A . 
B 2 HOH 152 346 152 HOH HOH A . 
B 2 HOH 153 347 153 HOH HOH A . 
B 2 HOH 154 348 154 HOH HOH A . 
B 2 HOH 155 349 155 HOH HOH A . 
B 2 HOH 156 350 156 HOH HOH A . 
B 2 HOH 157 351 157 HOH HOH A . 
B 2 HOH 158 352 158 HOH HOH A . 
B 2 HOH 159 353 159 HOH HOH A . 
B 2 HOH 160 354 160 HOH HOH A . 
B 2 HOH 161 355 161 HOH HOH A . 
B 2 HOH 162 356 162 HOH HOH A . 
B 2 HOH 163 357 163 HOH HOH A . 
B 2 HOH 164 358 164 HOH HOH A . 
B 2 HOH 165 359 165 HOH HOH A . 
B 2 HOH 166 360 166 HOH HOH A . 
B 2 HOH 167 361 167 HOH HOH A . 
B 2 HOH 168 362 168 HOH HOH A . 
B 2 HOH 169 363 169 HOH HOH A . 
B 2 HOH 170 364 170 HOH HOH A . 
B 2 HOH 171 365 171 HOH HOH A . 
B 2 HOH 172 366 172 HOH HOH A . 
B 2 HOH 173 367 173 HOH HOH A . 
B 2 HOH 174 368 174 HOH HOH A . 
B 2 HOH 175 369 175 HOH HOH A . 
B 2 HOH 176 370 176 HOH HOH A . 
B 2 HOH 177 371 177 HOH HOH A . 
B 2 HOH 178 372 178 HOH HOH A . 
B 2 HOH 179 373 179 HOH HOH A . 
B 2 HOH 180 374 180 HOH HOH A . 
B 2 HOH 181 375 181 HOH HOH A . 
B 2 HOH 182 376 182 HOH HOH A . 
B 2 HOH 183 377 183 HOH HOH A . 
B 2 HOH 184 378 184 HOH HOH A . 
# 
loop_
_software.name 
_software.classification 
_software.version 
_software.citation_id 
_software.pdbx_ordinal 
CNS          refinement        1.1 ? 1 
CrystalClear 'data collection' .   ? 2 
HKL-2000     'data reduction'  .   ? 3 
HKL-2000     'data scaling'    .   ? 4 
SOLVE        phasing           .   ? 5 
# 
_cell.entry_id           2Z10 
_cell.length_a           71.401 
_cell.length_b           71.401 
_cell.length_c           99.255 
_cell.angle_alpha        90.00 
_cell.angle_beta         90.00 
_cell.angle_gamma        120.00 
_cell.Z_PDB              6 
_cell.pdbx_unique_axis   ? 
_cell.length_a_esd       ? 
_cell.length_b_esd       ? 
_cell.length_c_esd       ? 
_cell.angle_alpha_esd    ? 
_cell.angle_beta_esd     ? 
_cell.angle_gamma_esd    ? 
# 
_symmetry.entry_id                         2Z10 
_symmetry.space_group_name_H-M             'P 32 2 1' 
_symmetry.pdbx_full_space_group_name_H-M   ? 
_symmetry.cell_setting                     ? 
_symmetry.Int_Tables_number                154 
_symmetry.space_group_name_Hall            ? 
# 
_exptl.entry_id          2Z10 
_exptl.method            'X-RAY DIFFRACTION' 
_exptl.crystals_number   1 
# 
_exptl_crystal.id                    1 
_exptl_crystal.density_meas          ? 
_exptl_crystal.density_Matthews      3.28 
_exptl_crystal.density_percent_sol   62.46 
_exptl_crystal.description           ? 
_exptl_crystal.F_000                 ? 
_exptl_crystal.preparation           ? 
# 
_exptl_crystal_grow.crystal_id      1 
_exptl_crystal_grow.method          'VAPOR DIFFUSION, HANGING DROP' 
_exptl_crystal_grow.temp            293 
_exptl_crystal_grow.temp_details    ? 
_exptl_crystal_grow.pH              5.5 
_exptl_crystal_grow.pdbx_details    
'0.15M ammonium acetate, 0.1M bis-tris pH5.5, 28% PEG 3350, VAPOR DIFFUSION, HANGING DROP, temperature 293K' 
_exptl_crystal_grow.pdbx_pH_range   . 
# 
_diffrn.id                     1 
_diffrn.ambient_temp           100 
_diffrn.ambient_temp_details   ? 
_diffrn.crystal_id             1 
# 
_diffrn_detector.diffrn_id              1 
_diffrn_detector.detector               'IMAGE PLATE' 
_diffrn_detector.type                   'RIGAKU RAXIS IV' 
_diffrn_detector.pdbx_collection_date   2005-07-14 
_diffrn_detector.details                ? 
# 
_diffrn_radiation.diffrn_id                        1 
_diffrn_radiation.wavelength_id                    1 
_diffrn_radiation.pdbx_monochromatic_or_laue_m_l   M 
_diffrn_radiation.monochromator                    ? 
_diffrn_radiation.pdbx_diffrn_protocol             'SINGLE WAVELENGTH' 
_diffrn_radiation.pdbx_scattering_type             x-ray 
# 
_diffrn_radiation_wavelength.id           1 
_diffrn_radiation_wavelength.wavelength   1.54 
_diffrn_radiation_wavelength.wt           1.0 
# 
_diffrn_source.diffrn_id                   1 
_diffrn_source.source                      'ROTATING ANODE' 
_diffrn_source.type                        'RIGAKU FR-E+ SUPERBRIGHT' 
_diffrn_source.pdbx_synchrotron_site       ? 
_diffrn_source.pdbx_synchrotron_beamline   ? 
_diffrn_source.pdbx_wavelength             ? 
_diffrn_source.pdbx_wavelength_list        1.54 
# 
_reflns.entry_id                     2Z10 
_reflns.observed_criterion_sigma_I   -3.0 
_reflns.observed_criterion_sigma_F   ? 
_reflns.d_resolution_low             50 
_reflns.d_resolution_high            1.77 
_reflns.number_obs                   28933 
_reflns.number_all                   ? 
_reflns.percent_possible_obs         98.9 
_reflns.pdbx_Rmerge_I_obs            ? 
_reflns.pdbx_Rsym_value              0.042 
_reflns.pdbx_netI_over_sigmaI        34.3 
_reflns.B_iso_Wilson_estimate        25.0 
_reflns.pdbx_redundancy              9.7 
_reflns.R_free_details               ? 
_reflns.limit_h_max                  ? 
_reflns.limit_h_min                  ? 
_reflns.limit_k_max                  ? 
_reflns.limit_k_min                  ? 
_reflns.limit_l_max                  ? 
_reflns.limit_l_min                  ? 
_reflns.observed_criterion_F_max     ? 
_reflns.observed_criterion_F_min     ? 
_reflns.pdbx_chi_squared             ? 
_reflns.pdbx_scaling_rejects         ? 
_reflns.pdbx_diffrn_id               1 
_reflns.pdbx_ordinal                 1 
# 
_reflns_shell.d_res_high             1.77 
_reflns_shell.d_res_low              1.83 
_reflns_shell.percent_possible_all   90.8 
_reflns_shell.Rmerge_I_obs           ? 
_reflns_shell.pdbx_Rsym_value        0.266 
_reflns_shell.meanI_over_sigI_obs    8.9 
_reflns_shell.pdbx_redundancy        9.3 
_reflns_shell.percent_possible_obs   ? 
_reflns_shell.number_unique_all      ? 
_reflns_shell.number_measured_all    ? 
_reflns_shell.number_measured_obs    ? 
_reflns_shell.number_unique_obs      ? 
_reflns_shell.pdbx_chi_squared       ? 
_reflns_shell.pdbx_diffrn_id         ? 
_reflns_shell.pdbx_ordinal           1 
# 
_refine.entry_id                                 2Z10 
_refine.ls_number_reflns_obs                     28876 
_refine.ls_number_reflns_all                     ? 
_refine.pdbx_ls_sigma_I                          ? 
_refine.pdbx_ls_sigma_F                          0.0 
_refine.pdbx_data_cutoff_high_absF               1264710.68 
_refine.pdbx_data_cutoff_low_absF                0.000000 
_refine.pdbx_data_cutoff_high_rms_absF           ? 
_refine.ls_d_res_low                             30.92 
_refine.ls_d_res_high                            1.77 
_refine.ls_percent_reflns_obs                    99.5 
_refine.ls_R_factor_obs                          ? 
_refine.ls_R_factor_all                          ? 
_refine.ls_R_factor_R_work                       0.206 
_refine.ls_R_factor_R_free                       0.237 
_refine.ls_R_factor_R_free_error                 0.006 
_refine.ls_R_factor_R_free_error_details         ? 
_refine.ls_percent_reflns_R_free                 4.9 
_refine.ls_number_reflns_R_free                  1413 
_refine.ls_number_parameters                     ? 
_refine.ls_number_restraints                     ? 
_refine.occupancy_min                            ? 
_refine.occupancy_max                            ? 
_refine.correlation_coeff_Fo_to_Fc               ? 
_refine.correlation_coeff_Fo_to_Fc_free          ? 
_refine.B_iso_mean                               30.0 
_refine.aniso_B[1][1]                            4.31 
_refine.aniso_B[2][2]                            4.31 
_refine.aniso_B[3][3]                            -8.62 
_refine.aniso_B[1][2]                            0.75 
_refine.aniso_B[1][3]                            0.00 
_refine.aniso_B[2][3]                            0.00 
_refine.solvent_model_details                    'FLAT MODEL' 
_refine.solvent_model_param_ksol                 0.348736 
_refine.solvent_model_param_bsol                 48.5752 
_refine.pdbx_solvent_vdw_probe_radii             ? 
_refine.pdbx_solvent_ion_probe_radii             ? 
_refine.pdbx_solvent_shrinkage_radii             ? 
_refine.pdbx_ls_cross_valid_method               THROUGHOUT 
_refine.details                                  ? 
_refine.pdbx_starting_model                      ? 
_refine.pdbx_method_to_determine_struct          SAD 
_refine.pdbx_isotropic_thermal_model             RESTRAINED 
_refine.pdbx_stereochemistry_target_values       ? 
_refine.pdbx_stereochem_target_val_spec_case     ? 
_refine.pdbx_R_Free_selection_details            RANDOM 
_refine.pdbx_overall_ESU_R                       ? 
_refine.pdbx_overall_ESU_R_Free                  ? 
_refine.overall_SU_ML                            ? 
_refine.overall_SU_B                             ? 
_refine.ls_redundancy_reflns_obs                 ? 
_refine.B_iso_min                                ? 
_refine.B_iso_max                                ? 
_refine.overall_SU_R_Cruickshank_DPI             ? 
_refine.overall_SU_R_free                        ? 
_refine.ls_wR_factor_R_free                      ? 
_refine.ls_wR_factor_R_work                      ? 
_refine.overall_FOM_free_R_set                   ? 
_refine.overall_FOM_work_R_set                   ? 
_refine.pdbx_refine_id                           'X-RAY DIFFRACTION' 
_refine.pdbx_diffrn_id                           1 
_refine.pdbx_TLS_residual_ADP_flag               ? 
_refine.pdbx_overall_phase_error                 ? 
_refine.pdbx_overall_SU_R_free_Cruickshank_DPI   ? 
_refine.pdbx_overall_SU_R_Blow_DPI               ? 
_refine.pdbx_overall_SU_R_free_Blow_DPI          ? 
# 
_refine_analyze.entry_id                        2Z10 
_refine_analyze.Luzzati_coordinate_error_obs    0.21 
_refine_analyze.Luzzati_sigma_a_obs             0.08 
_refine_analyze.Luzzati_d_res_low_obs           5.00 
_refine_analyze.Luzzati_coordinate_error_free   0.25 
_refine_analyze.Luzzati_sigma_a_free            0.12 
_refine_analyze.Luzzati_d_res_low_free          ? 
_refine_analyze.number_disordered_residues      ? 
_refine_analyze.occupancy_sum_hydrogen          ? 
_refine_analyze.occupancy_sum_non_hydrogen      ? 
_refine_analyze.pdbx_Luzzati_d_res_high_obs     ? 
_refine_analyze.pdbx_refine_id                  'X-RAY DIFFRACTION' 
# 
_refine_hist.pdbx_refine_id                   'X-RAY DIFFRACTION' 
_refine_hist.cycle_id                         LAST 
_refine_hist.pdbx_number_atoms_protein        1535 
_refine_hist.pdbx_number_atoms_nucleic_acid   0 
_refine_hist.pdbx_number_atoms_ligand         0 
_refine_hist.number_atoms_solvent             184 
_refine_hist.number_atoms_total               1719 
_refine_hist.d_res_high                       1.77 
_refine_hist.d_res_low                        30.92 
# 
loop_
_refine_ls_restr.type 
_refine_ls_restr.dev_ideal 
_refine_ls_restr.dev_ideal_target 
_refine_ls_restr.weight 
_refine_ls_restr.number 
_refine_ls_restr.pdbx_refine_id 
_refine_ls_restr.pdbx_restraint_function 
c_bond_d           0.013 ?    ? ? 'X-RAY DIFFRACTION' ? 
c_angle_deg        1.6   ?    ? ? 'X-RAY DIFFRACTION' ? 
c_dihedral_angle_d 23.5  ?    ? ? 'X-RAY DIFFRACTION' ? 
c_improper_angle_d 0.98  ?    ? ? 'X-RAY DIFFRACTION' ? 
c_mcbond_it        1.35  1.50 ? ? 'X-RAY DIFFRACTION' ? 
c_mcangle_it       2.00  2.00 ? ? 'X-RAY DIFFRACTION' ? 
c_scbond_it        2.41  2.00 ? ? 'X-RAY DIFFRACTION' ? 
c_scangle_it       3.66  2.50 ? ? 'X-RAY DIFFRACTION' ? 
# 
_refine_ls_shell.pdbx_total_number_of_bins_used   6 
_refine_ls_shell.d_res_high                       1.77 
_refine_ls_shell.d_res_low                        1.88 
_refine_ls_shell.number_reflns_R_work             4390 
_refine_ls_shell.R_factor_R_work                  0.266 
_refine_ls_shell.percent_reflns_obs               96.6 
_refine_ls_shell.R_factor_R_free                  0.319 
_refine_ls_shell.R_factor_R_free_error            0.021 
_refine_ls_shell.percent_reflns_R_free            5.0 
_refine_ls_shell.number_reflns_R_free             229 
_refine_ls_shell.number_reflns_all                ? 
_refine_ls_shell.R_factor_all                     ? 
_refine_ls_shell.number_reflns_obs                ? 
_refine_ls_shell.redundancy_reflns_obs            ? 
_refine_ls_shell.pdbx_refine_id                   'X-RAY DIFFRACTION' 
# 
loop_
_pdbx_xplor_file.serial_no 
_pdbx_xplor_file.param_file 
_pdbx_xplor_file.topol_file 
_pdbx_xplor_file.pdbx_refine_id 
1 protein_rep.param protein.top 'X-RAY DIFFRACTION' 
2 water_rep.param   ?           'X-RAY DIFFRACTION' 
# 
_struct.entry_id                  2Z10 
_struct.title                     'Crystal structure of putative acetyltransferase' 
_struct.pdbx_model_details        ? 
_struct.pdbx_CASP_flag            ? 
_struct.pdbx_model_type_details   ? 
# 
_struct_keywords.entry_id        2Z10 
_struct_keywords.pdbx_keywords   TRANSFERASE 
_struct_keywords.text            
;alpha/beta protein, Acyltransferase, Transferase, Structural Genomics, NPPSFA, National Project on Protein Structural and Functional Analyses, RIKEN Structural Genomics/Proteomics Initiative, RSGI
;
# 
loop_
_struct_asym.id 
_struct_asym.pdbx_blank_PDB_chainid_flag 
_struct_asym.pdbx_modified 
_struct_asym.entity_id 
_struct_asym.details 
A N N 1 ? 
B N N 2 ? 
# 
_struct_ref.id                         1 
_struct_ref.db_name                    UNP 
_struct_ref.db_code                    Q72HN8_THET2 
_struct_ref.pdbx_db_accession          Q72HN8 
_struct_ref.entity_id                  1 
_struct_ref.pdbx_seq_one_letter_code   
;MWAFPERFEGRHVRLEPLALAHLPAFLRHYDPEVYRFLSRAPVAPTEEALRAHLEGLLGEPGRVNWAILFGKEVAGRISV
IAPEPEHAKLELGTMLFKPFWGSPANKEAKYLLLRHAFEVLRAERVQFKVDLRNERSQRALEALGAVREGVLRKNRRLPD
GAFRDDVVYSVLKEEWPGVKARLEARLYGASGNP
;
_struct_ref.pdbx_align_begin           1 
_struct_ref.pdbx_db_isoform            ? 
# 
_struct_ref_seq.align_id                      1 
_struct_ref_seq.ref_id                        1 
_struct_ref_seq.pdbx_PDB_id_code              2Z10 
_struct_ref_seq.pdbx_strand_id                A 
_struct_ref_seq.seq_align_beg                 1 
_struct_ref_seq.pdbx_seq_align_beg_ins_code   ? 
_struct_ref_seq.seq_align_end                 194 
_struct_ref_seq.pdbx_seq_align_end_ins_code   ? 
_struct_ref_seq.pdbx_db_accession             Q72HN8 
_struct_ref_seq.db_align_beg                  1 
_struct_ref_seq.pdbx_db_align_beg_ins_code    ? 
_struct_ref_seq.db_align_end                  194 
_struct_ref_seq.pdbx_db_align_end_ins_code    ? 
_struct_ref_seq.pdbx_auth_seq_align_beg       1 
_struct_ref_seq.pdbx_auth_seq_align_end       194 
# 
_pdbx_struct_assembly.id                   1 
_pdbx_struct_assembly.details              author_and_software_defined_assembly 
_pdbx_struct_assembly.method_details       PISA 
_pdbx_struct_assembly.oligomeric_details   dimeric 
_pdbx_struct_assembly.oligomeric_count     2 
# 
loop_
_pdbx_struct_assembly_prop.biol_id 
_pdbx_struct_assembly_prop.type 
_pdbx_struct_assembly_prop.value 
_pdbx_struct_assembly_prop.details 
1 'ABSA (A^2)' 2030  ? 
1 MORE         -0    ? 
1 'SSA (A^2)'  17380 ? 
# 
_pdbx_struct_assembly_gen.assembly_id       1 
_pdbx_struct_assembly_gen.oper_expression   1,2 
_pdbx_struct_assembly_gen.asym_id_list      A,B 
# 
loop_
_pdbx_struct_oper_list.id 
_pdbx_struct_oper_list.type 
_pdbx_struct_oper_list.name 
_pdbx_struct_oper_list.symmetry_operation 
_pdbx_struct_oper_list.matrix[1][1] 
_pdbx_struct_oper_list.matrix[1][2] 
_pdbx_struct_oper_list.matrix[1][3] 
_pdbx_struct_oper_list.vector[1] 
_pdbx_struct_oper_list.matrix[2][1] 
_pdbx_struct_oper_list.matrix[2][2] 
_pdbx_struct_oper_list.matrix[2][3] 
_pdbx_struct_oper_list.vector[2] 
_pdbx_struct_oper_list.matrix[3][1] 
_pdbx_struct_oper_list.matrix[3][2] 
_pdbx_struct_oper_list.matrix[3][3] 
_pdbx_struct_oper_list.vector[3] 
1 'identity operation'         1_555 x,y,z             1.0000000000  0.0000000000 0.0000000000  0.0000000000  0.0000000000 1.0000000000  0.0000000000  0.0000000000   0.0000000000  0.0000000000  1.0000000000 0.0000000000   
2 'crystal symmetry operation' 5_675 x-y+1,-y+2,-z+1/3 -0.5275569137 0.4618056047 -0.7130352630 12.7496296470 0.4618056047 -0.5485923644 -0.6969806318 -28.5593606401 -0.7130352630 -0.6969806318 0.0761492781 -10.0491501651 
# 
_struct_biol.id        1 
_struct_biol.details   ? 
# 
loop_
_struct_conf.conf_type_id 
_struct_conf.id 
_struct_conf.pdbx_PDB_helix_id 
_struct_conf.beg_label_comp_id 
_struct_conf.beg_label_asym_id 
_struct_conf.beg_label_seq_id 
_struct_conf.pdbx_beg_PDB_ins_code 
_struct_conf.end_label_comp_id 
_struct_conf.end_label_asym_id 
_struct_conf.end_label_seq_id 
_struct_conf.pdbx_end_PDB_ins_code 
_struct_conf.beg_auth_comp_id 
_struct_conf.beg_auth_asym_id 
_struct_conf.beg_auth_seq_id 
_struct_conf.end_auth_comp_id 
_struct_conf.end_auth_asym_id 
_struct_conf.end_auth_seq_id 
_struct_conf.pdbx_PDB_helix_class 
_struct_conf.details 
_struct_conf.pdbx_PDB_helix_length 
HELX_P HELX_P1 1 ALA A 19  ? ALA A 21  ? ALA A 19  ALA A 21  5 ? 3  
HELX_P HELX_P2 2 HIS A 22  ? HIS A 29  ? HIS A 22  HIS A 29  1 ? 8  
HELX_P HELX_P3 3 ASP A 31  ? ARG A 36  ? ASP A 31  ARG A 36  1 ? 6  
HELX_P HELX_P4 4 THR A 46  ? GLU A 60  ? THR A 46  GLU A 60  1 ? 15 
HELX_P HELX_P5 5 PRO A 85  ? HIS A 87  ? PRO A 85  HIS A 87  5 ? 3  
HELX_P HELX_P6 6 LYS A 98  ? TRP A 101 ? LYS A 98  TRP A 101 5 ? 4  
HELX_P HELX_P7 7 PRO A 104 ? VAL A 120 ? PRO A 104 VAL A 120 1 ? 17 
HELX_P HELX_P8 8 ASN A 134 ? GLY A 145 ? ASN A 134 GLY A 145 1 ? 12 
HELX_P HELX_P9 9 GLU A 175 ? TYR A 188 ? GLU A 175 TYR A 188 1 ? 14 
# 
_struct_conf_type.id          HELX_P 
_struct_conf_type.criteria    ? 
_struct_conf_type.reference   ? 
# 
loop_
_struct_conn.id 
_struct_conn.conn_type_id 
_struct_conn.pdbx_leaving_atom_flag 
_struct_conn.pdbx_PDB_id 
_struct_conn.ptnr1_label_asym_id 
_struct_conn.ptnr1_label_comp_id 
_struct_conn.ptnr1_label_seq_id 
_struct_conn.ptnr1_label_atom_id 
_struct_conn.pdbx_ptnr1_label_alt_id 
_struct_conn.pdbx_ptnr1_PDB_ins_code 
_struct_conn.pdbx_ptnr1_standard_comp_id 
_struct_conn.ptnr1_symmetry 
_struct_conn.ptnr2_label_asym_id 
_struct_conn.ptnr2_label_comp_id 
_struct_conn.ptnr2_label_seq_id 
_struct_conn.ptnr2_label_atom_id 
_struct_conn.pdbx_ptnr2_label_alt_id 
_struct_conn.pdbx_ptnr2_PDB_ins_code 
_struct_conn.ptnr1_auth_asym_id 
_struct_conn.ptnr1_auth_comp_id 
_struct_conn.ptnr1_auth_seq_id 
_struct_conn.ptnr2_auth_asym_id 
_struct_conn.ptnr2_auth_comp_id 
_struct_conn.ptnr2_auth_seq_id 
_struct_conn.ptnr2_symmetry 
_struct_conn.pdbx_ptnr3_label_atom_id 
_struct_conn.pdbx_ptnr3_label_seq_id 
_struct_conn.pdbx_ptnr3_label_comp_id 
_struct_conn.pdbx_ptnr3_label_asym_id 
_struct_conn.pdbx_ptnr3_label_alt_id 
_struct_conn.pdbx_ptnr3_PDB_ins_code 
_struct_conn.details 
_struct_conn.pdbx_dist_value 
_struct_conn.pdbx_value_order 
_struct_conn.pdbx_role 
covale1 covale both ? A LYS 110 C ? ? ? 1_555 A IYR 111 N ? ? A LYS 110 A IYR 111 1_555 ? ? ? ? ? ? ? 1.325 ? ? 
covale2 covale both ? A IYR 111 C ? ? ? 1_555 A LEU 112 N ? ? A IYR 111 A LEU 112 1_555 ? ? ? ? ? ? ? 1.331 ? ? 
# 
_struct_conn_type.id          covale 
_struct_conn_type.criteria    ? 
_struct_conn_type.reference   ? 
# 
_pdbx_modification_feature.ordinal                            1 
_pdbx_modification_feature.label_comp_id                      IYR 
_pdbx_modification_feature.label_asym_id                      A 
_pdbx_modification_feature.label_seq_id                       111 
_pdbx_modification_feature.label_alt_id                       ? 
_pdbx_modification_feature.modified_residue_label_comp_id     . 
_pdbx_modification_feature.modified_residue_label_asym_id     . 
_pdbx_modification_feature.modified_residue_label_seq_id      . 
_pdbx_modification_feature.modified_residue_label_alt_id      . 
_pdbx_modification_feature.auth_comp_id                       IYR 
_pdbx_modification_feature.auth_asym_id                       A 
_pdbx_modification_feature.auth_seq_id                        111 
_pdbx_modification_feature.PDB_ins_code                       ? 
_pdbx_modification_feature.symmetry                           1_555 
_pdbx_modification_feature.modified_residue_auth_comp_id      . 
_pdbx_modification_feature.modified_residue_auth_asym_id      . 
_pdbx_modification_feature.modified_residue_auth_seq_id       . 
_pdbx_modification_feature.modified_residue_PDB_ins_code      . 
_pdbx_modification_feature.modified_residue_symmetry          . 
_pdbx_modification_feature.comp_id_linking_atom               . 
_pdbx_modification_feature.modified_residue_id_linking_atom   . 
_pdbx_modification_feature.modified_residue_id                TYR 
_pdbx_modification_feature.ref_pcm_id                         1 
_pdbx_modification_feature.ref_comp_id                        IYR 
_pdbx_modification_feature.type                               Iodination 
_pdbx_modification_feature.category                           'Named protein modification' 
# 
_struct_sheet.id               A 
_struct_sheet.type             ? 
_struct_sheet.number_strands   8 
_struct_sheet.details          ? 
# 
loop_
_struct_sheet_order.sheet_id 
_struct_sheet_order.range_id_1 
_struct_sheet_order.range_id_2 
_struct_sheet_order.offset 
_struct_sheet_order.sense 
A 1 2 ? anti-parallel 
A 2 3 ? anti-parallel 
A 3 4 ? anti-parallel 
A 4 5 ? anti-parallel 
A 5 6 ? parallel      
A 6 7 ? anti-parallel 
A 7 8 ? anti-parallel 
# 
loop_
_struct_sheet_range.sheet_id 
_struct_sheet_range.id 
_struct_sheet_range.beg_label_comp_id 
_struct_sheet_range.beg_label_asym_id 
_struct_sheet_range.beg_label_seq_id 
_struct_sheet_range.pdbx_beg_PDB_ins_code 
_struct_sheet_range.end_label_comp_id 
_struct_sheet_range.end_label_asym_id 
_struct_sheet_range.end_label_seq_id 
_struct_sheet_range.pdbx_end_PDB_ins_code 
_struct_sheet_range.beg_auth_comp_id 
_struct_sheet_range.beg_auth_asym_id 
_struct_sheet_range.beg_auth_seq_id 
_struct_sheet_range.end_auth_comp_id 
_struct_sheet_range.end_auth_asym_id 
_struct_sheet_range.end_auth_seq_id 
A 1 PHE A 8   ? GLU A 9   ? PHE A 8   GLU A 9   
A 2 VAL A 13  ? PRO A 17  ? VAL A 13  PRO A 17  
A 3 VAL A 64  ? PHE A 70  ? VAL A 64  PHE A 70  
A 4 GLU A 73  ? GLU A 84  ? GLU A 73  GLU A 84  
A 5 LYS A 89  ? LEU A 96  ? LYS A 89  LEU A 96  
A 6 ARG A 125 ? ASP A 131 ? ARG A 125 ASP A 131 
A 7 PHE A 163 ? LEU A 172 ? PHE A 163 LEU A 172 
A 8 VAL A 147 ? ARG A 157 ? VAL A 147 ARG A 157 
# 
loop_
_pdbx_struct_sheet_hbond.sheet_id 
_pdbx_struct_sheet_hbond.range_id_1 
_pdbx_struct_sheet_hbond.range_id_2 
_pdbx_struct_sheet_hbond.range_1_label_atom_id 
_pdbx_struct_sheet_hbond.range_1_label_comp_id 
_pdbx_struct_sheet_hbond.range_1_label_asym_id 
_pdbx_struct_sheet_hbond.range_1_label_seq_id 
_pdbx_struct_sheet_hbond.range_1_PDB_ins_code 
_pdbx_struct_sheet_hbond.range_1_auth_atom_id 
_pdbx_struct_sheet_hbond.range_1_auth_comp_id 
_pdbx_struct_sheet_hbond.range_1_auth_asym_id 
_pdbx_struct_sheet_hbond.range_1_auth_seq_id 
_pdbx_struct_sheet_hbond.range_2_label_atom_id 
_pdbx_struct_sheet_hbond.range_2_label_comp_id 
_pdbx_struct_sheet_hbond.range_2_label_asym_id 
_pdbx_struct_sheet_hbond.range_2_label_seq_id 
_pdbx_struct_sheet_hbond.range_2_PDB_ins_code 
_pdbx_struct_sheet_hbond.range_2_auth_atom_id 
_pdbx_struct_sheet_hbond.range_2_auth_comp_id 
_pdbx_struct_sheet_hbond.range_2_auth_asym_id 
_pdbx_struct_sheet_hbond.range_2_auth_seq_id 
A 1 2 N PHE A 8   ? N PHE A 8   O LEU A 15  ? O LEU A 15  
A 2 3 N ARG A 14  ? N ARG A 14  O LEU A 69  ? O LEU A 69  
A 3 4 N ILE A 68  ? N ILE A 68  O ALA A 75  ? O ALA A 75  
A 4 5 N GLU A 84  ? N GLU A 84  O LYS A 89  ? O LYS A 89  
A 5 6 N LEU A 90  ? N LEU A 90  O GLN A 127 ? O GLN A 127 
A 6 7 N VAL A 130 ? N VAL A 130 O VAL A 167 ? O VAL A 167 
A 7 8 O ASP A 166 ? O ASP A 166 N LEU A 152 ? N LEU A 152 
# 
_pdbx_entry_details.entry_id                   2Z10 
_pdbx_entry_details.compound_details           ? 
_pdbx_entry_details.source_details             ? 
_pdbx_entry_details.nonpolymer_details         ? 
_pdbx_entry_details.sequence_details           ? 
_pdbx_entry_details.has_ligand_of_interest     ? 
_pdbx_entry_details.has_protein_modification   Y 
# 
_pdbx_SG_project.id                    1 
_pdbx_SG_project.project_name          'NPPSFA, National Project on Protein Structural and Functional Analyses' 
_pdbx_SG_project.full_name_of_center   'RIKEN Structural Genomics/Proteomics Initiative' 
_pdbx_SG_project.initial_of_center     RSGI 
# 
_pdbx_struct_mod_residue.id               1 
_pdbx_struct_mod_residue.label_asym_id    A 
_pdbx_struct_mod_residue.label_comp_id    IYR 
_pdbx_struct_mod_residue.label_seq_id     111 
_pdbx_struct_mod_residue.auth_asym_id     A 
_pdbx_struct_mod_residue.auth_comp_id     IYR 
_pdbx_struct_mod_residue.auth_seq_id      111 
_pdbx_struct_mod_residue.PDB_ins_code     ? 
_pdbx_struct_mod_residue.parent_comp_id   TYR 
_pdbx_struct_mod_residue.details          3-IODO-TYROSINE 
# 
loop_
_pdbx_unobs_or_zero_occ_residues.id 
_pdbx_unobs_or_zero_occ_residues.PDB_model_num 
_pdbx_unobs_or_zero_occ_residues.polymer_flag 
_pdbx_unobs_or_zero_occ_residues.occupancy_flag 
_pdbx_unobs_or_zero_occ_residues.auth_asym_id 
_pdbx_unobs_or_zero_occ_residues.auth_comp_id 
_pdbx_unobs_or_zero_occ_residues.auth_seq_id 
_pdbx_unobs_or_zero_occ_residues.PDB_ins_code 
_pdbx_unobs_or_zero_occ_residues.label_asym_id 
_pdbx_unobs_or_zero_occ_residues.label_comp_id 
_pdbx_unobs_or_zero_occ_residues.label_seq_id 
1 1 Y 1 A GLY 189 ? A GLY 189 
2 1 Y 1 A ALA 190 ? A ALA 190 
3 1 Y 1 A SER 191 ? A SER 191 
4 1 Y 1 A GLY 192 ? A GLY 192 
5 1 Y 1 A ASN 193 ? A ASN 193 
6 1 Y 1 A PRO 194 ? A PRO 194 
# 
loop_
_chem_comp_atom.comp_id 
_chem_comp_atom.atom_id 
_chem_comp_atom.type_symbol 
_chem_comp_atom.pdbx_aromatic_flag 
_chem_comp_atom.pdbx_stereo_config 
_chem_comp_atom.pdbx_ordinal 
ALA N    N N N 1   
ALA CA   C N S 2   
ALA C    C N N 3   
ALA O    O N N 4   
ALA CB   C N N 5   
ALA OXT  O N N 6   
ALA H    H N N 7   
ALA H2   H N N 8   
ALA HA   H N N 9   
ALA HB1  H N N 10  
ALA HB2  H N N 11  
ALA HB3  H N N 12  
ALA HXT  H N N 13  
ARG N    N N N 14  
ARG CA   C N S 15  
ARG C    C N N 16  
ARG O    O N N 17  
ARG CB   C N N 18  
ARG CG   C N N 19  
ARG CD   C N N 20  
ARG NE   N N N 21  
ARG CZ   C N N 22  
ARG NH1  N N N 23  
ARG NH2  N N N 24  
ARG OXT  O N N 25  
ARG H    H N N 26  
ARG H2   H N N 27  
ARG HA   H N N 28  
ARG HB2  H N N 29  
ARG HB3  H N N 30  
ARG HG2  H N N 31  
ARG HG3  H N N 32  
ARG HD2  H N N 33  
ARG HD3  H N N 34  
ARG HE   H N N 35  
ARG HH11 H N N 36  
ARG HH12 H N N 37  
ARG HH21 H N N 38  
ARG HH22 H N N 39  
ARG HXT  H N N 40  
ASN N    N N N 41  
ASN CA   C N S 42  
ASN C    C N N 43  
ASN O    O N N 44  
ASN CB   C N N 45  
ASN CG   C N N 46  
ASN OD1  O N N 47  
ASN ND2  N N N 48  
ASN OXT  O N N 49  
ASN H    H N N 50  
ASN H2   H N N 51  
ASN HA   H N N 52  
ASN HB2  H N N 53  
ASN HB3  H N N 54  
ASN HD21 H N N 55  
ASN HD22 H N N 56  
ASN HXT  H N N 57  
ASP N    N N N 58  
ASP CA   C N S 59  
ASP C    C N N 60  
ASP O    O N N 61  
ASP CB   C N N 62  
ASP CG   C N N 63  
ASP OD1  O N N 64  
ASP OD2  O N N 65  
ASP OXT  O N N 66  
ASP H    H N N 67  
ASP H2   H N N 68  
ASP HA   H N N 69  
ASP HB2  H N N 70  
ASP HB3  H N N 71  
ASP HD2  H N N 72  
ASP HXT  H N N 73  
GLN N    N N N 74  
GLN CA   C N S 75  
GLN C    C N N 76  
GLN O    O N N 77  
GLN CB   C N N 78  
GLN CG   C N N 79  
GLN CD   C N N 80  
GLN OE1  O N N 81  
GLN NE2  N N N 82  
GLN OXT  O N N 83  
GLN H    H N N 84  
GLN H2   H N N 85  
GLN HA   H N N 86  
GLN HB2  H N N 87  
GLN HB3  H N N 88  
GLN HG2  H N N 89  
GLN HG3  H N N 90  
GLN HE21 H N N 91  
GLN HE22 H N N 92  
GLN HXT  H N N 93  
GLU N    N N N 94  
GLU CA   C N S 95  
GLU C    C N N 96  
GLU O    O N N 97  
GLU CB   C N N 98  
GLU CG   C N N 99  
GLU CD   C N N 100 
GLU OE1  O N N 101 
GLU OE2  O N N 102 
GLU OXT  O N N 103 
GLU H    H N N 104 
GLU H2   H N N 105 
GLU HA   H N N 106 
GLU HB2  H N N 107 
GLU HB3  H N N 108 
GLU HG2  H N N 109 
GLU HG3  H N N 110 
GLU HE2  H N N 111 
GLU HXT  H N N 112 
GLY N    N N N 113 
GLY CA   C N N 114 
GLY C    C N N 115 
GLY O    O N N 116 
GLY OXT  O N N 117 
GLY H    H N N 118 
GLY H2   H N N 119 
GLY HA2  H N N 120 
GLY HA3  H N N 121 
GLY HXT  H N N 122 
HIS N    N N N 123 
HIS CA   C N S 124 
HIS C    C N N 125 
HIS O    O N N 126 
HIS CB   C N N 127 
HIS CG   C Y N 128 
HIS ND1  N Y N 129 
HIS CD2  C Y N 130 
HIS CE1  C Y N 131 
HIS NE2  N Y N 132 
HIS OXT  O N N 133 
HIS H    H N N 134 
HIS H2   H N N 135 
HIS HA   H N N 136 
HIS HB2  H N N 137 
HIS HB3  H N N 138 
HIS HD1  H N N 139 
HIS HD2  H N N 140 
HIS HE1  H N N 141 
HIS HE2  H N N 142 
HIS HXT  H N N 143 
HOH O    O N N 144 
HOH H1   H N N 145 
HOH H2   H N N 146 
ILE N    N N N 147 
ILE CA   C N S 148 
ILE C    C N N 149 
ILE O    O N N 150 
ILE CB   C N S 151 
ILE CG1  C N N 152 
ILE CG2  C N N 153 
ILE CD1  C N N 154 
ILE OXT  O N N 155 
ILE H    H N N 156 
ILE H2   H N N 157 
ILE HA   H N N 158 
ILE HB   H N N 159 
ILE HG12 H N N 160 
ILE HG13 H N N 161 
ILE HG21 H N N 162 
ILE HG22 H N N 163 
ILE HG23 H N N 164 
ILE HD11 H N N 165 
ILE HD12 H N N 166 
ILE HD13 H N N 167 
ILE HXT  H N N 168 
IYR N    N N N 169 
IYR CA   C N S 170 
IYR CB   C N N 171 
IYR CC   C Y N 172 
IYR CD   C Y N 173 
IYR CE   C Y N 174 
IYR IE   I N N 175 
IYR CF   C Y N 176 
IYR OF   O N N 177 
IYR CG   C Y N 178 
IYR CH   C Y N 179 
IYR C    C N N 180 
IYR O    O N N 181 
IYR OXT  O N N 182 
IYR H    H N N 183 
IYR H2   H N N 184 
IYR HA   H N N 185 
IYR HB2  H N N 186 
IYR HB3  H N N 187 
IYR HD   H N N 188 
IYR HF   H N N 189 
IYR HG   H N N 190 
IYR HH   H N N 191 
IYR HXT  H N N 192 
LEU N    N N N 193 
LEU CA   C N S 194 
LEU C    C N N 195 
LEU O    O N N 196 
LEU CB   C N N 197 
LEU CG   C N N 198 
LEU CD1  C N N 199 
LEU CD2  C N N 200 
LEU OXT  O N N 201 
LEU H    H N N 202 
LEU H2   H N N 203 
LEU HA   H N N 204 
LEU HB2  H N N 205 
LEU HB3  H N N 206 
LEU HG   H N N 207 
LEU HD11 H N N 208 
LEU HD12 H N N 209 
LEU HD13 H N N 210 
LEU HD21 H N N 211 
LEU HD22 H N N 212 
LEU HD23 H N N 213 
LEU HXT  H N N 214 
LYS N    N N N 215 
LYS CA   C N S 216 
LYS C    C N N 217 
LYS O    O N N 218 
LYS CB   C N N 219 
LYS CG   C N N 220 
LYS CD   C N N 221 
LYS CE   C N N 222 
LYS NZ   N N N 223 
LYS OXT  O N N 224 
LYS H    H N N 225 
LYS H2   H N N 226 
LYS HA   H N N 227 
LYS HB2  H N N 228 
LYS HB3  H N N 229 
LYS HG2  H N N 230 
LYS HG3  H N N 231 
LYS HD2  H N N 232 
LYS HD3  H N N 233 
LYS HE2  H N N 234 
LYS HE3  H N N 235 
LYS HZ1  H N N 236 
LYS HZ2  H N N 237 
LYS HZ3  H N N 238 
LYS HXT  H N N 239 
MET N    N N N 240 
MET CA   C N S 241 
MET C    C N N 242 
MET O    O N N 243 
MET CB   C N N 244 
MET CG   C N N 245 
MET SD   S N N 246 
MET CE   C N N 247 
MET OXT  O N N 248 
MET H    H N N 249 
MET H2   H N N 250 
MET HA   H N N 251 
MET HB2  H N N 252 
MET HB3  H N N 253 
MET HG2  H N N 254 
MET HG3  H N N 255 
MET HE1  H N N 256 
MET HE2  H N N 257 
MET HE3  H N N 258 
MET HXT  H N N 259 
PHE N    N N N 260 
PHE CA   C N S 261 
PHE C    C N N 262 
PHE O    O N N 263 
PHE CB   C N N 264 
PHE CG   C Y N 265 
PHE CD1  C Y N 266 
PHE CD2  C Y N 267 
PHE CE1  C Y N 268 
PHE CE2  C Y N 269 
PHE CZ   C Y N 270 
PHE OXT  O N N 271 
PHE H    H N N 272 
PHE H2   H N N 273 
PHE HA   H N N 274 
PHE HB2  H N N 275 
PHE HB3  H N N 276 
PHE HD1  H N N 277 
PHE HD2  H N N 278 
PHE HE1  H N N 279 
PHE HE2  H N N 280 
PHE HZ   H N N 281 
PHE HXT  H N N 282 
PRO N    N N N 283 
PRO CA   C N S 284 
PRO C    C N N 285 
PRO O    O N N 286 
PRO CB   C N N 287 
PRO CG   C N N 288 
PRO CD   C N N 289 
PRO OXT  O N N 290 
PRO H    H N N 291 
PRO HA   H N N 292 
PRO HB2  H N N 293 
PRO HB3  H N N 294 
PRO HG2  H N N 295 
PRO HG3  H N N 296 
PRO HD2  H N N 297 
PRO HD3  H N N 298 
PRO HXT  H N N 299 
SER N    N N N 300 
SER CA   C N S 301 
SER C    C N N 302 
SER O    O N N 303 
SER CB   C N N 304 
SER OG   O N N 305 
SER OXT  O N N 306 
SER H    H N N 307 
SER H2   H N N 308 
SER HA   H N N 309 
SER HB2  H N N 310 
SER HB3  H N N 311 
SER HG   H N N 312 
SER HXT  H N N 313 
THR N    N N N 314 
THR CA   C N S 315 
THR C    C N N 316 
THR O    O N N 317 
THR CB   C N R 318 
THR OG1  O N N 319 
THR CG2  C N N 320 
THR OXT  O N N 321 
THR H    H N N 322 
THR H2   H N N 323 
THR HA   H N N 324 
THR HB   H N N 325 
THR HG1  H N N 326 
THR HG21 H N N 327 
THR HG22 H N N 328 
THR HG23 H N N 329 
THR HXT  H N N 330 
TRP N    N N N 331 
TRP CA   C N S 332 
TRP C    C N N 333 
TRP O    O N N 334 
TRP CB   C N N 335 
TRP CG   C Y N 336 
TRP CD1  C Y N 337 
TRP CD2  C Y N 338 
TRP NE1  N Y N 339 
TRP CE2  C Y N 340 
TRP CE3  C Y N 341 
TRP CZ2  C Y N 342 
TRP CZ3  C Y N 343 
TRP CH2  C Y N 344 
TRP OXT  O N N 345 
TRP H    H N N 346 
TRP H2   H N N 347 
TRP HA   H N N 348 
TRP HB2  H N N 349 
TRP HB3  H N N 350 
TRP HD1  H N N 351 
TRP HE1  H N N 352 
TRP HE3  H N N 353 
TRP HZ2  H N N 354 
TRP HZ3  H N N 355 
TRP HH2  H N N 356 
TRP HXT  H N N 357 
TYR N    N N N 358 
TYR CA   C N S 359 
TYR C    C N N 360 
TYR O    O N N 361 
TYR CB   C N N 362 
TYR CG   C Y N 363 
TYR CD1  C Y N 364 
TYR CD2  C Y N 365 
TYR CE1  C Y N 366 
TYR CE2  C Y N 367 
TYR CZ   C Y N 368 
TYR OH   O N N 369 
TYR OXT  O N N 370 
TYR H    H N N 371 
TYR H2   H N N 372 
TYR HA   H N N 373 
TYR HB2  H N N 374 
TYR HB3  H N N 375 
TYR HD1  H N N 376 
TYR HD2  H N N 377 
TYR HE1  H N N 378 
TYR HE2  H N N 379 
TYR HH   H N N 380 
TYR HXT  H N N 381 
VAL N    N N N 382 
VAL CA   C N S 383 
VAL C    C N N 384 
VAL O    O N N 385 
VAL CB   C N N 386 
VAL CG1  C N N 387 
VAL CG2  C N N 388 
VAL OXT  O N N 389 
VAL H    H N N 390 
VAL H2   H N N 391 
VAL HA   H N N 392 
VAL HB   H N N 393 
VAL HG11 H N N 394 
VAL HG12 H N N 395 
VAL HG13 H N N 396 
VAL HG21 H N N 397 
VAL HG22 H N N 398 
VAL HG23 H N N 399 
VAL HXT  H N N 400 
# 
loop_
_chem_comp_bond.comp_id 
_chem_comp_bond.atom_id_1 
_chem_comp_bond.atom_id_2 
_chem_comp_bond.value_order 
_chem_comp_bond.pdbx_aromatic_flag 
_chem_comp_bond.pdbx_stereo_config 
_chem_comp_bond.pdbx_ordinal 
ALA N   CA   sing N N 1   
ALA N   H    sing N N 2   
ALA N   H2   sing N N 3   
ALA CA  C    sing N N 4   
ALA CA  CB   sing N N 5   
ALA CA  HA   sing N N 6   
ALA C   O    doub N N 7   
ALA C   OXT  sing N N 8   
ALA CB  HB1  sing N N 9   
ALA CB  HB2  sing N N 10  
ALA CB  HB3  sing N N 11  
ALA OXT HXT  sing N N 12  
ARG N   CA   sing N N 13  
ARG N   H    sing N N 14  
ARG N   H2   sing N N 15  
ARG CA  C    sing N N 16  
ARG CA  CB   sing N N 17  
ARG CA  HA   sing N N 18  
ARG C   O    doub N N 19  
ARG C   OXT  sing N N 20  
ARG CB  CG   sing N N 21  
ARG CB  HB2  sing N N 22  
ARG CB  HB3  sing N N 23  
ARG CG  CD   sing N N 24  
ARG CG  HG2  sing N N 25  
ARG CG  HG3  sing N N 26  
ARG CD  NE   sing N N 27  
ARG CD  HD2  sing N N 28  
ARG CD  HD3  sing N N 29  
ARG NE  CZ   sing N N 30  
ARG NE  HE   sing N N 31  
ARG CZ  NH1  sing N N 32  
ARG CZ  NH2  doub N N 33  
ARG NH1 HH11 sing N N 34  
ARG NH1 HH12 sing N N 35  
ARG NH2 HH21 sing N N 36  
ARG NH2 HH22 sing N N 37  
ARG OXT HXT  sing N N 38  
ASN N   CA   sing N N 39  
ASN N   H    sing N N 40  
ASN N   H2   sing N N 41  
ASN CA  C    sing N N 42  
ASN CA  CB   sing N N 43  
ASN CA  HA   sing N N 44  
ASN C   O    doub N N 45  
ASN C   OXT  sing N N 46  
ASN CB  CG   sing N N 47  
ASN CB  HB2  sing N N 48  
ASN CB  HB3  sing N N 49  
ASN CG  OD1  doub N N 50  
ASN CG  ND2  sing N N 51  
ASN ND2 HD21 sing N N 52  
ASN ND2 HD22 sing N N 53  
ASN OXT HXT  sing N N 54  
ASP N   CA   sing N N 55  
ASP N   H    sing N N 56  
ASP N   H2   sing N N 57  
ASP CA  C    sing N N 58  
ASP CA  CB   sing N N 59  
ASP CA  HA   sing N N 60  
ASP C   O    doub N N 61  
ASP C   OXT  sing N N 62  
ASP CB  CG   sing N N 63  
ASP CB  HB2  sing N N 64  
ASP CB  HB3  sing N N 65  
ASP CG  OD1  doub N N 66  
ASP CG  OD2  sing N N 67  
ASP OD2 HD2  sing N N 68  
ASP OXT HXT  sing N N 69  
GLN N   CA   sing N N 70  
GLN N   H    sing N N 71  
GLN N   H2   sing N N 72  
GLN CA  C    sing N N 73  
GLN CA  CB   sing N N 74  
GLN CA  HA   sing N N 75  
GLN C   O    doub N N 76  
GLN C   OXT  sing N N 77  
GLN CB  CG   sing N N 78  
GLN CB  HB2  sing N N 79  
GLN CB  HB3  sing N N 80  
GLN CG  CD   sing N N 81  
GLN CG  HG2  sing N N 82  
GLN CG  HG3  sing N N 83  
GLN CD  OE1  doub N N 84  
GLN CD  NE2  sing N N 85  
GLN NE2 HE21 sing N N 86  
GLN NE2 HE22 sing N N 87  
GLN OXT HXT  sing N N 88  
GLU N   CA   sing N N 89  
GLU N   H    sing N N 90  
GLU N   H2   sing N N 91  
GLU CA  C    sing N N 92  
GLU CA  CB   sing N N 93  
GLU CA  HA   sing N N 94  
GLU C   O    doub N N 95  
GLU C   OXT  sing N N 96  
GLU CB  CG   sing N N 97  
GLU CB  HB2  sing N N 98  
GLU CB  HB3  sing N N 99  
GLU CG  CD   sing N N 100 
GLU CG  HG2  sing N N 101 
GLU CG  HG3  sing N N 102 
GLU CD  OE1  doub N N 103 
GLU CD  OE2  sing N N 104 
GLU OE2 HE2  sing N N 105 
GLU OXT HXT  sing N N 106 
GLY N   CA   sing N N 107 
GLY N   H    sing N N 108 
GLY N   H2   sing N N 109 
GLY CA  C    sing N N 110 
GLY CA  HA2  sing N N 111 
GLY CA  HA3  sing N N 112 
GLY C   O    doub N N 113 
GLY C   OXT  sing N N 114 
GLY OXT HXT  sing N N 115 
HIS N   CA   sing N N 116 
HIS N   H    sing N N 117 
HIS N   H2   sing N N 118 
HIS CA  C    sing N N 119 
HIS CA  CB   sing N N 120 
HIS CA  HA   sing N N 121 
HIS C   O    doub N N 122 
HIS C   OXT  sing N N 123 
HIS CB  CG   sing N N 124 
HIS CB  HB2  sing N N 125 
HIS CB  HB3  sing N N 126 
HIS CG  ND1  sing Y N 127 
HIS CG  CD2  doub Y N 128 
HIS ND1 CE1  doub Y N 129 
HIS ND1 HD1  sing N N 130 
HIS CD2 NE2  sing Y N 131 
HIS CD2 HD2  sing N N 132 
HIS CE1 NE2  sing Y N 133 
HIS CE1 HE1  sing N N 134 
HIS NE2 HE2  sing N N 135 
HIS OXT HXT  sing N N 136 
HOH O   H1   sing N N 137 
HOH O   H2   sing N N 138 
ILE N   CA   sing N N 139 
ILE N   H    sing N N 140 
ILE N   H2   sing N N 141 
ILE CA  C    sing N N 142 
ILE CA  CB   sing N N 143 
ILE CA  HA   sing N N 144 
ILE C   O    doub N N 145 
ILE C   OXT  sing N N 146 
ILE CB  CG1  sing N N 147 
ILE CB  CG2  sing N N 148 
ILE CB  HB   sing N N 149 
ILE CG1 CD1  sing N N 150 
ILE CG1 HG12 sing N N 151 
ILE CG1 HG13 sing N N 152 
ILE CG2 HG21 sing N N 153 
ILE CG2 HG22 sing N N 154 
ILE CG2 HG23 sing N N 155 
ILE CD1 HD11 sing N N 156 
ILE CD1 HD12 sing N N 157 
ILE CD1 HD13 sing N N 158 
ILE OXT HXT  sing N N 159 
IYR N   CA   sing N N 160 
IYR N   H    sing N N 161 
IYR N   H2   sing N N 162 
IYR CA  CB   sing N N 163 
IYR CA  C    sing N N 164 
IYR CA  HA   sing N N 165 
IYR CB  CC   sing N N 166 
IYR CB  HB2  sing N N 167 
IYR CB  HB3  sing N N 168 
IYR CC  CD   doub Y N 169 
IYR CC  CH   sing Y N 170 
IYR CD  CE   sing Y N 171 
IYR CD  HD   sing N N 172 
IYR CE  IE   sing N N 173 
IYR CE  CF   doub Y N 174 
IYR CF  OF   sing N N 175 
IYR CF  CG   sing Y N 176 
IYR OF  HF   sing N N 177 
IYR CG  CH   doub Y N 178 
IYR CG  HG   sing N N 179 
IYR CH  HH   sing N N 180 
IYR C   O    doub N N 181 
IYR C   OXT  sing N N 182 
IYR OXT HXT  sing N N 183 
LEU N   CA   sing N N 184 
LEU N   H    sing N N 185 
LEU N   H2   sing N N 186 
LEU CA  C    sing N N 187 
LEU CA  CB   sing N N 188 
LEU CA  HA   sing N N 189 
LEU C   O    doub N N 190 
LEU C   OXT  sing N N 191 
LEU CB  CG   sing N N 192 
LEU CB  HB2  sing N N 193 
LEU CB  HB3  sing N N 194 
LEU CG  CD1  sing N N 195 
LEU CG  CD2  sing N N 196 
LEU CG  HG   sing N N 197 
LEU CD1 HD11 sing N N 198 
LEU CD1 HD12 sing N N 199 
LEU CD1 HD13 sing N N 200 
LEU CD2 HD21 sing N N 201 
LEU CD2 HD22 sing N N 202 
LEU CD2 HD23 sing N N 203 
LEU OXT HXT  sing N N 204 
LYS N   CA   sing N N 205 
LYS N   H    sing N N 206 
LYS N   H2   sing N N 207 
LYS CA  C    sing N N 208 
LYS CA  CB   sing N N 209 
LYS CA  HA   sing N N 210 
LYS C   O    doub N N 211 
LYS C   OXT  sing N N 212 
LYS CB  CG   sing N N 213 
LYS CB  HB2  sing N N 214 
LYS CB  HB3  sing N N 215 
LYS CG  CD   sing N N 216 
LYS CG  HG2  sing N N 217 
LYS CG  HG3  sing N N 218 
LYS CD  CE   sing N N 219 
LYS CD  HD2  sing N N 220 
LYS CD  HD3  sing N N 221 
LYS CE  NZ   sing N N 222 
LYS CE  HE2  sing N N 223 
LYS CE  HE3  sing N N 224 
LYS NZ  HZ1  sing N N 225 
LYS NZ  HZ2  sing N N 226 
LYS NZ  HZ3  sing N N 227 
LYS OXT HXT  sing N N 228 
MET N   CA   sing N N 229 
MET N   H    sing N N 230 
MET N   H2   sing N N 231 
MET CA  C    sing N N 232 
MET CA  CB   sing N N 233 
MET CA  HA   sing N N 234 
MET C   O    doub N N 235 
MET C   OXT  sing N N 236 
MET CB  CG   sing N N 237 
MET CB  HB2  sing N N 238 
MET CB  HB3  sing N N 239 
MET CG  SD   sing N N 240 
MET CG  HG2  sing N N 241 
MET CG  HG3  sing N N 242 
MET SD  CE   sing N N 243 
MET CE  HE1  sing N N 244 
MET CE  HE2  sing N N 245 
MET CE  HE3  sing N N 246 
MET OXT HXT  sing N N 247 
PHE N   CA   sing N N 248 
PHE N   H    sing N N 249 
PHE N   H2   sing N N 250 
PHE CA  C    sing N N 251 
PHE CA  CB   sing N N 252 
PHE CA  HA   sing N N 253 
PHE C   O    doub N N 254 
PHE C   OXT  sing N N 255 
PHE CB  CG   sing N N 256 
PHE CB  HB2  sing N N 257 
PHE CB  HB3  sing N N 258 
PHE CG  CD1  doub Y N 259 
PHE CG  CD2  sing Y N 260 
PHE CD1 CE1  sing Y N 261 
PHE CD1 HD1  sing N N 262 
PHE CD2 CE2  doub Y N 263 
PHE CD2 HD2  sing N N 264 
PHE CE1 CZ   doub Y N 265 
PHE CE1 HE1  sing N N 266 
PHE CE2 CZ   sing Y N 267 
PHE CE2 HE2  sing N N 268 
PHE CZ  HZ   sing N N 269 
PHE OXT HXT  sing N N 270 
PRO N   CA   sing N N 271 
PRO N   CD   sing N N 272 
PRO N   H    sing N N 273 
PRO CA  C    sing N N 274 
PRO CA  CB   sing N N 275 
PRO CA  HA   sing N N 276 
PRO C   O    doub N N 277 
PRO C   OXT  sing N N 278 
PRO CB  CG   sing N N 279 
PRO CB  HB2  sing N N 280 
PRO CB  HB3  sing N N 281 
PRO CG  CD   sing N N 282 
PRO CG  HG2  sing N N 283 
PRO CG  HG3  sing N N 284 
PRO CD  HD2  sing N N 285 
PRO CD  HD3  sing N N 286 
PRO OXT HXT  sing N N 287 
SER N   CA   sing N N 288 
SER N   H    sing N N 289 
SER N   H2   sing N N 290 
SER CA  C    sing N N 291 
SER CA  CB   sing N N 292 
SER CA  HA   sing N N 293 
SER C   O    doub N N 294 
SER C   OXT  sing N N 295 
SER CB  OG   sing N N 296 
SER CB  HB2  sing N N 297 
SER CB  HB3  sing N N 298 
SER OG  HG   sing N N 299 
SER OXT HXT  sing N N 300 
THR N   CA   sing N N 301 
THR N   H    sing N N 302 
THR N   H2   sing N N 303 
THR CA  C    sing N N 304 
THR CA  CB   sing N N 305 
THR CA  HA   sing N N 306 
THR C   O    doub N N 307 
THR C   OXT  sing N N 308 
THR CB  OG1  sing N N 309 
THR CB  CG2  sing N N 310 
THR CB  HB   sing N N 311 
THR OG1 HG1  sing N N 312 
THR CG2 HG21 sing N N 313 
THR CG2 HG22 sing N N 314 
THR CG2 HG23 sing N N 315 
THR OXT HXT  sing N N 316 
TRP N   CA   sing N N 317 
TRP N   H    sing N N 318 
TRP N   H2   sing N N 319 
TRP CA  C    sing N N 320 
TRP CA  CB   sing N N 321 
TRP CA  HA   sing N N 322 
TRP C   O    doub N N 323 
TRP C   OXT  sing N N 324 
TRP CB  CG   sing N N 325 
TRP CB  HB2  sing N N 326 
TRP CB  HB3  sing N N 327 
TRP CG  CD1  doub Y N 328 
TRP CG  CD2  sing Y N 329 
TRP CD1 NE1  sing Y N 330 
TRP CD1 HD1  sing N N 331 
TRP CD2 CE2  doub Y N 332 
TRP CD2 CE3  sing Y N 333 
TRP NE1 CE2  sing Y N 334 
TRP NE1 HE1  sing N N 335 
TRP CE2 CZ2  sing Y N 336 
TRP CE3 CZ3  doub Y N 337 
TRP CE3 HE3  sing N N 338 
TRP CZ2 CH2  doub Y N 339 
TRP CZ2 HZ2  sing N N 340 
TRP CZ3 CH2  sing Y N 341 
TRP CZ3 HZ3  sing N N 342 
TRP CH2 HH2  sing N N 343 
TRP OXT HXT  sing N N 344 
TYR N   CA   sing N N 345 
TYR N   H    sing N N 346 
TYR N   H2   sing N N 347 
TYR CA  C    sing N N 348 
TYR CA  CB   sing N N 349 
TYR CA  HA   sing N N 350 
TYR C   O    doub N N 351 
TYR C   OXT  sing N N 352 
TYR CB  CG   sing N N 353 
TYR CB  HB2  sing N N 354 
TYR CB  HB3  sing N N 355 
TYR CG  CD1  doub Y N 356 
TYR CG  CD2  sing Y N 357 
TYR CD1 CE1  sing Y N 358 
TYR CD1 HD1  sing N N 359 
TYR CD2 CE2  doub Y N 360 
TYR CD2 HD2  sing N N 361 
TYR CE1 CZ   doub Y N 362 
TYR CE1 HE1  sing N N 363 
TYR CE2 CZ   sing Y N 364 
TYR CE2 HE2  sing N N 365 
TYR CZ  OH   sing N N 366 
TYR OH  HH   sing N N 367 
TYR OXT HXT  sing N N 368 
VAL N   CA   sing N N 369 
VAL N   H    sing N N 370 
VAL N   H2   sing N N 371 
VAL CA  C    sing N N 372 
VAL CA  CB   sing N N 373 
VAL CA  HA   sing N N 374 
VAL C   O    doub N N 375 
VAL C   OXT  sing N N 376 
VAL CB  CG1  sing N N 377 
VAL CB  CG2  sing N N 378 
VAL CB  HB   sing N N 379 
VAL CG1 HG11 sing N N 380 
VAL CG1 HG12 sing N N 381 
VAL CG1 HG13 sing N N 382 
VAL CG2 HG21 sing N N 383 
VAL CG2 HG22 sing N N 384 
VAL CG2 HG23 sing N N 385 
VAL OXT HXT  sing N N 386 
# 
_atom_sites.entry_id                    2Z10 
_atom_sites.fract_transf_matrix[1][1]   -0.00446307 
_atom_sites.fract_transf_matrix[1][2]   -0.01376484 
_atom_sites.fract_transf_matrix[1][3]   0.00722035 
_atom_sites.fract_transf_matrix[2][1]   0.00468746 
_atom_sites.fract_transf_matrix[2][2]   -0.01422261 
_atom_sites.fract_transf_matrix[2][3]   -0.00610563 
_atom_sites.fract_transf_matrix[3][1]   0.00830662 
_atom_sites.fract_transf_matrix[3][2]   0.00029338 
_atom_sites.fract_transf_matrix[3][3]   0.00569382 
_atom_sites.fract_transf_vector[1]      0.191345 
_atom_sites.fract_transf_vector[2]      0.736343 
_atom_sites.fract_transf_vector[3]      0.146511 
# 
loop_
_atom_type.symbol 
C 
I 
N 
O 
S 
# 
loop_
_atom_site.group_PDB 
_atom_site.id 
_atom_site.type_symbol 
_atom_site.label_atom_id 
_atom_site.label_alt_id 
_atom_site.label_comp_id 
_atom_site.label_asym_id 
_atom_site.label_entity_id 
_atom_site.label_seq_id 
_atom_site.pdbx_PDB_ins_code 
_atom_site.Cartn_x 
_atom_site.Cartn_y 
_atom_site.Cartn_z 
_atom_site.occupancy 
_atom_site.B_iso_or_equiv 
_atom_site.pdbx_formal_charge 
_atom_site.auth_seq_id 
_atom_site.auth_comp_id 
_atom_site.auth_asym_id 
_atom_site.auth_atom_id 
_atom_site.pdbx_PDB_model_num 
ATOM   1    N N   . MET A 1 1   ? 8.863   -13.439 14.817  1.00 28.45 ? 1   MET A N   1 
ATOM   2    C CA  . MET A 1 1   ? 7.948   -12.542 14.057  1.00 30.56 ? 1   MET A CA  1 
ATOM   3    C C   . MET A 1 1   ? 8.339   -11.058 14.243  1.00 28.99 ? 1   MET A C   1 
ATOM   4    O O   . MET A 1 1   ? 8.908   -10.666 15.284  1.00 26.86 ? 1   MET A O   1 
ATOM   5    C CB  . MET A 1 1   ? 6.511   -12.766 14.556  1.00 34.90 ? 1   MET A CB  1 
ATOM   6    C CG  . MET A 1 1   ? 5.543   -11.690 14.184  1.00 41.91 ? 1   MET A CG  1 
ATOM   7    S SD  . MET A 1 1   ? 3.859   -12.152 14.654  1.00 49.24 ? 1   MET A SD  1 
ATOM   8    C CE  . MET A 1 1   ? 3.375   -13.063 13.207  1.00 47.33 ? 1   MET A CE  1 
ATOM   9    N N   . TRP A 1 2   ? 8.100   -10.236 13.226  1.00 24.24 ? 2   TRP A N   1 
ATOM   10   C CA  . TRP A 1 2   ? 8.365   -8.811  13.381  1.00 24.91 ? 2   TRP A CA  1 
ATOM   11   C C   . TRP A 1 2   ? 7.181   -8.128  14.050  1.00 26.25 ? 2   TRP A C   1 
ATOM   12   O O   . TRP A 1 2   ? 6.025   -8.480  13.792  1.00 27.68 ? 2   TRP A O   1 
ATOM   13   C CB  . TRP A 1 2   ? 8.583   -8.120  12.025  1.00 24.09 ? 2   TRP A CB  1 
ATOM   14   C CG  . TRP A 1 2   ? 9.907   -8.392  11.434  1.00 24.14 ? 2   TRP A CG  1 
ATOM   15   C CD1 . TRP A 1 2   ? 11.053  -8.759  12.109  1.00 27.31 ? 2   TRP A CD1 1 
ATOM   16   C CD2 . TRP A 1 2   ? 10.295  -8.177  10.072  1.00 27.22 ? 2   TRP A CD2 1 
ATOM   17   N NE1 . TRP A 1 2   ? 12.130  -8.777  11.240  1.00 26.29 ? 2   TRP A NE1 1 
ATOM   18   C CE2 . TRP A 1 2   ? 11.689  -8.415  9.988   1.00 26.78 ? 2   TRP A CE2 1 
ATOM   19   C CE3 . TRP A 1 2   ? 9.596   -7.803  8.909   1.00 28.01 ? 2   TRP A CE3 1 
ATOM   20   C CZ2 . TRP A 1 2   ? 12.406  -8.285  8.789   1.00 28.66 ? 2   TRP A CZ2 1 
ATOM   21   C CZ3 . TRP A 1 2   ? 10.322  -7.679  7.702   1.00 28.96 ? 2   TRP A CZ3 1 
ATOM   22   C CH2 . TRP A 1 2   ? 11.706  -7.918  7.658   1.00 29.01 ? 2   TRP A CH2 1 
ATOM   23   N N   . ALA A 1 3   ? 7.461   -7.167  14.920  1.00 24.78 ? 3   ALA A N   1 
ATOM   24   C CA  . ALA A 1 3   ? 6.398   -6.403  15.551  1.00 24.98 ? 3   ALA A CA  1 
ATOM   25   C C   . ALA A 1 3   ? 6.385   -5.024  14.925  1.00 26.49 ? 3   ALA A C   1 
ATOM   26   O O   . ALA A 1 3   ? 7.443   -4.403  14.746  1.00 26.58 ? 3   ALA A O   1 
ATOM   27   C CB  . ALA A 1 3   ? 6.628   -6.266  17.046  1.00 25.30 ? 3   ALA A CB  1 
ATOM   28   N N   . PHE A 1 4   ? 5.188   -4.540  14.597  1.00 23.64 ? 4   PHE A N   1 
ATOM   29   C CA  . PHE A 1 4   ? 5.036   -3.198  14.044  1.00 23.79 ? 4   PHE A CA  1 
ATOM   30   C C   . PHE A 1 4   ? 4.198   -2.353  15.023  1.00 22.45 ? 4   PHE A C   1 
ATOM   31   O O   . PHE A 1 4   ? 3.491   -2.894  15.886  1.00 25.41 ? 4   PHE A O   1 
ATOM   32   C CB  . PHE A 1 4   ? 4.240   -3.264  12.731  1.00 21.34 ? 4   PHE A CB  1 
ATOM   33   C CG  . PHE A 1 4   ? 4.983   -3.879  11.600  1.00 23.57 ? 4   PHE A CG  1 
ATOM   34   C CD1 . PHE A 1 4   ? 5.686   -3.074  10.707  1.00 22.52 ? 4   PHE A CD1 1 
ATOM   35   C CD2 . PHE A 1 4   ? 4.983   -5.264  11.413  1.00 23.66 ? 4   PHE A CD2 1 
ATOM   36   C CE1 . PHE A 1 4   ? 6.380   -3.669  9.622   1.00 21.80 ? 4   PHE A CE1 1 
ATOM   37   C CE2 . PHE A 1 4   ? 5.670   -5.848  10.349  1.00 24.79 ? 4   PHE A CE2 1 
ATOM   38   C CZ  . PHE A 1 4   ? 6.367   -5.038  9.456   1.00 22.67 ? 4   PHE A CZ  1 
ATOM   39   N N   . PRO A 1 5   ? 4.296   -1.025  14.930  1.00 23.64 ? 5   PRO A N   1 
ATOM   40   C CA  . PRO A 1 5   ? 3.502   -0.168  15.813  1.00 24.29 ? 5   PRO A CA  1 
ATOM   41   C C   . PRO A 1 5   ? 2.023   -0.257  15.371  1.00 25.57 ? 5   PRO A C   1 
ATOM   42   O O   . PRO A 1 5   ? 1.721   -0.463  14.170  1.00 25.66 ? 5   PRO A O   1 
ATOM   43   C CB  . PRO A 1 5   ? 4.000   1.228   15.519  1.00 25.16 ? 5   PRO A CB  1 
ATOM   44   C CG  . PRO A 1 5   ? 5.335   1.032   14.815  1.00 24.20 ? 5   PRO A CG  1 
ATOM   45   C CD  . PRO A 1 5   ? 5.162   -0.231  14.046  1.00 23.31 ? 5   PRO A CD  1 
ATOM   46   N N   . GLU A 1 6   ? 1.113   -0.121  16.325  1.00 25.04 ? 6   GLU A N   1 
ATOM   47   C CA  . GLU A 1 6   ? -0.313  -0.085  15.955  1.00 25.52 ? 6   GLU A CA  1 
ATOM   48   C C   . GLU A 1 6   ? -0.540  1.285   15.348  1.00 24.87 ? 6   GLU A C   1 
ATOM   49   O O   . GLU A 1 6   ? -1.298  1.444   14.390  1.00 24.96 ? 6   GLU A O   1 
ATOM   50   C CB  . GLU A 1 6   ? -1.212  -0.207  17.189  1.00 28.53 ? 6   GLU A CB  1 
ATOM   51   C CG  . GLU A 1 6   ? -1.223  -1.599  17.775  1.00 32.88 ? 6   GLU A CG  1 
ATOM   52   C CD  . GLU A 1 6   ? -2.162  -1.708  18.955  1.00 40.00 ? 6   GLU A CD  1 
ATOM   53   O OE1 . GLU A 1 6   ? -2.237  -0.745  19.759  1.00 43.16 ? 6   GLU A OE1 1 
ATOM   54   O OE2 . GLU A 1 6   ? -2.803  -2.769  19.078  1.00 43.40 ? 6   GLU A OE2 1 
ATOM   55   N N   . ARG A 1 7   ? 0.120   2.295   15.887  1.00 24.15 ? 7   ARG A N   1 
ATOM   56   C CA  . ARG A 1 7   ? -0.088  3.636   15.370  1.00 24.91 ? 7   ARG A CA  1 
ATOM   57   C C   . ARG A 1 7   ? 1.178   4.380   14.968  1.00 24.60 ? 7   ARG A C   1 
ATOM   58   O O   . ARG A 1 7   ? 2.244   4.178   15.557  1.00 25.97 ? 7   ARG A O   1 
ATOM   59   C CB  . ARG A 1 7   ? -0.852  4.455   16.421  1.00 27.20 ? 7   ARG A CB  1 
ATOM   60   C CG  . ARG A 1 7   ? -2.265  3.913   16.641  1.00 27.90 ? 7   ARG A CG  1 
ATOM   61   C CD  . ARG A 1 7   ? -3.059  4.631   17.776  1.00 30.99 ? 7   ARG A CD  1 
ATOM   62   N NE  . ARG A 1 7   ? -4.403  4.056   17.793  1.00 32.28 ? 7   ARG A NE  1 
ATOM   63   C CZ  . ARG A 1 7   ? -4.680  2.830   18.219  1.00 35.58 ? 7   ARG A CZ  1 
ATOM   64   N NH1 . ARG A 1 7   ? -3.712  2.059   18.698  1.00 39.37 ? 7   ARG A NH1 1 
ATOM   65   N NH2 . ARG A 1 7   ? -5.907  2.336   18.101  1.00 37.05 ? 7   ARG A NH2 1 
ATOM   66   N N   . PHE A 1 8   ? 1.069   5.225   13.947  1.00 23.57 ? 8   PHE A N   1 
ATOM   67   C CA  . PHE A 1 8   ? 2.169   6.068   13.521  1.00 25.51 ? 8   PHE A CA  1 
ATOM   68   C C   . PHE A 1 8   ? 1.625   7.503   13.468  1.00 27.93 ? 8   PHE A C   1 
ATOM   69   O O   . PHE A 1 8   ? 0.467   7.724   13.124  1.00 26.47 ? 8   PHE A O   1 
ATOM   70   C CB  . PHE A 1 8   ? 2.662   5.723   12.098  1.00 24.36 ? 8   PHE A CB  1 
ATOM   71   C CG  . PHE A 1 8   ? 3.354   4.405   11.985  1.00 24.99 ? 8   PHE A CG  1 
ATOM   72   C CD1 . PHE A 1 8   ? 4.742   4.346   11.901  1.00 23.45 ? 8   PHE A CD1 1 
ATOM   73   C CD2 . PHE A 1 8   ? 2.614   3.230   11.848  1.00 24.33 ? 8   PHE A CD2 1 
ATOM   74   C CE1 . PHE A 1 8   ? 5.383   3.129   11.664  1.00 24.42 ? 8   PHE A CE1 1 
ATOM   75   C CE2 . PHE A 1 8   ? 3.251   1.993   11.606  1.00 26.27 ? 8   PHE A CE2 1 
ATOM   76   C CZ  . PHE A 1 8   ? 4.648   1.963   11.511  1.00 22.54 ? 8   PHE A CZ  1 
ATOM   77   N N   . GLU A 1 9   ? 2.472   8.469   13.787  1.00 28.81 ? 9   GLU A N   1 
ATOM   78   C CA  . GLU A 1 9   ? 2.073   9.866   13.717  1.00 31.91 ? 9   GLU A CA  1 
ATOM   79   C C   . GLU A 1 9   ? 3.029   10.576  12.751  1.00 31.59 ? 9   GLU A C   1 
ATOM   80   O O   . GLU A 1 9   ? 4.247   10.551  12.952  1.00 31.53 ? 9   GLU A O   1 
ATOM   81   C CB  . GLU A 1 9   ? 2.164   10.485  15.108  1.00 36.20 ? 9   GLU A CB  1 
ATOM   82   C CG  . GLU A 1 9   ? 1.505   11.842  15.231  1.00 43.70 ? 9   GLU A CG  1 
ATOM   83   C CD  . GLU A 1 9   ? 0.021   11.740  15.512  1.00 46.72 ? 9   GLU A CD  1 
ATOM   84   O OE1 . GLU A 1 9   ? -0.396  10.782  16.214  1.00 50.04 ? 9   GLU A OE1 1 
ATOM   85   O OE2 . GLU A 1 9   ? -0.738  12.623  15.051  1.00 51.05 ? 9   GLU A OE2 1 
ATOM   86   N N   . GLY A 1 10  ? 2.490   11.156  11.680  1.00 30.06 ? 10  GLY A N   1 
ATOM   87   C CA  . GLY A 1 10  ? 3.302   11.880  10.724  1.00 30.27 ? 10  GLY A CA  1 
ATOM   88   C C   . GLY A 1 10  ? 2.921   13.350  10.783  1.00 31.29 ? 10  GLY A C   1 
ATOM   89   O O   . GLY A 1 10  ? 2.131   13.750  11.648  1.00 30.16 ? 10  GLY A O   1 
ATOM   90   N N   . ARG A 1 11  ? 3.455   14.165  9.886   1.00 31.55 ? 11  ARG A N   1 
ATOM   91   C CA  . ARG A 1 11  ? 3.091   15.587  9.896   1.00 34.65 ? 11  ARG A CA  1 
ATOM   92   C C   . ARG A 1 11  ? 1.756   15.802  9.178   1.00 34.76 ? 11  ARG A C   1 
ATOM   93   O O   . ARG A 1 11  ? 0.972   16.688  9.535   1.00 34.68 ? 11  ARG A O   1 
ATOM   94   C CB  . ARG A 1 11  ? 4.185   16.412  9.214   1.00 36.27 ? 11  ARG A CB  1 
ATOM   95   C CG  . ARG A 1 11  ? 3.858   17.900  9.048   1.00 42.86 ? 11  ARG A CG  1 
ATOM   96   C CD  . ARG A 1 11  ? 5.125   18.684  8.685   1.00 44.24 ? 11  ARG A CD  1 
ATOM   97   N NE  . ARG A 1 11  ? 6.179   18.486  9.684   1.00 46.56 ? 11  ARG A NE  1 
ATOM   98   C CZ  . ARG A 1 11  ? 7.421   18.949  9.557   1.00 48.47 ? 11  ARG A CZ  1 
ATOM   99   N NH1 . ARG A 1 11  ? 7.757   19.638  8.470   1.00 46.82 ? 11  ARG A NH1 1 
ATOM   100  N NH2 . ARG A 1 11  ? 8.334   18.710  10.499  1.00 47.67 ? 11  ARG A NH2 1 
ATOM   101  N N   . HIS A 1 12  ? 1.474   14.963  8.187   1.00 32.51 ? 12  HIS A N   1 
ATOM   102  C CA  . HIS A 1 12  ? 0.257   15.103  7.411   1.00 30.98 ? 12  HIS A CA  1 
ATOM   103  C C   . HIS A 1 12  ? -0.784  14.028  7.730   1.00 30.99 ? 12  HIS A C   1 
ATOM   104  O O   . HIS A 1 12  ? -1.992  14.279  7.646   1.00 30.74 ? 12  HIS A O   1 
ATOM   105  C CB  . HIS A 1 12  ? 0.597   15.008  5.937   1.00 33.11 ? 12  HIS A CB  1 
ATOM   106  C CG  . HIS A 1 12  ? 1.705   15.915  5.504   1.00 35.99 ? 12  HIS A CG  1 
ATOM   107  N ND1 . HIS A 1 12  ? 1.497   17.239  5.195   1.00 37.33 ? 12  HIS A ND1 1 
ATOM   108  C CD2 . HIS A 1 12  ? 3.014   15.673  5.258   1.00 37.10 ? 12  HIS A CD2 1 
ATOM   109  C CE1 . HIS A 1 12  ? 2.628   17.774  4.769   1.00 38.17 ? 12  HIS A CE1 1 
ATOM   110  N NE2 . HIS A 1 12  ? 3.565   16.843  4.796   1.00 38.04 ? 12  HIS A NE2 1 
ATOM   111  N N   . VAL A 1 13  ? -0.325  12.826  8.060   1.00 28.19 ? 13  VAL A N   1 
ATOM   112  C CA  . VAL A 1 13  ? -1.268  11.747  8.347   1.00 28.35 ? 13  VAL A CA  1 
ATOM   113  C C   . VAL A 1 13  ? -0.936  11.025  9.628   1.00 28.12 ? 13  VAL A C   1 
ATOM   114  O O   . VAL A 1 13  ? 0.136   11.203  10.204  1.00 28.58 ? 13  VAL A O   1 
ATOM   115  C CB  . VAL A 1 13  ? -1.246  10.664  7.219   1.00 28.70 ? 13  VAL A CB  1 
ATOM   116  C CG1 . VAL A 1 13  ? -1.524  11.267  5.855   1.00 26.65 ? 13  VAL A CG1 1 
ATOM   117  C CG2 . VAL A 1 13  ? 0.118   9.953   7.201   1.00 29.71 ? 13  VAL A CG2 1 
ATOM   118  N N   . ARG A 1 14  ? -1.883  10.226  10.100  1.00 27.06 ? 14  ARG A N   1 
ATOM   119  C CA  . ARG A 1 14  ? -1.602  9.352   11.213  1.00 27.48 ? 14  ARG A CA  1 
ATOM   120  C C   . ARG A 1 14  ? -2.129  7.987   10.753  1.00 26.84 ? 14  ARG A C   1 
ATOM   121  O O   . ARG A 1 14  ? -3.054  7.903   9.921   1.00 26.09 ? 14  ARG A O   1 
ATOM   122  C CB  . ARG A 1 14  ? -2.270  9.824   12.501  1.00 32.49 ? 14  ARG A CB  1 
ATOM   123  C CG  . ARG A 1 14  ? -3.739  9.907   12.439  1.00 37.84 ? 14  ARG A CG  1 
ATOM   124  C CD  . ARG A 1 14  ? -4.263  10.558  13.716  1.00 43.92 ? 14  ARG A CD  1 
ATOM   125  N NE  . ARG A 1 14  ? -5.669  10.928  13.578  1.00 47.06 ? 14  ARG A NE  1 
ATOM   126  C CZ  . ARG A 1 14  ? -6.133  11.803  12.682  1.00 48.57 ? 14  ARG A CZ  1 
ATOM   127  N NH1 . ARG A 1 14  ? -5.306  12.407  11.833  1.00 51.06 ? 14  ARG A NH1 1 
ATOM   128  N NH2 . ARG A 1 14  ? -7.429  12.078  12.635  1.00 47.90 ? 14  ARG A NH2 1 
ATOM   129  N N   . LEU A 1 15  ? -1.497  6.927   11.238  1.00 24.22 ? 15  LEU A N   1 
ATOM   130  C CA  . LEU A 1 15  ? -1.904  5.579   10.891  1.00 22.09 ? 15  LEU A CA  1 
ATOM   131  C C   . LEU A 1 15  ? -2.440  4.875   12.136  1.00 22.85 ? 15  LEU A C   1 
ATOM   132  O O   . LEU A 1 15  ? -1.927  5.075   13.236  1.00 22.76 ? 15  LEU A O   1 
ATOM   133  C CB  . LEU A 1 15  ? -0.720  4.767   10.351  1.00 21.25 ? 15  LEU A CB  1 
ATOM   134  C CG  . LEU A 1 15  ? 0.059   5.364   9.187   1.00 23.57 ? 15  LEU A CG  1 
ATOM   135  C CD1 . LEU A 1 15  ? 1.133   4.359   8.695   1.00 22.37 ? 15  LEU A CD1 1 
ATOM   136  C CD2 . LEU A 1 15  ? -0.885  5.698   8.070   1.00 22.63 ? 15  LEU A CD2 1 
ATOM   137  N N   . GLU A 1 16  ? -3.474  4.051   11.959  1.00 22.83 ? 16  GLU A N   1 
ATOM   138  C CA  . GLU A 1 16  ? -4.001  3.283   13.069  1.00 23.84 ? 16  GLU A CA  1 
ATOM   139  C C   . GLU A 1 16  ? -4.398  1.929   12.443  1.00 22.53 ? 16  GLU A C   1 
ATOM   140  O O   . GLU A 1 16  ? -4.586  1.823   11.221  1.00 23.07 ? 16  GLU A O   1 
ATOM   141  C CB  . GLU A 1 16  ? -5.186  4.024   13.723  1.00 23.05 ? 16  GLU A CB  1 
ATOM   142  C CG  . GLU A 1 16  ? -6.429  4.056   12.864  1.00 23.53 ? 16  GLU A CG  1 
ATOM   143  C CD  . GLU A 1 16  ? -7.564  4.856   13.529  1.00 27.16 ? 16  GLU A CD  1 
ATOM   144  O OE1 . GLU A 1 16  ? -7.324  5.467   14.589  1.00 27.98 ? 16  GLU A OE1 1 
ATOM   145  O OE2 . GLU A 1 16  ? -8.684  4.878   12.997  1.00 26.27 ? 16  GLU A OE2 1 
ATOM   146  N N   . PRO A 1 17  ? -4.513  0.862   13.249  1.00 22.09 ? 17  PRO A N   1 
ATOM   147  C CA  . PRO A 1 17  ? -4.874  -0.438  12.673  1.00 22.58 ? 17  PRO A CA  1 
ATOM   148  C C   . PRO A 1 17  ? -6.165  -0.435  11.885  1.00 22.47 ? 17  PRO A C   1 
ATOM   149  O O   . PRO A 1 17  ? -7.184  0.088   12.367  1.00 23.16 ? 17  PRO A O   1 
ATOM   150  C CB  . PRO A 1 17  ? -5.002  -1.339  13.886  1.00 22.63 ? 17  PRO A CB  1 
ATOM   151  C CG  . PRO A 1 17  ? -4.104  -0.697  14.892  1.00 22.13 ? 17  PRO A CG  1 
ATOM   152  C CD  . PRO A 1 17  ? -4.340  0.767   14.714  1.00 22.87 ? 17  PRO A CD  1 
ATOM   153  N N   . LEU A 1 18  ? -6.132  -0.995  10.688  1.00 21.27 ? 18  LEU A N   1 
ATOM   154  C CA  . LEU A 1 18  ? -7.333  -1.037  9.863   1.00 21.86 ? 18  LEU A CA  1 
ATOM   155  C C   . LEU A 1 18  ? -8.320  -1.991  10.540  1.00 22.32 ? 18  LEU A C   1 
ATOM   156  O O   . LEU A 1 18  ? -7.918  -3.071  11.079  1.00 21.53 ? 18  LEU A O   1 
ATOM   157  C CB  . LEU A 1 18  ? -6.996  -1.546  8.463   1.00 21.82 ? 18  LEU A CB  1 
ATOM   158  C CG  . LEU A 1 18  ? -8.129  -1.455  7.427   1.00 21.50 ? 18  LEU A CG  1 
ATOM   159  C CD1 . LEU A 1 18  ? -8.455  -0.022  7.125   1.00 21.56 ? 18  LEU A CD1 1 
ATOM   160  C CD2 . LEU A 1 18  ? -7.654  -2.148  6.131   1.00 22.30 ? 18  LEU A CD2 1 
ATOM   161  N N   . ALA A 1 19  ? -9.604  -1.627  10.487  1.00 22.44 ? 19  ALA A N   1 
ATOM   162  C CA  . ALA A 1 19  ? -10.619 -2.447  11.145  1.00 24.11 ? 19  ALA A CA  1 
ATOM   163  C C   . ALA A 1 19  ? -11.955 -2.333  10.456  1.00 25.41 ? 19  ALA A C   1 
ATOM   164  O O   . ALA A 1 19  ? -12.126 -1.493  9.582   1.00 23.19 ? 19  ALA A O   1 
ATOM   165  C CB  . ALA A 1 19  ? -10.769 -2.019  12.595  1.00 24.08 ? 19  ALA A CB  1 
ATOM   166  N N   . LEU A 1 20  ? -12.894 -3.191  10.850  1.00 26.43 ? 20  LEU A N   1 
ATOM   167  C CA  . LEU A 1 20  ? -14.228 -3.120  10.246  1.00 28.43 ? 20  LEU A CA  1 
ATOM   168  C C   . LEU A 1 20  ? -14.849 -1.774  10.499  1.00 28.07 ? 20  LEU A C   1 
ATOM   169  O O   . LEU A 1 20  ? -15.699 -1.311  9.719   1.00 29.38 ? 20  LEU A O   1 
ATOM   170  C CB  . LEU A 1 20  ? -15.144 -4.216  10.805  1.00 29.33 ? 20  LEU A CB  1 
ATOM   171  C CG  . LEU A 1 20  ? -14.853 -5.630  10.331  1.00 31.54 ? 20  LEU A CG  1 
ATOM   172  C CD1 . LEU A 1 20  ? -15.857 -6.609  11.026  1.00 32.48 ? 20  LEU A CD1 1 
ATOM   173  C CD2 . LEU A 1 20  ? -14.996 -5.717  8.810   1.00 31.52 ? 20  LEU A CD2 1 
ATOM   174  N N   . ALA A 1 21  ? -14.443 -1.122  11.580  1.00 27.88 ? 21  ALA A N   1 
ATOM   175  C CA  . ALA A 1 21  ? -14.979 0.194   11.907  1.00 28.31 ? 21  ALA A CA  1 
ATOM   176  C C   . ALA A 1 21  ? -14.663 1.223   10.844  1.00 28.09 ? 21  ALA A C   1 
ATOM   177  O O   . ALA A 1 21  ? -15.235 2.322   10.841  1.00 27.03 ? 21  ALA A O   1 
ATOM   178  C CB  . ALA A 1 21  ? -14.449 0.686   13.258  1.00 30.72 ? 21  ALA A CB  1 
ATOM   179  N N   . HIS A 1 22  ? -13.712 0.899   9.969   1.00 26.17 ? 22  HIS A N   1 
ATOM   180  C CA  . HIS A 1 22  ? -13.346 1.827   8.912   1.00 23.87 ? 22  HIS A CA  1 
ATOM   181  C C   . HIS A 1 22  ? -14.202 1.678   7.670   1.00 23.94 ? 22  HIS A C   1 
ATOM   182  O O   . HIS A 1 22  ? -14.085 2.485   6.741   1.00 22.68 ? 22  HIS A O   1 
ATOM   183  C CB  . HIS A 1 22  ? -11.880 1.653   8.512   1.00 22.93 ? 22  HIS A CB  1 
ATOM   184  C CG  . HIS A 1 22  ? -10.935 2.099   9.574   1.00 22.86 ? 22  HIS A CG  1 
ATOM   185  N ND1 . HIS A 1 22  ? -10.166 1.215   10.298  1.00 22.10 ? 22  HIS A ND1 1 
ATOM   186  C CD2 . HIS A 1 22  ? -10.695 3.327   10.090  1.00 23.87 ? 22  HIS A CD2 1 
ATOM   187  C CE1 . HIS A 1 22  ? -9.495  1.884   11.221  1.00 23.70 ? 22  HIS A CE1 1 
ATOM   188  N NE2 . HIS A 1 22  ? -9.803  3.164   11.120  1.00 22.78 ? 22  HIS A NE2 1 
ATOM   189  N N   . LEU A 1 23  ? -15.054 0.663   7.641   1.00 22.84 ? 23  LEU A N   1 
ATOM   190  C CA  . LEU A 1 23  ? -15.872 0.462   6.456   1.00 23.98 ? 23  LEU A CA  1 
ATOM   191  C C   . LEU A 1 23  ? -16.619 1.707   5.938   1.00 23.48 ? 23  LEU A C   1 
ATOM   192  O O   . LEU A 1 23  ? -16.683 1.942   4.737   1.00 22.28 ? 23  LEU A O   1 
ATOM   193  C CB  . LEU A 1 23  ? -16.866 -0.665  6.712   1.00 25.33 ? 23  LEU A CB  1 
ATOM   194  C CG  . LEU A 1 23  ? -17.750 -1.070  5.542   1.00 24.49 ? 23  LEU A CG  1 
ATOM   195  C CD1 . LEU A 1 23  ? -16.908 -1.579  4.368   1.00 26.83 ? 23  LEU A CD1 1 
ATOM   196  C CD2 . LEU A 1 23  ? -18.689 -2.161  6.038   1.00 27.77 ? 23  LEU A CD2 1 
ATOM   197  N N   . PRO A 1 24  ? -17.203 2.517   6.834   1.00 24.31 ? 24  PRO A N   1 
ATOM   198  C CA  . PRO A 1 24  ? -17.925 3.697   6.334   1.00 25.03 ? 24  PRO A CA  1 
ATOM   199  C C   . PRO A 1 24  ? -17.109 4.568   5.400   1.00 24.74 ? 24  PRO A C   1 
ATOM   200  O O   . PRO A 1 24  ? -17.640 5.180   4.475   1.00 23.83 ? 24  PRO A O   1 
ATOM   201  C CB  . PRO A 1 24  ? -18.321 4.431   7.624   1.00 25.72 ? 24  PRO A CB  1 
ATOM   202  C CG  . PRO A 1 24  ? -18.551 3.270   8.595   1.00 27.33 ? 24  PRO A CG  1 
ATOM   203  C CD  . PRO A 1 24  ? -17.348 2.369   8.288   1.00 24.72 ? 24  PRO A CD  1 
ATOM   204  N N   . ALA A 1 25  ? -15.805 4.698   5.681   1.00 24.15 ? 25  ALA A N   1 
ATOM   205  C CA  . ALA A 1 25  ? -14.960 5.500   4.817   1.00 22.87 ? 25  ALA A CA  1 
ATOM   206  C C   . ALA A 1 25  ? -14.914 4.887   3.420   1.00 22.76 ? 25  ALA A C   1 
ATOM   207  O O   . ALA A 1 25  ? -14.861 5.606   2.405   1.00 24.74 ? 25  ALA A O   1 
ATOM   208  C CB  . ALA A 1 25  ? -13.516 5.586   5.402   1.00 25.13 ? 25  ALA A CB  1 
ATOM   209  N N   . PHE A 1 26  ? -14.897 3.554   3.356   1.00 21.48 ? 26  PHE A N   1 
ATOM   210  C CA  . PHE A 1 26  ? -14.881 2.893   2.061   1.00 22.39 ? 26  PHE A CA  1 
ATOM   211  C C   . PHE A 1 26  ? -16.213 3.105   1.337   1.00 23.56 ? 26  PHE A C   1 
ATOM   212  O O   . PHE A 1 26  ? -16.253 3.220   0.127   1.00 23.52 ? 26  PHE A O   1 
ATOM   213  C CB  . PHE A 1 26  ? -14.648 1.390   2.222   1.00 22.91 ? 26  PHE A CB  1 
ATOM   214  C CG  . PHE A 1 26  ? -13.249 1.035   2.609   1.00 22.08 ? 26  PHE A CG  1 
ATOM   215  C CD1 . PHE A 1 26  ? -12.357 0.539   1.659   1.00 22.95 ? 26  PHE A CD1 1 
ATOM   216  C CD2 . PHE A 1 26  ? -12.829 1.167   3.920   1.00 23.27 ? 26  PHE A CD2 1 
ATOM   217  C CE1 . PHE A 1 26  ? -11.060 0.173   2.029   1.00 23.68 ? 26  PHE A CE1 1 
ATOM   218  C CE2 . PHE A 1 26  ? -11.525 0.803   4.289   1.00 26.45 ? 26  PHE A CE2 1 
ATOM   219  C CZ  . PHE A 1 26  ? -10.654 0.307   3.339   1.00 24.15 ? 26  PHE A CZ  1 
ATOM   220  N N   . LEU A 1 27  ? -17.298 3.151   2.093   1.00 23.73 ? 27  LEU A N   1 
ATOM   221  C CA  . LEU A 1 27  ? -18.620 3.338   1.460   1.00 23.73 ? 27  LEU A CA  1 
ATOM   222  C C   . LEU A 1 27  ? -18.815 4.800   1.041   1.00 23.49 ? 27  LEU A C   1 
ATOM   223  O O   . LEU A 1 27  ? -19.568 5.110   0.107   1.00 24.48 ? 27  LEU A O   1 
ATOM   224  C CB  . LEU A 1 27  ? -19.719 2.953   2.458   1.00 22.60 ? 27  LEU A CB  1 
ATOM   225  C CG  . LEU A 1 27  ? -19.545 1.580   3.126   1.00 25.10 ? 27  LEU A CG  1 
ATOM   226  C CD1 . LEU A 1 27  ? -20.738 1.336   4.077   1.00 26.35 ? 27  LEU A CD1 1 
ATOM   227  C CD2 . LEU A 1 27  ? -19.510 0.482   2.029   1.00 24.44 ? 27  LEU A CD2 1 
ATOM   228  N N   . ARG A 1 28  ? -18.129 5.721   1.716   1.00 22.36 ? 28  ARG A N   1 
ATOM   229  C CA  . ARG A 1 28  ? -18.294 7.125   1.387   1.00 24.23 ? 28  ARG A CA  1 
ATOM   230  C C   . ARG A 1 28  ? -17.509 7.574   0.166   1.00 25.20 ? 28  ARG A C   1 
ATOM   231  O O   . ARG A 1 28  ? -17.816 8.592   -0.444  1.00 25.56 ? 28  ARG A O   1 
ATOM   232  C CB  . ARG A 1 28  ? -17.898 8.017   2.566   1.00 25.30 ? 28  ARG A CB  1 
ATOM   233  C CG  . ARG A 1 28  ? -18.844 7.975   3.753   1.00 27.83 ? 28  ARG A CG  1 
ATOM   234  C CD  . ARG A 1 28  ? -18.476 9.088   4.796   1.00 31.66 ? 28  ARG A CD  1 
ATOM   235  N NE  . ARG A 1 28  ? -17.192 8.856   5.486   1.00 36.09 ? 28  ARG A NE  1 
ATOM   236  C CZ  . ARG A 1 28  ? -17.044 8.076   6.560   1.00 37.53 ? 28  ARG A CZ  1 
ATOM   237  N NH1 . ARG A 1 28  ? -18.107 7.449   7.054   1.00 38.29 ? 28  ARG A NH1 1 
ATOM   238  N NH2 . ARG A 1 28  ? -15.854 7.944   7.173   1.00 37.20 ? 28  ARG A NH2 1 
ATOM   239  N N   . HIS A 1 29  ? -16.479 6.819   -0.190  1.00 25.31 ? 29  HIS A N   1 
ATOM   240  C CA  . HIS A 1 29  ? -15.663 7.192   -1.325  1.00 26.47 ? 29  HIS A CA  1 
ATOM   241  C C   . HIS A 1 29  ? -15.430 6.053   -2.278  1.00 26.33 ? 29  HIS A C   1 
ATOM   242  O O   . HIS A 1 29  ? -14.290 5.616   -2.447  1.00 25.00 ? 29  HIS A O   1 
ATOM   243  C CB  . HIS A 1 29  ? -14.296 7.686   -0.851  1.00 28.16 ? 29  HIS A CB  1 
ATOM   244  C CG  . HIS A 1 29  ? -14.378 8.746   0.187   1.00 31.48 ? 29  HIS A CG  1 
ATOM   245  N ND1 . HIS A 1 29  ? -14.806 10.026  -0.094  1.00 32.53 ? 29  HIS A ND1 1 
ATOM   246  C CD2 . HIS A 1 29  ? -14.079 8.722   1.506   1.00 32.38 ? 29  HIS A CD2 1 
ATOM   247  C CE1 . HIS A 1 29  ? -14.759 10.748  1.011   1.00 31.83 ? 29  HIS A CE1 1 
ATOM   248  N NE2 . HIS A 1 29  ? -14.320 9.980   1.995   1.00 33.35 ? 29  HIS A NE2 1 
ATOM   249  N N   . TYR A 1 30  ? -16.493 5.569   -2.909  1.00 26.16 ? 30  TYR A N   1 
ATOM   250  C CA  . TYR A 1 30  ? -16.320 4.486   -3.847  1.00 27.73 ? 30  TYR A CA  1 
ATOM   251  C C   . TYR A 1 30  ? -16.125 4.985   -5.261  1.00 27.92 ? 30  TYR A C   1 
ATOM   252  O O   . TYR A 1 30  ? -16.875 5.828   -5.739  1.00 27.62 ? 30  TYR A O   1 
ATOM   253  C CB  . TYR A 1 30  ? -17.522 3.552   -3.820  1.00 26.58 ? 30  TYR A CB  1 
ATOM   254  C CG  . TYR A 1 30  ? -17.346 2.471   -4.844  1.00 28.40 ? 30  TYR A CG  1 
ATOM   255  C CD1 . TYR A 1 30  ? -16.422 1.446   -4.640  1.00 26.94 ? 30  TYR A CD1 1 
ATOM   256  C CD2 . TYR A 1 30  ? -18.006 2.535   -6.071  1.00 28.38 ? 30  TYR A CD2 1 
ATOM   257  C CE1 . TYR A 1 30  ? -16.157 0.527   -5.631  1.00 29.17 ? 30  TYR A CE1 1 
ATOM   258  C CE2 . TYR A 1 30  ? -17.741 1.613   -7.074  1.00 30.87 ? 30  TYR A CE2 1 
ATOM   259  C CZ  . TYR A 1 30  ? -16.816 0.614   -6.848  1.00 31.02 ? 30  TYR A CZ  1 
ATOM   260  O OH  . TYR A 1 30  ? -16.557 -0.313  -7.837  1.00 31.62 ? 30  TYR A OH  1 
ATOM   261  N N   . ASP A 1 31  ? -15.112 4.467   -5.943  1.00 27.45 ? 31  ASP A N   1 
ATOM   262  C CA  . ASP A 1 31  ? -14.846 4.847   -7.325  1.00 27.15 ? 31  ASP A CA  1 
ATOM   263  C C   . ASP A 1 31  ? -14.157 3.613   -7.859  1.00 28.38 ? 31  ASP A C   1 
ATOM   264  O O   . ASP A 1 31  ? -13.127 3.208   -7.332  1.00 26.53 ? 31  ASP A O   1 
ATOM   265  C CB  . ASP A 1 31  ? -13.910 6.052   -7.378  1.00 28.49 ? 31  ASP A CB  1 
ATOM   266  C CG  . ASP A 1 31  ? -13.634 6.498   -8.783  1.00 33.07 ? 31  ASP A CG  1 
ATOM   267  O OD1 . ASP A 1 31  ? -13.609 5.631   -9.670  1.00 33.97 ? 31  ASP A OD1 1 
ATOM   268  O OD2 . ASP A 1 31  ? -13.419 7.713   -9.004  1.00 35.90 ? 31  ASP A OD2 1 
ATOM   269  N N   . PRO A 1 32  ? -14.719 2.971   -8.881  1.00 28.67 ? 32  PRO A N   1 
ATOM   270  C CA  . PRO A 1 32  ? -14.078 1.764   -9.405  1.00 29.11 ? 32  PRO A CA  1 
ATOM   271  C C   . PRO A 1 32  ? -12.623 1.912   -9.841  1.00 29.51 ? 32  PRO A C   1 
ATOM   272  O O   . PRO A 1 32  ? -11.870 0.946   -9.806  1.00 28.17 ? 32  PRO A O   1 
ATOM   273  C CB  . PRO A 1 32  ? -15.007 1.347   -10.552 1.00 32.18 ? 32  PRO A CB  1 
ATOM   274  C CG  . PRO A 1 32  ? -15.682 2.636   -10.933 1.00 32.83 ? 32  PRO A CG  1 
ATOM   275  C CD  . PRO A 1 32  ? -15.946 3.291   -9.631  1.00 30.93 ? 32  PRO A CD  1 
ATOM   276  N N   . GLU A 1 33  ? -12.221 3.111   -10.219 1.00 28.83 ? 33  GLU A N   1 
ATOM   277  C CA  . GLU A 1 33  ? -10.850 3.293   -10.668 1.00 30.98 ? 33  GLU A CA  1 
ATOM   278  C C   . GLU A 1 33  ? -9.846  3.026   -9.555  1.00 30.20 ? 33  GLU A C   1 
ATOM   279  O O   . GLU A 1 33  ? -8.708  2.602   -9.783  1.00 29.24 ? 33  GLU A O   1 
ATOM   280  C CB  . GLU A 1 33  ? -10.638 4.705   -11.170 1.00 32.83 ? 33  GLU A CB  1 
ATOM   281  C CG  . GLU A 1 33  ? -9.282  4.897   -11.811 1.00 39.61 ? 33  GLU A CG  1 
ATOM   282  C CD  . GLU A 1 33  ? -9.095  6.322   -12.291 1.00 44.86 ? 33  GLU A CD  1 
ATOM   283  O OE1 . GLU A 1 33  ? -10.106 7.069   -12.308 1.00 46.66 ? 33  GLU A OE1 1 
ATOM   284  O OE2 . GLU A 1 33  ? -7.951  6.693   -12.660 1.00 48.41 ? 33  GLU A OE2 1 
ATOM   285  N N   . VAL A 1 34  ? -10.277 3.300   -8.335  1.00 27.63 ? 34  VAL A N   1 
ATOM   286  C CA  . VAL A 1 34  ? -9.449  3.109   -7.159  1.00 26.15 ? 34  VAL A CA  1 
ATOM   287  C C   . VAL A 1 34  ? -9.108  1.621   -6.938  1.00 25.66 ? 34  VAL A C   1 
ATOM   288  O O   . VAL A 1 34  ? -8.014  1.279   -6.437  1.00 23.48 ? 34  VAL A O   1 
ATOM   289  C CB  . VAL A 1 34  ? -10.220 3.693   -5.941  1.00 26.77 ? 34  VAL A CB  1 
ATOM   290  C CG1 . VAL A 1 34  ? -9.588  3.267   -4.658  1.00 27.35 ? 34  VAL A CG1 1 
ATOM   291  C CG2 . VAL A 1 34  ? -10.275 5.225   -6.047  1.00 27.61 ? 34  VAL A CG2 1 
ATOM   292  N N   . TYR A 1 35  ? -10.001 0.725   -7.357  1.00 23.95 ? 35  TYR A N   1 
ATOM   293  C CA  . TYR A 1 35  ? -9.786  -0.706  -7.138  1.00 25.03 ? 35  TYR A CA  1 
ATOM   294  C C   . TYR A 1 35  ? -9.469  -1.511  -8.390  1.00 25.35 ? 35  TYR A C   1 
ATOM   295  O O   . TYR A 1 35  ? -9.157  -2.667  -8.282  1.00 26.94 ? 35  TYR A O   1 
ATOM   296  C CB  . TYR A 1 35  ? -11.050 -1.350  -6.562  1.00 25.80 ? 35  TYR A CB  1 
ATOM   297  C CG  . TYR A 1 35  ? -11.490 -0.771  -5.243  1.00 25.67 ? 35  TYR A CG  1 
ATOM   298  C CD1 . TYR A 1 35  ? -10.987 -1.268  -4.048  1.00 25.54 ? 35  TYR A CD1 1 
ATOM   299  C CD2 . TYR A 1 35  ? -12.385 0.302   -5.194  1.00 25.79 ? 35  TYR A CD2 1 
ATOM   300  C CE1 . TYR A 1 35  ? -11.347 -0.708  -2.820  1.00 24.82 ? 35  TYR A CE1 1 
ATOM   301  C CE2 . TYR A 1 35  ? -12.758 0.871   -3.958  1.00 25.16 ? 35  TYR A CE2 1 
ATOM   302  C CZ  . TYR A 1 35  ? -12.232 0.362   -2.786  1.00 23.76 ? 35  TYR A CZ  1 
ATOM   303  O OH  . TYR A 1 35  ? -12.552 0.918   -1.563  1.00 22.94 ? 35  TYR A OH  1 
ATOM   304  N N   . ARG A 1 36  ? -9.529  -0.895  -9.554  1.00 27.46 ? 36  ARG A N   1 
ATOM   305  C CA  . ARG A 1 36  ? -9.364  -1.654  -10.798 1.00 30.12 ? 36  ARG A CA  1 
ATOM   306  C C   . ARG A 1 36  ? -8.073  -2.419  -10.982 1.00 30.13 ? 36  ARG A C   1 
ATOM   307  O O   . ARG A 1 36  ? -8.050  -3.395  -11.722 1.00 30.51 ? 36  ARG A O   1 
ATOM   308  C CB  . ARG A 1 36  ? -9.595  -0.749  -12.016 1.00 33.33 ? 36  ARG A CB  1 
ATOM   309  C CG  . ARG A 1 36  ? -8.624  0.396   -12.137 1.00 39.42 ? 36  ARG A CG  1 
ATOM   310  C CD  . ARG A 1 36  ? -8.972  1.313   -13.321 1.00 45.23 ? 36  ARG A CD  1 
ATOM   311  N NE  . ARG A 1 36  ? -8.830  0.599   -14.586 1.00 49.35 ? 36  ARG A NE  1 
ATOM   312  C CZ  . ARG A 1 36  ? -8.728  1.182   -15.777 1.00 52.46 ? 36  ARG A CZ  1 
ATOM   313  N NH1 . ARG A 1 36  ? -8.755  2.510   -15.884 1.00 53.48 ? 36  ARG A NH1 1 
ATOM   314  N NH2 . ARG A 1 36  ? -8.579  0.432   -16.864 1.00 54.43 ? 36  ARG A NH2 1 
ATOM   315  N N   . PHE A 1 37  ? -7.014  -1.984  -10.315 1.00 29.49 ? 37  PHE A N   1 
ATOM   316  C CA  . PHE A 1 37  ? -5.710  -2.634  -10.430 1.00 30.14 ? 37  PHE A CA  1 
ATOM   317  C C   . PHE A 1 37  ? -5.357  -3.379  -9.175  1.00 32.68 ? 37  PHE A C   1 
ATOM   318  O O   . PHE A 1 37  ? -4.175  -3.632  -8.916  1.00 33.36 ? 37  PHE A O   1 
ATOM   319  C CB  . PHE A 1 37  ? -4.628  -1.607  -10.676 1.00 30.22 ? 37  PHE A CB  1 
ATOM   320  C CG  . PHE A 1 37  ? -4.921  -0.715  -11.815 1.00 30.76 ? 37  PHE A CG  1 
ATOM   321  C CD1 . PHE A 1 37  ? -5.033  -1.233  -13.096 1.00 30.36 ? 37  PHE A CD1 1 
ATOM   322  C CD2 . PHE A 1 37  ? -5.083  0.657   -11.617 1.00 31.86 ? 37  PHE A CD2 1 
ATOM   323  C CE1 . PHE A 1 37  ? -5.302  -0.407  -14.173 1.00 31.76 ? 37  PHE A CE1 1 
ATOM   324  C CE2 . PHE A 1 37  ? -5.351  1.486   -12.682 1.00 33.23 ? 37  PHE A CE2 1 
ATOM   325  C CZ  . PHE A 1 37  ? -5.462  0.953   -13.971 1.00 32.27 ? 37  PHE A CZ  1 
ATOM   326  N N   . LEU A 1 38  ? -6.372  -3.728  -8.395  1.00 32.13 ? 38  LEU A N   1 
ATOM   327  C CA  . LEU A 1 38  ? -6.143  -4.490  -7.185  1.00 36.04 ? 38  LEU A CA  1 
ATOM   328  C C   . LEU A 1 38  ? -6.879  -5.801  -7.308  1.00 36.17 ? 38  LEU A C   1 
ATOM   329  O O   . LEU A 1 38  ? -7.914  -5.918  -7.978  1.00 36.75 ? 38  LEU A O   1 
ATOM   330  C CB  . LEU A 1 38  ? -6.639  -3.763  -5.939  1.00 35.46 ? 38  LEU A CB  1 
ATOM   331  C CG  . LEU A 1 38  ? -5.932  -2.472  -5.564  1.00 40.53 ? 38  LEU A CG  1 
ATOM   332  C CD1 . LEU A 1 38  ? -6.690  -1.850  -4.359  1.00 40.72 ? 38  LEU A CD1 1 
ATOM   333  C CD2 . LEU A 1 38  ? -4.457  -2.759  -5.222  1.00 41.81 ? 38  LEU A CD2 1 
ATOM   334  N N   . SER A 1 39  ? -6.335  -6.804  -6.649  1.00 38.27 ? 39  SER A N   1 
ATOM   335  C CA  . SER A 1 39  ? -6.947  -8.112  -6.700  1.00 39.07 ? 39  SER A CA  1 
ATOM   336  C C   . SER A 1 39  ? -8.148  -8.051  -5.771  1.00 37.53 ? 39  SER A C   1 
ATOM   337  O O   . SER A 1 39  ? -8.228  -7.187  -4.878  1.00 37.41 ? 39  SER A O   1 
ATOM   338  C CB  . SER A 1 39  ? -5.964  -9.161  -6.193  1.00 42.08 ? 39  SER A CB  1 
ATOM   339  O OG  . SER A 1 39  ? -5.721  -8.911  -4.821  1.00 47.12 ? 39  SER A OG  1 
ATOM   340  N N   . ARG A 1 40  ? -9.089  -8.952  -6.002  1.00 34.49 ? 40  ARG A N   1 
ATOM   341  C CA  . ARG A 1 40  ? -10.278 -9.021  -5.182  1.00 34.48 ? 40  ARG A CA  1 
ATOM   342  C C   . ARG A 1 40  ? -10.953 -7.679  -5.038  1.00 31.83 ? 40  ARG A C   1 
ATOM   343  O O   . ARG A 1 40  ? -11.349 -7.289  -3.948  1.00 30.90 ? 40  ARG A O   1 
ATOM   344  C CB  . ARG A 1 40  ? -9.942  -9.594  -3.788  1.00 36.98 ? 40  ARG A CB  1 
ATOM   345  C CG  . ARG A 1 40  ? -9.515  -11.069 -3.853  1.00 42.07 ? 40  ARG A CG  1 
ATOM   346  C CD  . ARG A 1 40  ? -9.547  -11.737 -2.490  1.00 45.96 ? 40  ARG A CD  1 
ATOM   347  N NE  . ARG A 1 40  ? -8.386  -11.402 -1.678  1.00 51.22 ? 40  ARG A NE  1 
ATOM   348  C CZ  . ARG A 1 40  ? -8.212  -11.781 -0.409  1.00 53.40 ? 40  ARG A CZ  1 
ATOM   349  N NH1 . ARG A 1 40  ? -9.136  -12.516 0.207   1.00 53.44 ? 40  ARG A NH1 1 
ATOM   350  N NH2 . ARG A 1 40  ? -7.110  -11.425 0.248   1.00 55.77 ? 40  ARG A NH2 1 
ATOM   351  N N   . ALA A 1 41  ? -11.094 -6.978  -6.149  1.00 30.78 ? 41  ALA A N   1 
ATOM   352  C CA  . ALA A 1 41  ? -11.745 -5.693  -6.131  1.00 29.79 ? 41  ALA A CA  1 
ATOM   353  C C   . ALA A 1 41  ? -13.203 -5.880  -5.776  1.00 30.97 ? 41  ALA A C   1 
ATOM   354  O O   . ALA A 1 41  ? -13.789 -6.926  -6.056  1.00 29.48 ? 41  ALA A O   1 
ATOM   355  C CB  . ALA A 1 41  ? -11.653 -5.057  -7.479  1.00 29.86 ? 41  ALA A CB  1 
ATOM   356  N N   . PRO A 1 42  ? -13.812 -4.862  -5.150  1.00 30.04 ? 42  PRO A N   1 
ATOM   357  C CA  . PRO A 1 42  ? -15.231 -4.950  -4.788  1.00 30.69 ? 42  PRO A CA  1 
ATOM   358  C C   . PRO A 1 42  ? -15.948 -5.294  -6.083  1.00 31.29 ? 42  PRO A C   1 
ATOM   359  O O   . PRO A 1 42  ? -15.725 -4.655  -7.109  1.00 31.29 ? 42  PRO A O   1 
ATOM   360  C CB  . PRO A 1 42  ? -15.552 -3.526  -4.325  1.00 30.43 ? 42  PRO A CB  1 
ATOM   361  C CG  . PRO A 1 42  ? -14.224 -3.075  -3.749  1.00 29.81 ? 42  PRO A CG  1 
ATOM   362  C CD  . PRO A 1 42  ? -13.223 -3.581  -4.720  1.00 30.10 ? 42  PRO A CD  1 
ATOM   363  N N   . VAL A 1 43  ? -16.810 -6.298  -6.038  1.00 33.72 ? 43  VAL A N   1 
ATOM   364  C CA  . VAL A 1 43  ? -17.518 -6.732  -7.231  1.00 34.53 ? 43  VAL A CA  1 
ATOM   365  C C   . VAL A 1 43  ? -18.701 -5.848  -7.627  1.00 35.23 ? 43  VAL A C   1 
ATOM   366  O O   . VAL A 1 43  ? -19.274 -6.028  -8.708  1.00 35.13 ? 43  VAL A O   1 
ATOM   367  C CB  . VAL A 1 43  ? -18.032 -8.186  -7.073  1.00 35.04 ? 43  VAL A CB  1 
ATOM   368  C CG1 . VAL A 1 43  ? -16.873 -9.121  -6.785  1.00 36.89 ? 43  VAL A CG1 1 
ATOM   369  C CG2 . VAL A 1 43  ? -19.047 -8.267  -5.953  1.00 36.23 ? 43  VAL A CG2 1 
ATOM   370  N N   . ALA A 1 44  ? -19.061 -4.900  -6.769  1.00 34.07 ? 44  ALA A N   1 
ATOM   371  C CA  . ALA A 1 44  ? -20.191 -4.009  -7.034  1.00 33.47 ? 44  ALA A CA  1 
ATOM   372  C C   . ALA A 1 44  ? -20.076 -2.778  -6.136  1.00 32.95 ? 44  ALA A C   1 
ATOM   373  O O   . ALA A 1 44  ? -19.433 -2.839  -5.083  1.00 32.56 ? 44  ALA A O   1 
ATOM   374  C CB  . ALA A 1 44  ? -21.489 -4.755  -6.732  1.00 33.42 ? 44  ALA A CB  1 
ATOM   375  N N   . PRO A 1 45  ? -20.695 -1.653  -6.524  1.00 32.13 ? 45  PRO A N   1 
ATOM   376  C CA  . PRO A 1 45  ? -20.647 -0.407  -5.736  1.00 32.18 ? 45  PRO A CA  1 
ATOM   377  C C   . PRO A 1 45  ? -21.632 -0.461  -4.560  1.00 30.53 ? 45  PRO A C   1 
ATOM   378  O O   . PRO A 1 45  ? -22.442 0.448   -4.348  1.00 31.04 ? 45  PRO A O   1 
ATOM   379  C CB  . PRO A 1 45  ? -21.043 0.643   -6.759  1.00 34.02 ? 45  PRO A CB  1 
ATOM   380  C CG  . PRO A 1 45  ? -22.107 -0.100  -7.536  1.00 34.93 ? 45  PRO A CG  1 
ATOM   381  C CD  . PRO A 1 45  ? -21.467 -1.451  -7.765  1.00 35.36 ? 45  PRO A CD  1 
ATOM   382  N N   . THR A 1 46  ? -21.507 -1.506  -3.754  1.00 28.26 ? 46  THR A N   1 
ATOM   383  C CA  . THR A 1 46  ? -22.426 -1.766  -2.668  1.00 26.19 ? 46  THR A CA  1 
ATOM   384  C C   . THR A 1 46  ? -21.740 -2.006  -1.351  1.00 26.43 ? 46  THR A C   1 
ATOM   385  O O   . THR A 1 46  ? -20.550 -2.316  -1.318  1.00 26.00 ? 46  THR A O   1 
ATOM   386  C CB  . THR A 1 46  ? -23.230 -3.021  -2.973  1.00 27.06 ? 46  THR A CB  1 
ATOM   387  O OG1 . THR A 1 46  ? -22.362 -4.176  -2.949  1.00 25.88 ? 46  THR A OG1 1 
ATOM   388  C CG2 . THR A 1 46  ? -23.843 -2.900  -4.346  1.00 25.33 ? 46  THR A CG2 1 
ATOM   389  N N   . GLU A 1 47  ? -22.481 -1.886  -0.264  1.00 25.08 ? 47  GLU A N   1 
ATOM   390  C CA  . GLU A 1 47  ? -21.873 -2.125  1.030   1.00 25.83 ? 47  GLU A CA  1 
ATOM   391  C C   . GLU A 1 47  ? -21.402 -3.565  1.147   1.00 26.20 ? 47  GLU A C   1 
ATOM   392  O O   . GLU A 1 47  ? -20.333 -3.849  1.697   1.00 24.48 ? 47  GLU A O   1 
ATOM   393  C CB  . GLU A 1 47  ? -22.859 -1.862  2.155   1.00 27.86 ? 47  GLU A CB  1 
ATOM   394  C CG  . GLU A 1 47  ? -22.332 -2.380  3.451   1.00 33.19 ? 47  GLU A CG  1 
ATOM   395  C CD  . GLU A 1 47  ? -23.122 -1.936  4.616   1.00 38.78 ? 47  GLU A CD  1 
ATOM   396  O OE1 . GLU A 1 47  ? -23.211 -2.715  5.592   1.00 42.29 ? 47  GLU A OE1 1 
ATOM   397  O OE2 . GLU A 1 47  ? -23.639 -0.798  4.576   1.00 41.59 ? 47  GLU A OE2 1 
ATOM   398  N N   . GLU A 1 48  ? -22.204 -4.495  0.628   1.00 25.24 ? 48  GLU A N   1 
ATOM   399  C CA  . GLU A 1 48  ? -21.800 -5.885  0.750   1.00 25.49 ? 48  GLU A CA  1 
ATOM   400  C C   . GLU A 1 48  ? -20.481 -6.179  0.053   1.00 25.31 ? 48  GLU A C   1 
ATOM   401  O O   . GLU A 1 48  ? -19.628 -6.896  0.613   1.00 27.12 ? 48  GLU A O   1 
ATOM   402  C CB  . GLU A 1 48  ? -22.888 -6.809  0.197   1.00 26.64 ? 48  GLU A CB  1 
ATOM   403  C CG  . GLU A 1 48  ? -24.156 -6.829  1.061   1.00 27.45 ? 48  GLU A CG  1 
ATOM   404  C CD  . GLU A 1 48  ? -25.202 -5.799  0.627   1.00 26.54 ? 48  GLU A CD  1 
ATOM   405  O OE1 . GLU A 1 48  ? -24.861 -4.836  -0.090  1.00 25.70 ? 48  GLU A OE1 1 
ATOM   406  O OE2 . GLU A 1 48  ? -26.368 -5.966  1.034   1.00 27.13 ? 48  GLU A OE2 1 
ATOM   407  N N   . ALA A 1 49  ? -20.313 -5.633  -1.145  1.00 24.83 ? 49  ALA A N   1 
ATOM   408  C CA  . ALA A 1 49  ? -19.113 -5.877  -1.939  1.00 25.81 ? 49  ALA A CA  1 
ATOM   409  C C   . ALA A 1 49  ? -17.897 -5.221  -1.299  1.00 25.84 ? 49  ALA A C   1 
ATOM   410  O O   . ALA A 1 49  ? -16.804 -5.798  -1.295  1.00 25.01 ? 49  ALA A O   1 
ATOM   411  C CB  . ALA A 1 49  ? -19.301 -5.357  -3.348  1.00 26.37 ? 49  ALA A CB  1 
ATOM   412  N N   . LEU A 1 50  ? -18.089 -4.030  -0.752  1.00 25.07 ? 50  LEU A N   1 
ATOM   413  C CA  . LEU A 1 50  ? -16.984 -3.323  -0.100  1.00 24.78 ? 50  LEU A CA  1 
ATOM   414  C C   . LEU A 1 50  ? -16.657 -4.007  1.222   1.00 26.73 ? 50  LEU A C   1 
ATOM   415  O O   . LEU A 1 50  ? -15.478 -4.133  1.583   1.00 25.28 ? 50  LEU A O   1 
ATOM   416  C CB  . LEU A 1 50  ? -17.353 -1.837  0.090   1.00 23.39 ? 50  LEU A CB  1 
ATOM   417  C CG  . LEU A 1 50  ? -17.224 -1.144  -1.276  1.00 22.23 ? 50  LEU A CG  1 
ATOM   418  C CD1 . LEU A 1 50  ? -18.101 0.123   -1.401  1.00 24.71 ? 50  LEU A CD1 1 
ATOM   419  C CD2 . LEU A 1 50  ? -15.761 -0.767  -1.491  1.00 23.06 ? 50  LEU A CD2 1 
ATOM   420  N N   . ARG A 1 51  ? -17.671 -4.467  1.952   1.00 25.41 ? 51  ARG A N   1 
ATOM   421  C CA  . ARG A 1 51  ? -17.400 -5.187  3.202   1.00 26.92 ? 51  ARG A CA  1 
ATOM   422  C C   . ARG A 1 51  ? -16.531 -6.429  2.873   1.00 26.94 ? 51  ARG A C   1 
ATOM   423  O O   . ARG A 1 51  ? -15.515 -6.726  3.556   1.00 26.82 ? 51  ARG A O   1 
ATOM   424  C CB  . ARG A 1 51  ? -18.713 -5.650  3.881   1.00 25.99 ? 51  ARG A CB  1 
ATOM   425  C CG  . ARG A 1 51  ? -18.453 -6.414  5.194   1.00 27.61 ? 51  ARG A CG  1 
ATOM   426  C CD  . ARG A 1 51  ? -19.709 -6.860  5.926   1.00 31.46 ? 51  ARG A CD  1 
ATOM   427  N NE  . ARG A 1 51  ? -20.605 -5.746  6.166   1.00 33.34 ? 51  ARG A NE  1 
ATOM   428  C CZ  . ARG A 1 51  ? -20.635 -5.005  7.270   1.00 36.12 ? 51  ARG A CZ  1 
ATOM   429  N NH1 . ARG A 1 51  ? -19.811 -5.238  8.295   1.00 35.94 ? 51  ARG A NH1 1 
ATOM   430  N NH2 . ARG A 1 51  ? -21.522 -4.019  7.340   1.00 39.08 ? 51  ARG A NH2 1 
ATOM   431  N N   . ALA A 1 52  ? -16.914 -7.152  1.820   1.00 27.07 ? 52  ALA A N   1 
ATOM   432  C CA  . ALA A 1 52  ? -16.164 -8.360  1.445   1.00 27.84 ? 52  ALA A CA  1 
ATOM   433  C C   . ALA A 1 52  ? -14.710 -7.993  1.138   1.00 27.49 ? 52  ALA A C   1 
ATOM   434  O O   . ALA A 1 52  ? -13.792 -8.678  1.585   1.00 27.08 ? 52  ALA A O   1 
ATOM   435  C CB  . ALA A 1 52  ? -16.791 -9.018  0.247   1.00 29.72 ? 52  ALA A CB  1 
ATOM   436  N N   . HIS A 1 53  ? -14.513 -6.926  0.380   1.00 24.23 ? 53  HIS A N   1 
ATOM   437  C CA  . HIS A 1 53  ? -13.146 -6.489  0.070   1.00 26.00 ? 53  HIS A CA  1 
ATOM   438  C C   . HIS A 1 53  ? -12.367 -6.175  1.340   1.00 25.30 ? 53  HIS A C   1 
ATOM   439  O O   . HIS A 1 53  ? -11.230 -6.649  1.514   1.00 25.88 ? 53  HIS A O   1 
ATOM   440  C CB  . HIS A 1 53  ? -13.172 -5.254  -0.825  1.00 25.59 ? 53  HIS A CB  1 
ATOM   441  C CG  . HIS A 1 53  ? -11.820 -4.676  -1.070  1.00 27.13 ? 53  HIS A CG  1 
ATOM   442  N ND1 . HIS A 1 53  ? -10.924 -5.254  -1.939  1.00 26.62 ? 53  HIS A ND1 1 
ATOM   443  C CD2 . HIS A 1 53  ? -11.185 -3.611  -0.520  1.00 25.79 ? 53  HIS A CD2 1 
ATOM   444  C CE1 . HIS A 1 53  ? -9.791  -4.566  -1.913  1.00 28.11 ? 53  HIS A CE1 1 
ATOM   445  N NE2 . HIS A 1 53  ? -9.926  -3.567  -1.063  1.00 24.67 ? 53  HIS A NE2 1 
ATOM   446  N N   . LEU A 1 54  ? -12.951 -5.389  2.243   1.00 25.47 ? 54  LEU A N   1 
ATOM   447  C CA  . LEU A 1 54  ? -12.243 -5.037  3.488   1.00 24.89 ? 54  LEU A CA  1 
ATOM   448  C C   . LEU A 1 54  ? -11.999 -6.289  4.338   1.00 26.92 ? 54  LEU A C   1 
ATOM   449  O O   . LEU A 1 54  ? -10.921 -6.456  4.902   1.00 25.96 ? 54  LEU A O   1 
ATOM   450  C CB  . LEU A 1 54  ? -13.038 -3.999  4.295   1.00 22.58 ? 54  LEU A CB  1 
ATOM   451  C CG  . LEU A 1 54  ? -12.507 -3.553  5.669   1.00 22.66 ? 54  LEU A CG  1 
ATOM   452  C CD1 . LEU A 1 54  ? -11.084 -3.013  5.502   1.00 21.80 ? 54  LEU A CD1 1 
ATOM   453  C CD2 . LEU A 1 54  ? -13.457 -2.517  6.298   1.00 22.16 ? 54  LEU A CD2 1 
ATOM   454  N N   . GLU A 1 55  ? -12.991 -7.171  4.455   1.00 24.95 ? 55  GLU A N   1 
ATOM   455  C CA  . GLU A 1 55  ? -12.759 -8.395  5.232   1.00 28.22 ? 55  GLU A CA  1 
ATOM   456  C C   . GLU A 1 55  ? -11.608 -9.207  4.608   1.00 27.73 ? 55  GLU A C   1 
ATOM   457  O O   . GLU A 1 55  ? -10.843 -9.867  5.328   1.00 27.95 ? 55  GLU A O   1 
ATOM   458  C CB  . GLU A 1 55  ? -14.019 -9.255  5.257   1.00 30.26 ? 55  GLU A CB  1 
ATOM   459  C CG  . GLU A 1 55  ? -15.154 -8.629  6.063   1.00 33.80 ? 55  GLU A CG  1 
ATOM   460  C CD  . GLU A 1 55  ? -16.458 -9.407  5.877   1.00 39.07 ? 55  GLU A CD  1 
ATOM   461  O OE1 . GLU A 1 55  ? -16.678 -9.980  4.769   1.00 42.88 ? 55  GLU A OE1 1 
ATOM   462  O OE2 . GLU A 1 55  ? -17.258 -9.432  6.830   1.00 41.96 ? 55  GLU A OE2 1 
ATOM   463  N N   . GLY A 1 56  ? -11.492 -9.144  3.283   1.00 26.58 ? 56  GLY A N   1 
ATOM   464  C CA  . GLY A 1 56  ? -10.427 -9.854  2.599   1.00 26.56 ? 56  GLY A CA  1 
ATOM   465  C C   . GLY A 1 56  ? -9.071  -9.301  3.029   1.00 27.09 ? 56  GLY A C   1 
ATOM   466  O O   . GLY A 1 56  ? -8.126  -10.049 3.308   1.00 25.40 ? 56  GLY A O   1 
ATOM   467  N N   . LEU A 1 57  ? -8.962  -7.981  3.079   1.00 24.78 ? 57  LEU A N   1 
ATOM   468  C CA  . LEU A 1 57  ? -7.693  -7.396  3.504   1.00 24.33 ? 57  LEU A CA  1 
ATOM   469  C C   . LEU A 1 57  ? -7.341  -7.824  4.923   1.00 25.83 ? 57  LEU A C   1 
ATOM   470  O O   . LEU A 1 57  ? -6.193  -8.176  5.217   1.00 24.26 ? 57  LEU A O   1 
ATOM   471  C CB  . LEU A 1 57  ? -7.773  -5.873  3.489   1.00 22.83 ? 57  LEU A CB  1 
ATOM   472  C CG  . LEU A 1 57  ? -8.072  -5.186  2.152   1.00 25.52 ? 57  LEU A CG  1 
ATOM   473  C CD1 . LEU A 1 57  ? -8.216  -3.664  2.404   1.00 24.05 ? 57  LEU A CD1 1 
ATOM   474  C CD2 . LEU A 1 57  ? -6.957  -5.443  1.160   1.00 25.08 ? 57  LEU A CD2 1 
ATOM   475  N N   . LEU A 1 58  ? -8.325  -7.768  5.816   1.00 24.32 ? 58  LEU A N   1 
ATOM   476  C CA  . LEU A 1 58  ? -8.071  -8.094  7.209   1.00 26.63 ? 58  LEU A CA  1 
ATOM   477  C C   . LEU A 1 58  ? -7.803  -9.569  7.453   1.00 28.05 ? 58  LEU A C   1 
ATOM   478  O O   . LEU A 1 58  ? -7.175  -9.921  8.455   1.00 29.34 ? 58  LEU A O   1 
ATOM   479  C CB  . LEU A 1 58  ? -9.253  -7.631  8.078   1.00 26.72 ? 58  LEU A CB  1 
ATOM   480  C CG  . LEU A 1 58  ? -9.618  -6.139  7.915   1.00 27.32 ? 58  LEU A CG  1 
ATOM   481  C CD1 . LEU A 1 58  ? -10.908 -5.825  8.687   1.00 26.49 ? 58  LEU A CD1 1 
ATOM   482  C CD2 . LEU A 1 58  ? -8.477  -5.231  8.460   1.00 24.58 ? 58  LEU A CD2 1 
ATOM   483  N N   . GLY A 1 59  ? -8.264  -10.416 6.550   1.00 28.42 ? 59  GLY A N   1 
ATOM   484  C CA  . GLY A 1 59  ? -8.103  -11.847 6.746   1.00 29.63 ? 59  GLY A CA  1 
ATOM   485  C C   . GLY A 1 59  ? -6.928  -12.545 6.105   1.00 29.73 ? 59  GLY A C   1 
ATOM   486  O O   . GLY A 1 59  ? -6.693  -13.723 6.365   1.00 29.17 ? 59  GLY A O   1 
ATOM   487  N N   . GLU A 1 60  ? -6.178  -11.840 5.275   1.00 27.38 ? 60  GLU A N   1 
ATOM   488  C CA  . GLU A 1 60  ? -5.051  -12.444 4.595   1.00 28.13 ? 60  GLU A CA  1 
ATOM   489  C C   . GLU A 1 60  ? -3.973  -12.764 5.623   1.00 27.83 ? 60  GLU A C   1 
ATOM   490  O O   . GLU A 1 60  ? -3.520  -11.905 6.385   1.00 26.16 ? 60  GLU A O   1 
ATOM   491  C CB  . GLU A 1 60  ? -4.540  -11.484 3.520   1.00 30.30 ? 60  GLU A CB  1 
ATOM   492  C CG  . GLU A 1 60  ? -3.329  -11.987 2.769   1.00 31.45 ? 60  GLU A CG  1 
ATOM   493  C CD  . GLU A 1 60  ? -2.841  -11.034 1.703   1.00 34.12 ? 60  GLU A CD  1 
ATOM   494  O OE1 . GLU A 1 60  ? -3.679  -10.273 1.169   1.00 28.70 ? 60  GLU A OE1 1 
ATOM   495  O OE2 . GLU A 1 60  ? -1.607  -11.074 1.388   1.00 34.57 ? 60  GLU A OE2 1 
ATOM   496  N N   . PRO A 1 61  ? -3.550  -14.030 5.665   1.00 28.81 ? 61  PRO A N   1 
ATOM   497  C CA  . PRO A 1 61  ? -2.528  -14.472 6.609   1.00 28.34 ? 61  PRO A CA  1 
ATOM   498  C C   . PRO A 1 61  ? -1.278  -13.617 6.528   1.00 25.85 ? 61  PRO A C   1 
ATOM   499  O O   . PRO A 1 61  ? -0.779  -13.352 5.432   1.00 26.97 ? 61  PRO A O   1 
ATOM   500  C CB  . PRO A 1 61  ? -2.246  -15.904 6.164   1.00 30.62 ? 61  PRO A CB  1 
ATOM   501  C CG  . PRO A 1 61  ? -3.580  -16.336 5.588   1.00 31.80 ? 61  PRO A CG  1 
ATOM   502  C CD  . PRO A 1 61  ? -3.956  -15.126 4.769   1.00 30.42 ? 61  PRO A CD  1 
ATOM   503  N N   . GLY A 1 62  ? -0.788  -13.236 7.694   1.00 26.46 ? 62  GLY A N   1 
ATOM   504  C CA  . GLY A 1 62  ? 0.426   -12.444 7.780   1.00 26.28 ? 62  GLY A CA  1 
ATOM   505  C C   . GLY A 1 62  ? 0.303   -10.969 7.410   1.00 26.08 ? 62  GLY A C   1 
ATOM   506  O O   . GLY A 1 62  ? 1.206   -10.185 7.714   1.00 25.47 ? 62  GLY A O   1 
ATOM   507  N N   . ARG A 1 63  ? -0.799  -10.581 6.780   1.00 23.94 ? 63  ARG A N   1 
ATOM   508  C CA  . ARG A 1 63  ? -0.952  -9.166  6.374   1.00 22.40 ? 63  ARG A CA  1 
ATOM   509  C C   . ARG A 1 63  ? -1.242  -8.222  7.560   1.00 23.85 ? 63  ARG A C   1 
ATOM   510  O O   . ARG A 1 63  ? -2.024  -8.548  8.455   1.00 24.89 ? 63  ARG A O   1 
ATOM   511  C CB  . ARG A 1 63  ? -2.082  -9.074  5.344   1.00 22.19 ? 63  ARG A CB  1 
ATOM   512  C CG  . ARG A 1 63  ? -2.169  -7.719  4.652   1.00 20.25 ? 63  ARG A CG  1 
ATOM   513  C CD  . ARG A 1 63  ? -3.157  -7.819  3.497   1.00 20.95 ? 63  ARG A CD  1 
ATOM   514  N NE  . ARG A 1 63  ? -3.291  -6.522  2.844   1.00 20.96 ? 63  ARG A NE  1 
ATOM   515  C CZ  . ARG A 1 63  ? -3.350  -6.350  1.536   1.00 21.96 ? 63  ARG A CZ  1 
ATOM   516  N NH1 . ARG A 1 63  ? -3.305  -7.403  0.726   1.00 23.59 ? 63  ARG A NH1 1 
ATOM   517  N NH2 . ARG A 1 63  ? -3.403  -5.114  1.036   1.00 21.83 ? 63  ARG A NH2 1 
ATOM   518  N N   . VAL A 1 64  ? -0.571  -7.073  7.603   1.00 20.62 ? 64  VAL A N   1 
ATOM   519  C CA  . VAL A 1 64  ? -0.787  -6.104  8.661   1.00 20.47 ? 64  VAL A CA  1 
ATOM   520  C C   . VAL A 1 64  ? -1.284  -4.856  7.929   1.00 21.18 ? 64  VAL A C   1 
ATOM   521  O O   . VAL A 1 64  ? -0.618  -4.377  7.009   1.00 20.12 ? 64  VAL A O   1 
ATOM   522  C CB  . VAL A 1 64  ? 0.502   -5.779  9.423   1.00 22.06 ? 64  VAL A CB  1 
ATOM   523  C CG1 . VAL A 1 64  ? 0.169   -4.916  10.623  1.00 22.96 ? 64  VAL A CG1 1 
ATOM   524  C CG2 . VAL A 1 64  ? 1.193   -7.110  9.873   1.00 23.44 ? 64  VAL A CG2 1 
ATOM   525  N N   . ASN A 1 65  ? -2.441  -4.340  8.341   1.00 21.26 ? 65  ASN A N   1 
ATOM   526  C CA  . ASN A 1 65  ? -3.055  -3.200  7.635   1.00 20.72 ? 65  ASN A CA  1 
ATOM   527  C C   . ASN A 1 65  ? -3.298  -1.996  8.525   1.00 21.09 ? 65  ASN A C   1 
ATOM   528  O O   . ASN A 1 65  ? -3.660  -2.137  9.712   1.00 20.47 ? 65  ASN A O   1 
ATOM   529  C CB  . ASN A 1 65  ? -4.445  -3.608  7.046   1.00 21.20 ? 65  ASN A CB  1 
ATOM   530  C CG  . ASN A 1 65  ? -4.363  -4.758  6.081   1.00 21.89 ? 65  ASN A CG  1 
ATOM   531  O OD1 . ASN A 1 65  ? -3.963  -4.592  4.928   1.00 22.27 ? 65  ASN A OD1 1 
ATOM   532  N ND2 . ASN A 1 65  ? -4.783  -5.972  6.545   1.00 21.41 ? 65  ASN A ND2 1 
ATOM   533  N N   . TRP A 1 66  ? -3.094  -0.811  7.972   1.00 18.85 ? 66  TRP A N   1 
ATOM   534  C CA  . TRP A 1 66  ? -3.397  0.398   8.731   1.00 19.27 ? 66  TRP A CA  1 
ATOM   535  C C   . TRP A 1 66  ? -4.297  1.297   7.904   1.00 18.99 ? 66  TRP A C   1 
ATOM   536  O O   . TRP A 1 66  ? -4.166  1.399   6.669   1.00 20.82 ? 66  TRP A O   1 
ATOM   537  C CB  . TRP A 1 66  ? -2.137  1.246   9.017   1.00 20.17 ? 66  TRP A CB  1 
ATOM   538  C CG  . TRP A 1 66  ? -1.185  0.631   9.960   1.00 18.57 ? 66  TRP A CG  1 
ATOM   539  C CD1 . TRP A 1 66  ? -1.064  0.891   11.302  1.00 19.82 ? 66  TRP A CD1 1 
ATOM   540  C CD2 . TRP A 1 66  ? -0.186  -0.343  9.647   1.00 20.65 ? 66  TRP A CD2 1 
ATOM   541  N NE1 . TRP A 1 66  ? -0.037  0.133   11.841  1.00 19.77 ? 66  TRP A NE1 1 
ATOM   542  C CE2 . TRP A 1 66  ? 0.516   -0.630  10.847  1.00 20.10 ? 66  TRP A CE2 1 
ATOM   543  C CE3 . TRP A 1 66  ? 0.184   -1.010  8.474   1.00 18.61 ? 66  TRP A CE3 1 
ATOM   544  C CZ2 . TRP A 1 66  ? 1.579   -1.557  10.891  1.00 21.10 ? 66  TRP A CZ2 1 
ATOM   545  C CZ3 . TRP A 1 66  ? 1.226   -1.925  8.513   1.00 21.45 ? 66  TRP A CZ3 1 
ATOM   546  C CH2 . TRP A 1 66  ? 1.915   -2.190  9.715   1.00 20.47 ? 66  TRP A CH2 1 
ATOM   547  N N   . ALA A 1 67  ? -5.199  1.969   8.589   1.00 18.31 ? 67  ALA A N   1 
ATOM   548  C CA  . ALA A 1 67  ? -5.976  3.023   7.932   1.00 19.42 ? 67  ALA A CA  1 
ATOM   549  C C   . ALA A 1 67  ? -5.084  4.265   7.984   1.00 20.17 ? 67  ALA A C   1 
ATOM   550  O O   . ALA A 1 67  ? -4.385  4.491   8.961   1.00 21.17 ? 67  ALA A O   1 
ATOM   551  C CB  . ALA A 1 67  ? -7.258  3.314   8.712   1.00 20.91 ? 67  ALA A CB  1 
ATOM   552  N N   . ILE A 1 68  ? -5.114  5.064   6.920   1.00 21.07 ? 68  ILE A N   1 
ATOM   553  C CA  . ILE A 1 68  ? -4.347  6.309   6.814   1.00 20.64 ? 68  ILE A CA  1 
ATOM   554  C C   . ILE A 1 68  ? -5.373  7.402   7.088   1.00 23.26 ? 68  ILE A C   1 
ATOM   555  O O   . ILE A 1 68  ? -6.383  7.498   6.378   1.00 21.77 ? 68  ILE A O   1 
ATOM   556  C CB  . ILE A 1 68  ? -3.824  6.503   5.379   1.00 19.23 ? 68  ILE A CB  1 
ATOM   557  C CG1 . ILE A 1 68  ? -2.852  5.358   5.014   1.00 20.65 ? 68  ILE A CG1 1 
ATOM   558  C CG2 . ILE A 1 68  ? -3.116  7.881   5.265   1.00 20.97 ? 68  ILE A CG2 1 
ATOM   559  C CD1 . ILE A 1 68  ? -2.592  5.249   3.493   1.00 20.12 ? 68  ILE A CD1 1 
ATOM   560  N N   . LEU A 1 69  ? -5.106  8.212   8.119   1.00 24.86 ? 69  LEU A N   1 
ATOM   561  C CA  . LEU A 1 69  ? -6.012  9.292   8.496   1.00 26.28 ? 69  LEU A CA  1 
ATOM   562  C C   . LEU A 1 69  ? -5.369  10.578  8.058   1.00 29.36 ? 69  LEU A C   1 
ATOM   563  O O   . LEU A 1 69  ? -4.208  10.873  8.410   1.00 28.00 ? 69  LEU A O   1 
ATOM   564  C CB  . LEU A 1 69  ? -6.228  9.302   10.017  1.00 27.04 ? 69  LEU A CB  1 
ATOM   565  C CG  . LEU A 1 69  ? -6.579  7.969   10.666  1.00 29.95 ? 69  LEU A CG  1 
ATOM   566  C CD1 . LEU A 1 69  ? -6.914  8.203   12.152  1.00 32.81 ? 69  LEU A CD1 1 
ATOM   567  C CD2 . LEU A 1 69  ? -7.714  7.336   9.965   1.00 30.52 ? 69  LEU A CD2 1 
ATOM   568  N N   . PHE A 1 70  ? -6.131  11.354  7.295   1.00 32.18 ? 70  PHE A N   1 
ATOM   569  C CA  . PHE A 1 70  ? -5.647  12.602  6.746   1.00 35.12 ? 70  PHE A CA  1 
ATOM   570  C C   . PHE A 1 70  ? -6.676  13.595  7.225   1.00 36.80 ? 70  PHE A C   1 
ATOM   571  O O   . PHE A 1 70  ? -7.786  13.641  6.692   1.00 36.15 ? 70  PHE A O   1 
ATOM   572  C CB  . PHE A 1 70  ? -5.649  12.515  5.218   1.00 35.32 ? 70  PHE A CB  1 
ATOM   573  C CG  . PHE A 1 70  ? -5.082  13.722  4.538   1.00 37.15 ? 70  PHE A CG  1 
ATOM   574  C CD1 . PHE A 1 70  ? -3.757  14.099  4.749   1.00 37.28 ? 70  PHE A CD1 1 
ATOM   575  C CD2 . PHE A 1 70  ? -5.871  14.486  3.680   1.00 38.77 ? 70  PHE A CD2 1 
ATOM   576  C CE1 . PHE A 1 70  ? -3.215  15.223  4.121   1.00 37.92 ? 70  PHE A CE1 1 
ATOM   577  C CE2 . PHE A 1 70  ? -5.346  15.610  3.043   1.00 38.50 ? 70  PHE A CE2 1 
ATOM   578  C CZ  . PHE A 1 70  ? -4.011  15.981  3.266   1.00 39.34 ? 70  PHE A CZ  1 
ATOM   579  N N   . GLY A 1 71  ? -6.329  14.365  8.247   1.00 39.88 ? 71  GLY A N   1 
ATOM   580  C CA  . GLY A 1 71  ? -7.294  15.311  8.782   1.00 43.06 ? 71  GLY A CA  1 
ATOM   581  C C   . GLY A 1 71  ? -8.405  14.537  9.469   1.00 44.48 ? 71  GLY A C   1 
ATOM   582  O O   . GLY A 1 71  ? -8.129  13.633  10.249  1.00 46.07 ? 71  GLY A O   1 
ATOM   583  N N   . LYS A 1 72  ? -9.658  14.862  9.160   1.00 46.33 ? 72  LYS A N   1 
ATOM   584  C CA  . LYS A 1 72  ? -10.796 14.183  9.780   1.00 47.20 ? 72  LYS A CA  1 
ATOM   585  C C   . LYS A 1 72  ? -11.336 13.038  8.908   1.00 45.82 ? 72  LYS A C   1 
ATOM   586  O O   . LYS A 1 72  ? -12.444 12.516  9.124   1.00 46.62 ? 72  LYS A O   1 
ATOM   587  C CB  . LYS A 1 72  ? -11.911 15.205  10.038  1.00 51.27 ? 72  LYS A CB  1 
ATOM   588  C CG  . LYS A 1 72  ? -13.066 14.665  10.870  1.00 56.01 ? 72  LYS A CG  1 
ATOM   589  C CD  . LYS A 1 72  ? -14.094 15.740  11.174  1.00 59.31 ? 72  LYS A CD  1 
ATOM   590  C CE  . LYS A 1 72  ? -15.029 15.278  12.283  1.00 61.33 ? 72  LYS A CE  1 
ATOM   591  N NZ  . LYS A 1 72  ? -14.262 14.989  13.540  1.00 63.10 ? 72  LYS A NZ  1 
ATOM   592  N N   . GLU A 1 73  ? -10.543 12.629  7.931   1.00 41.78 ? 73  GLU A N   1 
ATOM   593  C CA  . GLU A 1 73  ? -10.997 11.600  7.029   1.00 38.56 ? 73  GLU A CA  1 
ATOM   594  C C   . GLU A 1 73  ? -10.052 10.431  6.988   1.00 34.09 ? 73  GLU A C   1 
ATOM   595  O O   . GLU A 1 73  ? -8.867  10.571  7.250   1.00 31.78 ? 73  GLU A O   1 
ATOM   596  C CB  . GLU A 1 73  ? -11.062 12.155  5.610   1.00 41.68 ? 73  GLU A CB  1 
ATOM   597  C CG  . GLU A 1 73  ? -11.669 13.548  5.504   1.00 47.63 ? 73  GLU A CG  1 
ATOM   598  C CD  . GLU A 1 73  ? -13.165 13.493  5.309   1.00 52.00 ? 73  GLU A CD  1 
ATOM   599  O OE1 . GLU A 1 73  ? -13.591 13.004  4.233   1.00 53.93 ? 73  GLU A OE1 1 
ATOM   600  O OE2 . GLU A 1 73  ? -13.912 13.934  6.224   1.00 54.84 ? 73  GLU A OE2 1 
ATOM   601  N N   . VAL A 1 74  ? -10.603 9.291   6.617   1.00 30.16 ? 74  VAL A N   1 
ATOM   602  C CA  . VAL A 1 74  ? -9.791  8.093   6.394   1.00 25.99 ? 74  VAL A CA  1 
ATOM   603  C C   . VAL A 1 74  ? -9.502  8.234   4.891   1.00 25.97 ? 74  VAL A C   1 
ATOM   604  O O   . VAL A 1 74  ? -10.439 8.260   4.066   1.00 25.91 ? 74  VAL A O   1 
ATOM   605  C CB  . VAL A 1 74  ? -10.595 6.847   6.657   1.00 25.33 ? 74  VAL A CB  1 
ATOM   606  C CG1 . VAL A 1 74  ? -9.799  5.612   6.227   1.00 25.08 ? 74  VAL A CG1 1 
ATOM   607  C CG2 . VAL A 1 74  ? -10.956 6.783   8.167   1.00 26.63 ? 74  VAL A CG2 1 
ATOM   608  N N   . ALA A 1 75  ? -8.224  8.365   4.535   1.00 23.02 ? 75  ALA A N   1 
ATOM   609  C CA  . ALA A 1 75  ? -7.820  8.576   3.155   1.00 22.42 ? 75  ALA A CA  1 
ATOM   610  C C   . ALA A 1 75  ? -7.561  7.297   2.396   1.00 22.08 ? 75  ALA A C   1 
ATOM   611  O O   . ALA A 1 75  ? -7.503  7.306   1.170   1.00 22.58 ? 75  ALA A O   1 
ATOM   612  C CB  . ALA A 1 75  ? -6.557  9.464   3.102   1.00 22.49 ? 75  ALA A CB  1 
ATOM   613  N N   . GLY A 1 76  ? -7.372  6.205   3.123   1.00 20.69 ? 76  GLY A N   1 
ATOM   614  C CA  . GLY A 1 76  ? -7.093  4.956   2.450   1.00 19.77 ? 76  GLY A CA  1 
ATOM   615  C C   . GLY A 1 76  ? -6.409  4.000   3.404   1.00 20.36 ? 76  GLY A C   1 
ATOM   616  O O   . GLY A 1 76  ? -6.602  4.093   4.608   1.00 21.01 ? 76  GLY A O   1 
ATOM   617  N N   . ARG A 1 77  ? -5.616  3.074   2.867   1.00 19.13 ? 77  ARG A N   1 
ATOM   618  C CA  . ARG A 1 77  ? -4.932  2.122   3.715   1.00 19.76 ? 77  ARG A CA  1 
ATOM   619  C C   . ARG A 1 77  ? -3.554  1.800   3.178   1.00 18.79 ? 77  ARG A C   1 
ATOM   620  O O   . ARG A 1 77  ? -3.273  2.014   2.012   1.00 20.21 ? 77  ARG A O   1 
ATOM   621  C CB  . ARG A 1 77  ? -5.738  0.794   3.841   1.00 19.35 ? 77  ARG A CB  1 
ATOM   622  C CG  . ARG A 1 77  ? -6.124  0.086   2.519   1.00 19.29 ? 77  ARG A CG  1 
ATOM   623  C CD  . ARG A 1 77  ? -5.030  -0.887  2.042   1.00 21.88 ? 77  ARG A CD  1 
ATOM   624  N NE  . ARG A 1 77  ? -5.399  -1.524  0.777   1.00 21.52 ? 77  ARG A NE  1 
ATOM   625  C CZ  . ARG A 1 77  ? -4.525  -2.001  -0.094  1.00 24.51 ? 77  ARG A CZ  1 
ATOM   626  N NH1 . ARG A 1 77  ? -3.203  -1.925  0.152   1.00 21.37 ? 77  ARG A NH1 1 
ATOM   627  N NH2 . ARG A 1 77  ? -4.968  -2.530  -1.227  1.00 22.89 ? 77  ARG A NH2 1 
ATOM   628  N N   . ILE A 1 78  ? -2.700  1.309   4.074   1.00 19.75 ? 78  ILE A N   1 
ATOM   629  C CA  . ILE A 1 78  ? -1.365  0.861   3.686   1.00 18.90 ? 78  ILE A CA  1 
ATOM   630  C C   . ILE A 1 78  ? -1.211  -0.527  4.332   1.00 20.07 ? 78  ILE A C   1 
ATOM   631  O O   . ILE A 1 78  ? -1.747  -0.795  5.422   1.00 19.49 ? 78  ILE A O   1 
ATOM   632  C CB  . ILE A 1 78  ? -0.266  1.877   4.122   1.00 19.51 ? 78  ILE A CB  1 
ATOM   633  C CG1 . ILE A 1 78  ? 1.101   1.307   3.749   1.00 19.20 ? 78  ILE A CG1 1 
ATOM   634  C CG2 . ILE A 1 78  ? -0.336  2.155   5.635   1.00 17.53 ? 78  ILE A CG2 1 
ATOM   635  C CD1 . ILE A 1 78  ? 2.289   2.376   3.795   1.00 19.60 ? 78  ILE A CD1 1 
ATOM   636  N N   . SER A 1 79  ? -0.521  -1.421  3.642   1.00 19.97 ? 79  SER A N   1 
ATOM   637  C CA  . SER A 1 79  ? -0.394  -2.796  4.109   1.00 19.17 ? 79  SER A CA  1 
ATOM   638  C C   . SER A 1 79  ? 0.984   -3.364  4.004   1.00 19.80 ? 79  SER A C   1 
ATOM   639  O O   . SER A 1 79  ? 1.639   -3.156  2.976   1.00 20.12 ? 79  SER A O   1 
ATOM   640  C CB  . SER A 1 79  ? -1.263  -3.710  3.252   1.00 20.42 ? 79  SER A CB  1 
ATOM   641  O OG  . SER A 1 79  ? -2.605  -3.213  3.219   1.00 20.34 ? 79  SER A OG  1 
ATOM   642  N N   . VAL A 1 80  ? 1.371   -4.113  5.047   1.00 19.73 ? 80  VAL A N   1 
ATOM   643  C CA  . VAL A 1 80  ? 2.605   -4.889  5.023   1.00 19.18 ? 80  VAL A CA  1 
ATOM   644  C C   . VAL A 1 80  ? 2.066   -6.237  4.591   1.00 20.65 ? 80  VAL A C   1 
ATOM   645  O O   . VAL A 1 80  ? 1.182   -6.788  5.238   1.00 21.98 ? 80  VAL A O   1 
ATOM   646  C CB  . VAL A 1 80  ? 3.233   -4.987  6.381   1.00 19.82 ? 80  VAL A CB  1 
ATOM   647  C CG1 . VAL A 1 80  ? 4.243   -6.155  6.402   1.00 21.76 ? 80  VAL A CG1 1 
ATOM   648  C CG2 . VAL A 1 80  ? 3.958   -3.681  6.638   1.00 20.38 ? 80  VAL A CG2 1 
ATOM   649  N N   . ILE A 1 81  ? 2.599   -6.742  3.481   1.00 19.65 ? 81  ILE A N   1 
ATOM   650  C CA  . ILE A 1 81  ? 2.153   -7.995  2.878   1.00 20.38 ? 81  ILE A CA  1 
ATOM   651  C C   . ILE A 1 81  ? 3.251   -9.041  2.930   1.00 23.17 ? 81  ILE A C   1 
ATOM   652  O O   . ILE A 1 81  ? 4.427   -8.760  2.650   1.00 21.65 ? 81  ILE A O   1 
ATOM   653  C CB  . ILE A 1 81  ? 1.747   -7.726  1.406   1.00 22.07 ? 81  ILE A CB  1 
ATOM   654  C CG1 . ILE A 1 81  ? 0.527   -6.798  1.386   1.00 23.33 ? 81  ILE A CG1 1 
ATOM   655  C CG2 . ILE A 1 81  ? 1.436   -9.036  0.649   1.00 23.35 ? 81  ILE A CG2 1 
ATOM   656  C CD1 . ILE A 1 81  ? 0.224   -6.221  -0.015  1.00 24.58 ? 81  ILE A CD1 1 
ATOM   657  N N   . ALA A 1 82  ? 2.869   -10.248 3.344   1.00 22.21 ? 82  ALA A N   1 
ATOM   658  C CA  . ALA A 1 82  ? 3.836   -11.350 3.360   1.00 23.47 ? 82  ALA A CA  1 
ATOM   659  C C   . ALA A 1 82  ? 5.194   -11.019 3.986   1.00 23.16 ? 82  ALA A C   1 
ATOM   660  O O   . ALA A 1 82  ? 6.252   -11.197 3.362   1.00 24.75 ? 82  ALA A O   1 
ATOM   661  C CB  . ALA A 1 82  ? 4.036   -11.851 1.912   1.00 24.96 ? 82  ALA A CB  1 
ATOM   662  N N   . PRO A 1 83  ? 5.196   -10.541 5.218   1.00 23.53 ? 83  PRO A N   1 
ATOM   663  C CA  . PRO A 1 83  ? 6.485   -10.224 5.842   1.00 23.67 ? 83  PRO A CA  1 
ATOM   664  C C   . PRO A 1 83  ? 7.224   -11.533 6.131   1.00 25.41 ? 83  PRO A C   1 
ATOM   665  O O   . PRO A 1 83  ? 6.622   -12.510 6.617   1.00 23.51 ? 83  PRO A O   1 
ATOM   666  C CB  . PRO A 1 83  ? 6.080   -9.496  7.111   1.00 25.18 ? 83  PRO A CB  1 
ATOM   667  C CG  . PRO A 1 83  ? 4.742   -10.111 7.472   1.00 25.12 ? 83  PRO A CG  1 
ATOM   668  C CD  . PRO A 1 83  ? 4.067   -10.207 6.112   1.00 23.73 ? 83  PRO A CD  1 
ATOM   669  N N   . GLU A 1 84  ? 8.512   -11.569 5.813   1.00 24.18 ? 84  GLU A N   1 
ATOM   670  C CA  . GLU A 1 84  ? 9.306   -12.774 6.021   1.00 26.32 ? 84  GLU A CA  1 
ATOM   671  C C   . GLU A 1 84  ? 10.592  -12.400 6.718   1.00 25.89 ? 84  GLU A C   1 
ATOM   672  O O   . GLU A 1 84  ? 11.616  -12.178 6.063   1.00 25.78 ? 84  GLU A O   1 
ATOM   673  C CB  . GLU A 1 84  ? 9.652   -13.414 4.693   1.00 28.15 ? 84  GLU A CB  1 
ATOM   674  C CG  . GLU A 1 84  ? 8.492   -14.023 3.937   1.00 31.88 ? 84  GLU A CG  1 
ATOM   675  C CD  . GLU A 1 84  ? 8.969   -14.797 2.721   1.00 34.52 ? 84  GLU A CD  1 
ATOM   676  O OE1 . GLU A 1 84  ? 9.783   -15.727 2.893   1.00 37.61 ? 84  GLU A OE1 1 
ATOM   677  O OE2 . GLU A 1 84  ? 8.538   -14.480 1.595   1.00 37.31 ? 84  GLU A OE2 1 
ATOM   678  N N   . PRO A 1 85  ? 10.547  -12.297 8.047   1.00 27.69 ? 85  PRO A N   1 
ATOM   679  C CA  . PRO A 1 85  ? 11.689  -11.945 8.884   1.00 27.76 ? 85  PRO A CA  1 
ATOM   680  C C   . PRO A 1 85  ? 12.897  -12.794 8.582   1.00 29.28 ? 85  PRO A C   1 
ATOM   681  O O   . PRO A 1 85  ? 14.024  -12.307 8.660   1.00 26.56 ? 85  PRO A O   1 
ATOM   682  C CB  . PRO A 1 85  ? 11.190  -12.210 10.305  1.00 28.45 ? 85  PRO A CB  1 
ATOM   683  C CG  . PRO A 1 85  ? 9.746   -12.028 10.213  1.00 29.61 ? 85  PRO A CG  1 
ATOM   684  C CD  . PRO A 1 85  ? 9.359   -12.591 8.873   1.00 27.49 ? 85  PRO A CD  1 
ATOM   685  N N   . GLU A 1 86  ? 12.672  -14.066 8.254   1.00 29.96 ? 86  GLU A N   1 
ATOM   686  C CA  . GLU A 1 86  ? 13.802  -14.955 7.979   1.00 33.27 ? 86  GLU A CA  1 
ATOM   687  C C   . GLU A 1 86  ? 14.593  -14.544 6.752   1.00 30.93 ? 86  GLU A C   1 
ATOM   688  O O   . GLU A 1 86  ? 15.772  -14.885 6.619   1.00 32.24 ? 86  GLU A O   1 
ATOM   689  C CB  . GLU A 1 86  ? 13.337  -16.411 7.841   1.00 35.53 ? 86  GLU A CB  1 
ATOM   690  C CG  . GLU A 1 86  ? 12.725  -16.970 9.139   1.00 42.92 ? 86  GLU A CG  1 
ATOM   691  C CD  . GLU A 1 86  ? 13.706  -16.990 10.325  1.00 46.78 ? 86  GLU A CD  1 
ATOM   692  O OE1 . GLU A 1 86  ? 14.725  -17.721 10.259  1.00 49.87 ? 86  GLU A OE1 1 
ATOM   693  O OE2 . GLU A 1 86  ? 13.461  -16.273 11.331  1.00 49.76 ? 86  GLU A OE2 1 
ATOM   694  N N   . HIS A 1 87  ? 13.970  -13.777 5.871   1.00 26.74 ? 87  HIS A N   1 
ATOM   695  C CA  . HIS A 1 87  ? 14.666  -13.328 4.681   1.00 25.92 ? 87  HIS A CA  1 
ATOM   696  C C   . HIS A 1 87  ? 14.796  -11.799 4.707   1.00 23.14 ? 87  HIS A C   1 
ATOM   697  O O   . HIS A 1 87  ? 15.193  -11.185 3.722   1.00 22.80 ? 87  HIS A O   1 
ATOM   698  C CB  . HIS A 1 87  ? 13.907  -13.789 3.440   1.00 27.48 ? 87  HIS A CB  1 
ATOM   699  C CG  . HIS A 1 87  ? 13.934  -15.275 3.248   1.00 30.92 ? 87  HIS A CG  1 
ATOM   700  N ND1 . HIS A 1 87  ? 15.098  -15.964 2.980   1.00 31.69 ? 87  HIS A ND1 1 
ATOM   701  C CD2 . HIS A 1 87  ? 12.942  -16.200 3.273   1.00 32.66 ? 87  HIS A CD2 1 
ATOM   702  C CE1 . HIS A 1 87  ? 14.823  -17.253 2.842   1.00 33.52 ? 87  HIS A CE1 1 
ATOM   703  N NE2 . HIS A 1 87  ? 13.520  -17.423 3.014   1.00 33.44 ? 87  HIS A NE2 1 
ATOM   704  N N   . ALA A 1 88  ? 14.488  -11.213 5.858   1.00 22.24 ? 88  ALA A N   1 
ATOM   705  C CA  . ALA A 1 88  ? 14.546  -9.761  6.057   1.00 21.08 ? 88  ALA A CA  1 
ATOM   706  C C   . ALA A 1 88  ? 13.852  -9.028  4.925   1.00 19.63 ? 88  ALA A C   1 
ATOM   707  O O   . ALA A 1 88  ? 14.385  -8.070  4.397   1.00 20.70 ? 88  ALA A O   1 
ATOM   708  C CB  . ALA A 1 88  ? 15.984  -9.292  6.158   1.00 21.18 ? 88  ALA A CB  1 
ATOM   709  N N   . LYS A 1 89  ? 12.650  -9.466  4.565   1.00 19.94 ? 89  LYS A N   1 
ATOM   710  C CA  . LYS A 1 89  ? 11.953  -8.759  3.498   1.00 19.35 ? 89  LYS A CA  1 
ATOM   711  C C   . LYS A 1 89  ? 10.454  -8.726  3.707   1.00 20.50 ? 89  LYS A C   1 
ATOM   712  O O   . LYS A 1 89  ? 9.900   -9.512  4.489   1.00 20.37 ? 89  LYS A O   1 
ATOM   713  C CB  . LYS A 1 89  ? 12.260  -9.425  2.170   1.00 19.27 ? 89  LYS A CB  1 
ATOM   714  C CG  . LYS A 1 89  ? 11.645  -10.807 2.073   1.00 20.66 ? 89  LYS A CG  1 
ATOM   715  C CD  . LYS A 1 89  ? 11.962  -11.440 0.719   1.00 23.21 ? 89  LYS A CD  1 
ATOM   716  C CE  . LYS A 1 89  ? 11.290  -12.793 0.617   1.00 26.63 ? 89  LYS A CE  1 
ATOM   717  N NZ  . LYS A 1 89  ? 11.517  -13.401 -0.719  1.00 28.01 ? 89  LYS A NZ  1 
ATOM   718  N N   . LEU A 1 90  ? 9.815   -7.785  3.023   1.00 18.83 ? 90  LEU A N   1 
ATOM   719  C CA  . LEU A 1 90  ? 8.362   -7.696  3.060   1.00 19.85 ? 90  LEU A CA  1 
ATOM   720  C C   . LEU A 1 90  ? 7.895   -6.988  1.814   1.00 19.37 ? 90  LEU A C   1 
ATOM   721  O O   . LEU A 1 90  ? 8.717   -6.486  1.017   1.00 18.98 ? 90  LEU A O   1 
ATOM   722  C CB  . LEU A 1 90  ? 7.881   -6.960  4.342   1.00 20.38 ? 90  LEU A CB  1 
ATOM   723  C CG  . LEU A 1 90  ? 8.316   -5.510  4.575   1.00 21.09 ? 90  LEU A CG  1 
ATOM   724  C CD1 . LEU A 1 90  ? 7.464   -4.529  3.827   1.00 21.53 ? 90  LEU A CD1 1 
ATOM   725  C CD2 . LEU A 1 90  ? 8.147   -5.202  6.065   1.00 27.18 ? 90  LEU A CD2 1 
ATOM   726  N N   . GLU A 1 91  ? 6.577   -6.967  1.609   1.00 19.75 ? 91  GLU A N   1 
ATOM   727  C CA  . GLU A 1 91  ? 5.996   -6.244  0.471   1.00 19.76 ? 91  GLU A CA  1 
ATOM   728  C C   . GLU A 1 91  ? 5.125   -5.139  1.073   1.00 20.18 ? 91  GLU A C   1 
ATOM   729  O O   . GLU A 1 91  ? 4.558   -5.320  2.152   1.00 19.30 ? 91  GLU A O   1 
ATOM   730  C CB  . GLU A 1 91  ? 5.130   -7.173  -0.389  1.00 21.09 ? 91  GLU A CB  1 
ATOM   731  C CG  . GLU A 1 91  ? 4.438   -6.431  -1.552  1.00 20.17 ? 91  GLU A CG  1 
ATOM   732  C CD  . GLU A 1 91  ? 3.769   -7.397  -2.507  1.00 25.17 ? 91  GLU A CD  1 
ATOM   733  O OE1 . GLU A 1 91  ? 4.354   -8.472  -2.740  1.00 24.46 ? 91  GLU A OE1 1 
ATOM   734  O OE2 . GLU A 1 91  ? 2.673   -7.072  -3.024  1.00 25.90 ? 91  GLU A OE2 1 
ATOM   735  N N   . LEU A 1 92  ? 5.047   -3.992  0.402   1.00 20.40 ? 92  LEU A N   1 
ATOM   736  C CA  . LEU A 1 92  ? 4.245   -2.886  0.927   1.00 20.65 ? 92  LEU A CA  1 
ATOM   737  C C   . LEU A 1 92  ? 3.260   -2.492  -0.161  1.00 21.87 ? 92  LEU A C   1 
ATOM   738  O O   . LEU A 1 92  ? 3.610   -2.479  -1.333  1.00 23.09 ? 92  LEU A O   1 
ATOM   739  C CB  . LEU A 1 92  ? 5.176   -1.711  1.271   1.00 21.94 ? 92  LEU A CB  1 
ATOM   740  C CG  . LEU A 1 92  ? 4.710   -0.614  2.201   1.00 27.53 ? 92  LEU A CG  1 
ATOM   741  C CD1 . LEU A 1 92  ? 4.377   -1.188  3.611   1.00 26.64 ? 92  LEU A CD1 1 
ATOM   742  C CD2 . LEU A 1 92  ? 5.879   0.406   2.309   1.00 25.99 ? 92  LEU A CD2 1 
ATOM   743  N N   . GLY A 1 93  ? 2.007   -2.211  0.197   1.00 21.83 ? 93  GLY A N   1 
ATOM   744  C CA  . GLY A 1 93  ? 1.060   -1.807  -0.829  1.00 22.19 ? 93  GLY A CA  1 
ATOM   745  C C   . GLY A 1 93  ? 0.117   -0.778  -0.235  1.00 22.90 ? 93  GLY A C   1 
ATOM   746  O O   . GLY A 1 93  ? -0.248  -0.873  0.946   1.00 21.02 ? 93  GLY A O   1 
ATOM   747  N N   . THR A 1 94  ? -0.299  0.189   -1.041  1.00 21.89 ? 94  THR A N   1 
ATOM   748  C CA  . THR A 1 94  ? -1.213  1.215   -0.532  1.00 23.50 ? 94  THR A CA  1 
ATOM   749  C C   . THR A 1 94  ? -2.381  1.360   -1.490  1.00 22.60 ? 94  THR A C   1 
ATOM   750  O O   . THR A 1 94  ? -2.313  0.914   -2.660  1.00 23.39 ? 94  THR A O   1 
ATOM   751  C CB  . THR A 1 94  ? -0.516  2.584   -0.472  1.00 25.41 ? 94  THR A CB  1 
ATOM   752  O OG1 . THR A 1 94  ? -0.200  2.984   -1.817  1.00 29.99 ? 94  THR A OG1 1 
ATOM   753  C CG2 . THR A 1 94  ? 0.769   2.475   0.321   1.00 24.42 ? 94  THR A CG2 1 
ATOM   754  N N   . MET A 1 95  ? -3.470  1.924   -0.958  1.00 21.99 ? 95  MET A N   1 
ATOM   755  C CA  . MET A 1 95  ? -4.630  2.269   -1.769  1.00 22.18 ? 95  MET A CA  1 
ATOM   756  C C   . MET A 1 95  ? -5.258  3.500   -1.127  1.00 22.21 ? 95  MET A C   1 
ATOM   757  O O   . MET A 1 95  ? -5.612  3.504   0.065   1.00 21.93 ? 95  MET A O   1 
ATOM   758  C CB  . MET A 1 95  ? -5.669  1.153   -1.870  1.00 23.13 ? 95  MET A CB  1 
ATOM   759  C CG  . MET A 1 95  ? -6.730  1.540   -2.919  1.00 25.10 ? 95  MET A CG  1 
ATOM   760  S SD  . MET A 1 95  ? -8.279  0.684   -2.668  1.00 28.89 ? 95  MET A SD  1 
ATOM   761  C CE  . MET A 1 95  ? -8.909  1.628   -1.335  1.00 25.33 ? 95  MET A CE  1 
ATOM   762  N N   . LEU A 1 96  ? -5.351  4.567   -1.914  1.00 22.32 ? 96  LEU A N   1 
ATOM   763  C CA  . LEU A 1 96  ? -5.935  5.809   -1.419  1.00 22.71 ? 96  LEU A CA  1 
ATOM   764  C C   . LEU A 1 96  ? -7.223  6.063   -2.187  1.00 23.10 ? 96  LEU A C   1 
ATOM   765  O O   . LEU A 1 96  ? -7.332  5.737   -3.384  1.00 21.90 ? 96  LEU A O   1 
ATOM   766  C CB  . LEU A 1 96  ? -4.976  6.978   -1.656  1.00 24.96 ? 96  LEU A CB  1 
ATOM   767  C CG  . LEU A 1 96  ? -3.778  7.090   -0.718  1.00 26.81 ? 96  LEU A CG  1 
ATOM   768  C CD1 . LEU A 1 96  ? -4.339  7.262   0.660   1.00 30.31 ? 96  LEU A CD1 1 
ATOM   769  C CD2 . LEU A 1 96  ? -2.868  5.848   -0.741  1.00 29.98 ? 96  LEU A CD2 1 
ATOM   770  N N   . PHE A 1 97  ? -8.204  6.616   -1.489  1.00 22.64 ? 97  PHE A N   1 
ATOM   771  C CA  . PHE A 1 97  ? -9.473  6.964   -2.147  1.00 23.56 ? 97  PHE A CA  1 
ATOM   772  C C   . PHE A 1 97  ? -9.191  8.160   -3.079  1.00 25.04 ? 97  PHE A C   1 
ATOM   773  O O   . PHE A 1 97  ? -8.315  8.998   -2.804  1.00 24.50 ? 97  PHE A O   1 
ATOM   774  C CB  . PHE A 1 97  ? -10.513 7.347   -1.099  1.00 22.89 ? 97  PHE A CB  1 
ATOM   775  C CG  . PHE A 1 97  ? -10.828 6.229   -0.136  1.00 22.69 ? 97  PHE A CG  1 
ATOM   776  C CD1 . PHE A 1 97  ? -11.162 4.971   -0.610  1.00 22.42 ? 97  PHE A CD1 1 
ATOM   777  C CD2 . PHE A 1 97  ? -10.748 6.450   1.245   1.00 22.65 ? 97  PHE A CD2 1 
ATOM   778  C CE1 . PHE A 1 97  ? -11.412 3.911   0.298   1.00 22.97 ? 97  PHE A CE1 1 
ATOM   779  C CE2 . PHE A 1 97  ? -10.986 5.429   2.151   1.00 22.23 ? 97  PHE A CE2 1 
ATOM   780  C CZ  . PHE A 1 97  ? -11.319 4.146   1.671   1.00 21.54 ? 97  PHE A CZ  1 
ATOM   781  N N   . LYS A 1 98  ? -9.955  8.225   -4.167  1.00 24.71 ? 98  LYS A N   1 
ATOM   782  C CA  . LYS A 1 98  ? -9.767  9.246   -5.173  1.00 28.69 ? 98  LYS A CA  1 
ATOM   783  C C   . LYS A 1 98  ? -9.551  10.688  -4.710  1.00 28.72 ? 98  LYS A C   1 
ATOM   784  O O   . LYS A 1 98  ? -8.634  11.359  -5.171  1.00 28.59 ? 98  LYS A O   1 
ATOM   785  C CB  . LYS A 1 98  ? -10.926 9.175   -6.166  1.00 30.05 ? 98  LYS A CB  1 
ATOM   786  C CG  . LYS A 1 98  ? -10.736 10.130  -7.332  1.00 36.29 ? 98  LYS A CG  1 
ATOM   787  C CD  . LYS A 1 98  ? -9.587  9.678   -8.205  1.00 38.36 ? 98  LYS A CD  1 
ATOM   788  C CE  . LYS A 1 98  ? -10.035 8.612   -9.166  1.00 41.80 ? 98  LYS A CE  1 
ATOM   789  N NZ  . LYS A 1 98  ? -11.166 9.079   -10.023 1.00 45.86 ? 98  LYS A NZ  1 
ATOM   790  N N   . PRO A 1 99  ? -10.372 11.183  -3.786  1.00 28.71 ? 99  PRO A N   1 
ATOM   791  C CA  . PRO A 1 99  ? -10.204 12.567  -3.319  1.00 29.27 ? 99  PRO A CA  1 
ATOM   792  C C   . PRO A 1 99  ? -8.838  12.905  -2.733  1.00 29.75 ? 99  PRO A C   1 
ATOM   793  O O   . PRO A 1 99  ? -8.453  14.076  -2.649  1.00 28.49 ? 99  PRO A O   1 
ATOM   794  C CB  . PRO A 1 99  ? -11.286 12.706  -2.258  1.00 30.04 ? 99  PRO A CB  1 
ATOM   795  C CG  . PRO A 1 99  ? -12.348 11.750  -2.712  1.00 31.65 ? 99  PRO A CG  1 
ATOM   796  C CD  . PRO A 1 99  ? -11.570 10.558  -3.205  1.00 28.56 ? 99  PRO A CD  1 
ATOM   797  N N   . PHE A 1 100 ? -8.114  11.879  -2.304  1.00 27.42 ? 100 PHE A N   1 
ATOM   798  C CA  . PHE A 1 100 ? -6.855  12.103  -1.652  1.00 27.71 ? 100 PHE A CA  1 
ATOM   799  C C   . PHE A 1 100 ? -5.653  11.870  -2.556  1.00 27.64 ? 100 PHE A C   1 
ATOM   800  O O   . PHE A 1 100 ? -4.508  11.993  -2.121  1.00 28.87 ? 100 PHE A O   1 
ATOM   801  C CB  . PHE A 1 100 ? -6.812  11.208  -0.390  1.00 27.73 ? 100 PHE A CB  1 
ATOM   802  C CG  . PHE A 1 100 ? -8.002  11.387  0.509   1.00 29.66 ? 100 PHE A CG  1 
ATOM   803  C CD1 . PHE A 1 100 ? -8.084  12.474  1.387   1.00 31.45 ? 100 PHE A CD1 1 
ATOM   804  C CD2 . PHE A 1 100 ? -9.090  10.519  0.415   1.00 27.70 ? 100 PHE A CD2 1 
ATOM   805  C CE1 . PHE A 1 100 ? -9.243  12.691  2.158   1.00 32.40 ? 100 PHE A CE1 1 
ATOM   806  C CE2 . PHE A 1 100 ? -10.249 10.730  1.176   1.00 29.58 ? 100 PHE A CE2 1 
ATOM   807  C CZ  . PHE A 1 100 ? -10.324 11.818  2.047   1.00 30.32 ? 100 PHE A CZ  1 
ATOM   808  N N   . TRP A 1 101 ? -5.907  11.518  -3.812  1.00 27.83 ? 101 TRP A N   1 
ATOM   809  C CA  . TRP A 1 101 ? -4.817  11.300  -4.751  1.00 30.05 ? 101 TRP A CA  1 
ATOM   810  C C   . TRP A 1 101 ? -4.074  12.619  -4.893  1.00 32.39 ? 101 TRP A C   1 
ATOM   811  O O   . TRP A 1 101 ? -4.696  13.674  -4.995  1.00 34.78 ? 101 TRP A O   1 
ATOM   812  C CB  . TRP A 1 101 ? -5.355  10.878  -6.099  1.00 29.36 ? 101 TRP A CB  1 
ATOM   813  C CG  . TRP A 1 101 ? -5.827  9.437   -6.159  1.00 29.11 ? 101 TRP A CG  1 
ATOM   814  C CD1 . TRP A 1 101 ? -6.009  8.578   -5.103  1.00 29.49 ? 101 TRP A CD1 1 
ATOM   815  C CD2 . TRP A 1 101 ? -6.144  8.706   -7.335  1.00 29.95 ? 101 TRP A CD2 1 
ATOM   816  N NE1 . TRP A 1 101 ? -6.418  7.345   -5.563  1.00 28.42 ? 101 TRP A NE1 1 
ATOM   817  C CE2 . TRP A 1 101 ? -6.511  7.400   -6.933  1.00 30.39 ? 101 TRP A CE2 1 
ATOM   818  C CE3 . TRP A 1 101 ? -6.153  9.022   -8.707  1.00 29.22 ? 101 TRP A CE3 1 
ATOM   819  C CZ2 . TRP A 1 101 ? -6.888  6.415   -7.854  1.00 30.47 ? 101 TRP A CZ2 1 
ATOM   820  C CZ3 . TRP A 1 101 ? -6.528  8.037   -9.622  1.00 30.05 ? 101 TRP A CZ3 1 
ATOM   821  C CH2 . TRP A 1 101 ? -6.891  6.752   -9.193  1.00 31.23 ? 101 TRP A CH2 1 
ATOM   822  N N   . GLY A 1 102 ? -2.757  12.582  -4.888  1.00 33.02 ? 102 GLY A N   1 
ATOM   823  C CA  . GLY A 1 102 ? -2.058  13.857  -5.003  1.00 36.06 ? 102 GLY A CA  1 
ATOM   824  C C   . GLY A 1 102 ? -1.881  14.611  -3.689  1.00 35.46 ? 102 GLY A C   1 
ATOM   825  O O   . GLY A 1 102 ? -1.216  15.652  -3.667  1.00 37.51 ? 102 GLY A O   1 
ATOM   826  N N   . SER A 1 103 ? -2.502  14.149  -2.607  1.00 32.94 ? 103 SER A N   1 
ATOM   827  C CA  . SER A 1 103 ? -2.284  14.770  -1.306  1.00 31.90 ? 103 SER A CA  1 
ATOM   828  C C   . SER A 1 103 ? -0.961  14.121  -0.819  1.00 30.74 ? 103 SER A C   1 
ATOM   829  O O   . SER A 1 103 ? -0.412  13.248  -1.483  1.00 30.46 ? 103 SER A O   1 
ATOM   830  C CB  . SER A 1 103 ? -3.393  14.386  -0.334  1.00 33.14 ? 103 SER A CB  1 
ATOM   831  O OG  . SER A 1 103 ? -3.260  13.008  0.056   1.00 29.56 ? 103 SER A OG  1 
ATOM   832  N N   . PRO A 1 104 ? -0.434  14.553  0.331   1.00 30.27 ? 104 PRO A N   1 
ATOM   833  C CA  . PRO A 1 104 ? 0.810   13.935  0.812   1.00 28.69 ? 104 PRO A CA  1 
ATOM   834  C C   . PRO A 1 104 ? 0.567   12.571  1.485   1.00 27.47 ? 104 PRO A C   1 
ATOM   835  O O   . PRO A 1 104 ? 1.508   11.936  1.945   1.00 26.84 ? 104 PRO A O   1 
ATOM   836  C CB  . PRO A 1 104 ? 1.328   14.926  1.855   1.00 30.52 ? 104 PRO A CB  1 
ATOM   837  C CG  . PRO A 1 104 ? 0.622   16.228  1.550   1.00 31.47 ? 104 PRO A CG  1 
ATOM   838  C CD  . PRO A 1 104 ? -0.740  15.803  1.050   1.00 30.51 ? 104 PRO A CD  1 
ATOM   839  N N   . ALA A 1 105 ? -0.684  12.110  1.536   1.00 26.60 ? 105 ALA A N   1 
ATOM   840  C CA  . ALA A 1 105 ? -0.990  10.893  2.287   1.00 26.77 ? 105 ALA A CA  1 
ATOM   841  C C   . ALA A 1 105 ? -0.229  9.635   1.929   1.00 25.64 ? 105 ALA A C   1 
ATOM   842  O O   . ALA A 1 105 ? 0.305   8.944   2.814   1.00 25.50 ? 105 ALA A O   1 
ATOM   843  C CB  . ALA A 1 105 ? -2.503  10.618  2.213   1.00 25.50 ? 105 ALA A CB  1 
ATOM   844  N N   . ASN A 1 106 ? -0.214  9.324   0.636   1.00 25.35 ? 106 ASN A N   1 
ATOM   845  C CA  . ASN A 1 106 ? 0.445   8.120   0.144   1.00 25.87 ? 106 ASN A CA  1 
ATOM   846  C C   . ASN A 1 106 ? 1.936   8.172   0.485   1.00 25.22 ? 106 ASN A C   1 
ATOM   847  O O   . ASN A 1 106 ? 2.495   7.245   1.077   1.00 23.18 ? 106 ASN A O   1 
ATOM   848  C CB  . ASN A 1 106 ? 0.252   8.030   -1.363  1.00 28.15 ? 106 ASN A CB  1 
ATOM   849  C CG  . ASN A 1 106 ? 0.391   6.606   -1.895  1.00 31.51 ? 106 ASN A CG  1 
ATOM   850  O OD1 . ASN A 1 106 ? 1.055   5.773   -1.293  1.00 31.53 ? 106 ASN A OD1 1 
ATOM   851  N ND2 . ASN A 1 106 ? -0.250  6.331   -3.042  1.00 33.98 ? 106 ASN A ND2 1 
ATOM   852  N N   . LYS A 1 107 ? 2.586   9.268   0.124   1.00 23.98 ? 107 LYS A N   1 
ATOM   853  C CA  . LYS A 1 107 ? 4.018   9.354   0.419   1.00 25.19 ? 107 LYS A CA  1 
ATOM   854  C C   . LYS A 1 107 ? 4.352   9.286   1.891   1.00 23.77 ? 107 LYS A C   1 
ATOM   855  O O   . LYS A 1 107 ? 5.325   8.632   2.272   1.00 23.09 ? 107 LYS A O   1 
ATOM   856  C CB  . LYS A 1 107 ? 4.622   10.650  -0.145  1.00 26.77 ? 107 LYS A CB  1 
ATOM   857  C CG  . LYS A 1 107 ? 4.594   10.751  -1.667  1.00 31.19 ? 107 LYS A CG  1 
ATOM   858  C CD  . LYS A 1 107 ? 5.451   11.950  -2.150  1.00 35.60 ? 107 LYS A CD  1 
ATOM   859  C CE  . LYS A 1 107 ? 4.805   13.272  -1.752  1.00 36.17 ? 107 LYS A CE  1 
ATOM   860  N NZ  . LYS A 1 107 ? 3.523   13.445  -2.498  1.00 40.46 ? 107 LYS A NZ  1 
ATOM   861  N N   . GLU A 1 108 ? 3.592   9.972   2.738   1.00 22.48 ? 108 GLU A N   1 
ATOM   862  C CA  . GLU A 1 108 ? 3.958   9.918   4.147   1.00 21.75 ? 108 GLU A CA  1 
ATOM   863  C C   . GLU A 1 108 ? 3.642   8.555   4.748   1.00 22.43 ? 108 GLU A C   1 
ATOM   864  O O   . GLU A 1 108 ? 4.374   8.102   5.609   1.00 21.15 ? 108 GLU A O   1 
ATOM   865  C CB  . GLU A 1 108 ? 3.316   11.043  4.975   1.00 24.12 ? 108 GLU A CB  1 
ATOM   866  C CG  . GLU A 1 108 ? 3.991   11.120  6.344   1.00 22.97 ? 108 GLU A CG  1 
ATOM   867  C CD  . GLU A 1 108 ? 3.590   12.327  7.166   1.00 27.91 ? 108 GLU A CD  1 
ATOM   868  O OE1 . GLU A 1 108 ? 2.380   12.596  7.279   1.00 27.24 ? 108 GLU A OE1 1 
ATOM   869  O OE2 . GLU A 1 108 ? 4.508   12.976  7.724   1.00 28.16 ? 108 GLU A OE2 1 
ATOM   870  N N   . ALA A 1 109 ? 2.572   7.895   4.275   1.00 21.87 ? 109 ALA A N   1 
ATOM   871  C CA  . ALA A 1 109 ? 2.271   6.558   4.800   1.00 22.14 ? 109 ALA A CA  1 
ATOM   872  C C   . ALA A 1 109 ? 3.459   5.659   4.470   1.00 21.77 ? 109 ALA A C   1 
ATOM   873  O O   . ALA A 1 109 ? 3.942   4.928   5.337   1.00 21.46 ? 109 ALA A O   1 
ATOM   874  C CB  . ALA A 1 109 ? 0.994   5.979   4.178   1.00 20.90 ? 109 ALA A CB  1 
ATOM   875  N N   . LYS A 1 110 ? 3.914   5.695   3.214   1.00 21.33 ? 110 LYS A N   1 
ATOM   876  C CA  . LYS A 1 110 ? 5.082   4.882   2.844   1.00 21.75 ? 110 LYS A CA  1 
ATOM   877  C C   . LYS A 1 110 ? 6.315   5.266   3.649   1.00 23.56 ? 110 LYS A C   1 
ATOM   878  O O   . LYS A 1 110 ? 7.072   4.424   4.120   1.00 23.55 ? 110 LYS A O   1 
ATOM   879  C CB  . LYS A 1 110 ? 5.422   5.034   1.345   1.00 21.61 ? 110 LYS A CB  1 
ATOM   880  C CG  . LYS A 1 110 ? 4.376   4.462   0.404   1.00 25.97 ? 110 LYS A CG  1 
ATOM   881  C CD  . LYS A 1 110 ? 4.952   4.378   -1.012  1.00 32.37 ? 110 LYS A CD  1 
ATOM   882  C CE  . LYS A 1 110 ? 4.153   3.442   -1.919  1.00 34.34 ? 110 LYS A CE  1 
ATOM   883  N NZ  . LYS A 1 110 ? 2.953   4.111   -2.454  1.00 38.88 ? 110 LYS A NZ  1 
HETATM 884  N N   . IYR A 1 111 ? 6.549   6.564   3.785   1.00 22.93 ? 111 IYR A N   1 
HETATM 885  C CA  . IYR A 1 111 ? 7.710   7.013   4.566   1.00 22.92 ? 111 IYR A CA  1 
HETATM 886  C CB  . IYR A 1 111 ? 7.665   8.530   4.681   1.00 23.69 ? 111 IYR A CB  1 
HETATM 887  C CC  . IYR A 1 111 ? 8.749   9.105   5.563   1.00 25.80 ? 111 IYR A CC  1 
HETATM 888  C CD  . IYR A 1 111 ? 8.485   9.471   6.888   1.00 28.31 ? 111 IYR A CD  1 
HETATM 889  C CE  . IYR A 1 111 ? 9.473   10.047  7.675   1.00 31.08 ? 111 IYR A CE  1 
HETATM 890  I IE  . IYR A 1 111 ? 9.087   10.482  9.670   1.00 37.27 ? 111 IYR A IE  1 
HETATM 891  C CF  . IYR A 1 111 ? 10.728  10.266  7.159   1.00 32.77 ? 111 IYR A CF  1 
HETATM 892  O OF  . IYR A 1 111 ? 11.688  10.870  7.946   1.00 32.58 ? 111 IYR A OF  1 
HETATM 893  C CG  . IYR A 1 111 ? 11.022  9.912   5.863   1.00 29.62 ? 111 IYR A CG  1 
HETATM 894  C CH  . IYR A 1 111 ? 10.034  9.326   5.057   1.00 29.51 ? 111 IYR A CH  1 
HETATM 895  C C   . IYR A 1 111 ? 7.728   6.402   5.944   1.00 22.54 ? 111 IYR A C   1 
HETATM 896  O O   . IYR A 1 111 ? 8.746   5.875   6.399   1.00 22.54 ? 111 IYR A O   1 
ATOM   897  N N   . LEU A 1 112 ? 6.585   6.454   6.625   1.00 22.36 ? 112 LEU A N   1 
ATOM   898  C CA  . LEU A 1 112 ? 6.507   5.934   7.974   1.00 22.14 ? 112 LEU A CA  1 
ATOM   899  C C   . LEU A 1 112 ? 6.763   4.453   8.047   1.00 20.82 ? 112 LEU A C   1 
ATOM   900  O O   . LEU A 1 112 ? 7.501   4.005   8.916   1.00 20.49 ? 112 LEU A O   1 
ATOM   901  C CB  . LEU A 1 112 ? 5.135   6.255   8.596   1.00 21.64 ? 112 LEU A CB  1 
ATOM   902  C CG  . LEU A 1 112 ? 4.916   7.749   8.844   1.00 24.74 ? 112 LEU A CG  1 
ATOM   903  C CD1 . LEU A 1 112 ? 3.439   8.066   9.036   1.00 24.43 ? 112 LEU A CD1 1 
ATOM   904  C CD2 . LEU A 1 112 ? 5.706   8.132   10.098  1.00 25.59 ? 112 LEU A CD2 1 
ATOM   905  N N   . LEU A 1 113 ? 6.153   3.687   7.134   1.00 21.41 ? 113 LEU A N   1 
ATOM   906  C CA  . LEU A 1 113 ? 6.364   2.238   7.137   1.00 21.92 ? 113 LEU A CA  1 
ATOM   907  C C   . LEU A 1 113 ? 7.771   1.849   6.678   1.00 21.68 ? 113 LEU A C   1 
ATOM   908  O O   . LEU A 1 113 ? 8.384   0.947   7.266   1.00 21.72 ? 113 LEU A O   1 
ATOM   909  C CB  . LEU A 1 113 ? 5.332   1.539   6.241   1.00 22.06 ? 113 LEU A CB  1 
ATOM   910  C CG  . LEU A 1 113 ? 4.128   0.961   7.020   1.00 23.18 ? 113 LEU A CG  1 
ATOM   911  C CD1 . LEU A 1 113 ? 4.572   -0.138  7.979   1.00 23.99 ? 113 LEU A CD1 1 
ATOM   912  C CD2 . LEU A 1 113 ? 3.458   2.062   7.795   1.00 23.86 ? 113 LEU A CD2 1 
ATOM   913  N N   . LEU A 1 114 ? 8.288   2.520   5.640   1.00 20.83 ? 114 LEU A N   1 
ATOM   914  C CA  . LEU A 1 114 ? 9.633   2.201   5.159   1.00 21.86 ? 114 LEU A CA  1 
ATOM   915  C C   . LEU A 1 114 ? 10.657  2.488   6.246   1.00 22.13 ? 114 LEU A C   1 
ATOM   916  O O   . LEU A 1 114 ? 11.604  1.734   6.431   1.00 21.21 ? 114 LEU A O   1 
ATOM   917  C CB  . LEU A 1 114 ? 9.966   3.020   3.900   1.00 21.20 ? 114 LEU A CB  1 
ATOM   918  C CG  . LEU A 1 114 ? 9.140   2.548   2.697   1.00 21.23 ? 114 LEU A CG  1 
ATOM   919  C CD1 . LEU A 1 114 ? 9.222   3.530   1.558   1.00 21.80 ? 114 LEU A CD1 1 
ATOM   920  C CD2 . LEU A 1 114 ? 9.674   1.150   2.227   1.00 24.53 ? 114 LEU A CD2 1 
ATOM   921  N N   . ARG A 1 115 ? 10.461  3.567   6.984   1.00 22.60 ? 115 ARG A N   1 
ATOM   922  C CA  . ARG A 1 115 ? 11.411  3.898   8.046   1.00 24.67 ? 115 ARG A CA  1 
ATOM   923  C C   . ARG A 1 115 ? 11.426  2.798   9.118   1.00 23.43 ? 115 ARG A C   1 
ATOM   924  O O   . ARG A 1 115 ? 12.478  2.355   9.575   1.00 23.90 ? 115 ARG A O   1 
ATOM   925  C CB  . ARG A 1 115 ? 11.082  5.260   8.674   1.00 25.55 ? 115 ARG A CB  1 
ATOM   926  C CG  . ARG A 1 115 ? 12.204  5.692   9.637   1.00 31.20 ? 115 ARG A CG  1 
ATOM   927  C CD  . ARG A 1 115 ? 12.047  7.113   10.166  1.00 35.43 ? 115 ARG A CD  1 
ATOM   928  N NE  . ARG A 1 115 ? 10.810  7.236   10.910  1.00 39.86 ? 115 ARG A NE  1 
ATOM   929  C CZ  . ARG A 1 115 ? 10.556  8.194   11.796  1.00 42.66 ? 115 ARG A CZ  1 
ATOM   930  N NH1 . ARG A 1 115 ? 11.481  9.122   12.063  1.00 43.26 ? 115 ARG A NH1 1 
ATOM   931  N NH2 . ARG A 1 115 ? 9.360   8.239   12.383  1.00 43.91 ? 115 ARG A NH2 1 
ATOM   932  N N   . HIS A 1 116 ? 10.250  2.318   9.499   1.00 21.84 ? 116 HIS A N   1 
ATOM   933  C CA  . HIS A 1 116 ? 10.211  1.293   10.505  1.00 22.69 ? 116 HIS A CA  1 
ATOM   934  C C   . HIS A 1 116 ? 10.847  0.016   9.913   1.00 21.58 ? 116 HIS A C   1 
ATOM   935  O O   . HIS A 1 116 ? 11.656  -0.664  10.540  1.00 21.36 ? 116 HIS A O   1 
ATOM   936  C CB  . HIS A 1 116 ? 8.758   1.011   10.932  1.00 21.72 ? 116 HIS A CB  1 
ATOM   937  C CG  . HIS A 1 116 ? 8.645   -0.012  12.025  1.00 23.11 ? 116 HIS A CG  1 
ATOM   938  N ND1 . HIS A 1 116 ? 8.866   0.297   13.349  1.00 23.09 ? 116 HIS A ND1 1 
ATOM   939  C CD2 . HIS A 1 116 ? 8.404   -1.342  11.988  1.00 22.40 ? 116 HIS A CD2 1 
ATOM   940  C CE1 . HIS A 1 116 ? 8.770   -0.799  14.079  1.00 22.16 ? 116 HIS A CE1 1 
ATOM   941  N NE2 . HIS A 1 116 ? 8.491   -1.808  13.282  1.00 21.86 ? 116 HIS A NE2 1 
ATOM   942  N N   . ALA A 1 117 ? 10.478  -0.319  8.688   1.00 20.28 ? 117 ALA A N   1 
ATOM   943  C CA  . ALA A 1 117 ? 11.022  -1.546  8.131   1.00 19.25 ? 117 ALA A CA  1 
ATOM   944  C C   . ALA A 1 117 ? 12.553  -1.567  8.048   1.00 20.15 ? 117 ALA A C   1 
ATOM   945  O O   . ALA A 1 117 ? 13.183  -2.529  8.455   1.00 20.62 ? 117 ALA A O   1 
ATOM   946  C CB  . ALA A 1 117 ? 10.444  -1.801  6.720   1.00 18.40 ? 117 ALA A CB  1 
ATOM   947  N N   . PHE A 1 118 ? 13.116  -0.509  7.489   1.00 20.97 ? 118 PHE A N   1 
ATOM   948  C CA  . PHE A 1 118 ? 14.564  -0.453  7.305   1.00 20.23 ? 118 PHE A CA  1 
ATOM   949  C C   . PHE A 1 118 ? 15.345  -0.076  8.553   1.00 22.68 ? 118 PHE A C   1 
ATOM   950  O O   . PHE A 1 118 ? 16.372  -0.706  8.871   1.00 23.00 ? 118 PHE A O   1 
ATOM   951  C CB  . PHE A 1 118 ? 14.883  0.531   6.205   1.00 20.87 ? 118 PHE A CB  1 
ATOM   952  C CG  . PHE A 1 118 ? 14.511  0.057   4.830   1.00 19.08 ? 118 PHE A CG  1 
ATOM   953  C CD1 . PHE A 1 118 ? 15.042  -1.126  4.323   1.00 22.91 ? 118 PHE A CD1 1 
ATOM   954  C CD2 . PHE A 1 118 ? 13.661  0.824   4.029   1.00 18.84 ? 118 PHE A CD2 1 
ATOM   955  C CE1 . PHE A 1 118 ? 14.733  -1.551  2.999   1.00 20.99 ? 118 PHE A CE1 1 
ATOM   956  C CE2 . PHE A 1 118 ? 13.345  0.433   2.724   1.00 18.82 ? 118 PHE A CE2 1 
ATOM   957  C CZ  . PHE A 1 118 ? 13.878  -0.754  2.199   1.00 19.70 ? 118 PHE A CZ  1 
ATOM   958  N N   . GLU A 1 119 ? 14.871  0.934   9.258   1.00 21.93 ? 119 GLU A N   1 
ATOM   959  C CA  . GLU A 1 119 ? 15.625  1.402   10.416  1.00 24.01 ? 119 GLU A CA  1 
ATOM   960  C C   . GLU A 1 119 ? 15.435  0.658   11.726  1.00 25.87 ? 119 GLU A C   1 
ATOM   961  O O   . GLU A 1 119 ? 16.346  0.608   12.570  1.00 26.79 ? 119 GLU A O   1 
ATOM   962  C CB  . GLU A 1 119 ? 15.365  2.903   10.588  1.00 25.07 ? 119 GLU A CB  1 
ATOM   963  C CG  . GLU A 1 119 ? 15.841  3.691   9.380   1.00 25.77 ? 119 GLU A CG  1 
ATOM   964  C CD  . GLU A 1 119 ? 15.639  5.176   9.518   1.00 27.98 ? 119 GLU A CD  1 
ATOM   965  O OE1 . GLU A 1 119 ? 15.558  5.618   10.684  1.00 31.20 ? 119 GLU A OE1 1 
ATOM   966  O OE2 . GLU A 1 119 ? 15.566  5.899   8.493   1.00 27.67 ? 119 GLU A OE2 1 
ATOM   967  N N   . VAL A 1 120 ? 14.283  0.044   11.911  1.00 24.27 ? 120 VAL A N   1 
ATOM   968  C CA  . VAL A 1 120 ? 13.998  -0.645  13.162  1.00 24.04 ? 120 VAL A CA  1 
ATOM   969  C C   . VAL A 1 120 ? 14.029  -2.137  12.964  1.00 23.87 ? 120 VAL A C   1 
ATOM   970  O O   . VAL A 1 120 ? 14.706  -2.854  13.700  1.00 25.97 ? 120 VAL A O   1 
ATOM   971  C CB  . VAL A 1 120 ? 12.624  -0.195  13.693  1.00 24.60 ? 120 VAL A CB  1 
ATOM   972  C CG1 . VAL A 1 120 ? 12.275  -0.917  15.009  1.00 25.93 ? 120 VAL A CG1 1 
ATOM   973  C CG2 . VAL A 1 120 ? 12.626  1.291   13.874  1.00 26.55 ? 120 VAL A CG2 1 
ATOM   974  N N   . LEU A 1 121 ? 13.353  -2.647  11.931  1.00 22.21 ? 121 LEU A N   1 
ATOM   975  C CA  . LEU A 1 121 ? 13.371  -4.078  11.734  1.00 20.90 ? 121 LEU A CA  1 
ATOM   976  C C   . LEU A 1 121 ? 14.583  -4.566  10.924  1.00 22.32 ? 121 LEU A C   1 
ATOM   977  O O   . LEU A 1 121 ? 14.767  -5.750  10.778  1.00 24.43 ? 121 LEU A O   1 
ATOM   978  C CB  . LEU A 1 121 ? 12.062  -4.531  11.054  1.00 21.15 ? 121 LEU A CB  1 
ATOM   979  C CG  . LEU A 1 121 ? 10.815  -4.222  11.894  1.00 23.05 ? 121 LEU A CG  1 
ATOM   980  C CD1 . LEU A 1 121 ? 9.544   -4.623  11.064  1.00 21.92 ? 121 LEU A CD1 1 
ATOM   981  C CD2 . LEU A 1 121 ? 10.816  -5.038  13.175  1.00 22.26 ? 121 LEU A CD2 1 
ATOM   982  N N   . ARG A 1 122 ? 15.363  -3.637  10.381  1.00 22.73 ? 122 ARG A N   1 
ATOM   983  C CA  . ARG A 1 122 ? 16.556  -3.990  9.598   1.00 25.71 ? 122 ARG A CA  1 
ATOM   984  C C   . ARG A 1 122 ? 16.242  -4.859  8.378   1.00 24.03 ? 122 ARG A C   1 
ATOM   985  O O   . ARG A 1 122 ? 16.976  -5.798  8.013   1.00 24.16 ? 122 ARG A O   1 
ATOM   986  C CB  . ARG A 1 122 ? 17.585  -4.682  10.484  1.00 31.16 ? 122 ARG A CB  1 
ATOM   987  C CG  . ARG A 1 122 ? 18.104  -3.787  11.619  1.00 38.41 ? 122 ARG A CG  1 
ATOM   988  C CD  . ARG A 1 122 ? 18.873  -4.569  12.719  1.00 44.68 ? 122 ARG A CD  1 
ATOM   989  N NE  . ARG A 1 122 ? 20.186  -5.038  12.301  1.00 50.97 ? 122 ARG A NE  1 
ATOM   990  C CZ  . ARG A 1 122 ? 21.064  -5.646  13.102  1.00 53.58 ? 122 ARG A CZ  1 
ATOM   991  N NH1 . ARG A 1 122 ? 20.779  -5.866  14.383  1.00 54.22 ? 122 ARG A NH1 1 
ATOM   992  N NH2 . ARG A 1 122 ? 22.241  -6.039  12.618  1.00 54.82 ? 122 ARG A NH2 1 
ATOM   993  N N   . ALA A 1 123 ? 15.122  -4.549  7.741   1.00 22.63 ? 123 ALA A N   1 
ATOM   994  C CA  . ALA A 1 123 ? 14.756  -5.255  6.515   1.00 22.29 ? 123 ALA A CA  1 
ATOM   995  C C   . ALA A 1 123 ? 15.827  -4.960  5.466   1.00 22.12 ? 123 ALA A C   1 
ATOM   996  O O   . ALA A 1 123 ? 16.384  -3.862  5.423   1.00 23.75 ? 123 ALA A O   1 
ATOM   997  C CB  . ALA A 1 123 ? 13.424  -4.713  6.007   1.00 22.81 ? 123 ALA A CB  1 
ATOM   998  N N   . GLU A 1 124 ? 16.113  -5.932  4.611   1.00 20.00 ? 124 GLU A N   1 
ATOM   999  C CA  . GLU A 1 124 ? 17.058  -5.740  3.539   1.00 21.15 ? 124 GLU A CA  1 
ATOM   1000 C C   . GLU A 1 124 ? 16.312  -5.378  2.256   1.00 20.71 ? 124 GLU A C   1 
ATOM   1001 O O   . GLU A 1 124 ? 16.833  -4.681  1.391   1.00 22.47 ? 124 GLU A O   1 
ATOM   1002 C CB  . GLU A 1 124 ? 17.816  -7.046  3.309   1.00 24.31 ? 124 GLU A CB  1 
ATOM   1003 C CG  . GLU A 1 124 ? 18.866  -6.960  2.210   1.00 32.26 ? 124 GLU A CG  1 
ATOM   1004 C CD  . GLU A 1 124 ? 19.846  -5.817  2.408   1.00 39.40 ? 124 GLU A CD  1 
ATOM   1005 O OE1 . GLU A 1 124 ? 20.352  -5.662  3.546   1.00 40.17 ? 124 GLU A OE1 1 
ATOM   1006 O OE2 . GLU A 1 124 ? 20.101  -5.094  1.402   1.00 42.31 ? 124 GLU A OE2 1 
ATOM   1007 N N   . ARG A 1 125 ? 15.080  -5.877  2.130   1.00 20.21 ? 125 ARG A N   1 
ATOM   1008 C CA  . ARG A 1 125 ? 14.332  -5.651  0.900   1.00 19.86 ? 125 ARG A CA  1 
ATOM   1009 C C   . ARG A 1 125 ? 12.876  -5.348  1.127   1.00 19.63 ? 125 ARG A C   1 
ATOM   1010 O O   . ARG A 1 125 ? 12.208  -6.083  1.874   1.00 20.06 ? 125 ARG A O   1 
ATOM   1011 C CB  . ARG A 1 125 ? 14.411  -6.929  0.016   1.00 19.49 ? 125 ARG A CB  1 
ATOM   1012 C CG  . ARG A 1 125 ? 13.473  -6.943  -1.222  1.00 18.52 ? 125 ARG A CG  1 
ATOM   1013 C CD  . ARG A 1 125 ? 13.383  -8.400  -1.866  1.00 18.75 ? 125 ARG A CD  1 
ATOM   1014 N NE  . ARG A 1 125 ? 12.389  -8.424  -2.958  1.00 18.93 ? 125 ARG A NE  1 
ATOM   1015 C CZ  . ARG A 1 125 ? 12.617  -7.944  -4.180  1.00 21.01 ? 125 ARG A CZ  1 
ATOM   1016 N NH1 . ARG A 1 125 ? 13.804  -7.443  -4.482  1.00 21.65 ? 125 ARG A NH1 1 
ATOM   1017 N NH2 . ARG A 1 125 ? 11.649  -7.892  -5.088  1.00 20.47 ? 125 ARG A NH2 1 
ATOM   1018 N N   . VAL A 1 126 ? 12.394  -4.268  0.518   1.00 19.04 ? 126 VAL A N   1 
ATOM   1019 C CA  . VAL A 1 126 ? 10.947  -3.998  0.551   1.00 18.44 ? 126 VAL A CA  1 
ATOM   1020 C C   . VAL A 1 126 ? 10.495  -4.005  -0.906  1.00 19.88 ? 126 VAL A C   1 
ATOM   1021 O O   . VAL A 1 126 ? 11.020  -3.251  -1.759  1.00 18.97 ? 126 VAL A O   1 
ATOM   1022 C CB  . VAL A 1 126 ? 10.612  -2.638  1.172   1.00 17.80 ? 126 VAL A CB  1 
ATOM   1023 C CG1 . VAL A 1 126 ? 9.084   -2.348  0.981   1.00 19.37 ? 126 VAL A CG1 1 
ATOM   1024 C CG2 . VAL A 1 126 ? 10.965  -2.691  2.667   1.00 18.09 ? 126 VAL A CG2 1 
ATOM   1025 N N   . GLN A 1 127 ? 9.516   -4.850  -1.223  1.00 20.43 ? 127 GLN A N   1 
ATOM   1026 C CA  . GLN A 1 127 ? 9.082   -4.862  -2.623  1.00 20.98 ? 127 GLN A CA  1 
ATOM   1027 C C   . GLN A 1 127 ? 7.686   -4.286  -2.783  1.00 20.86 ? 127 GLN A C   1 
ATOM   1028 O O   . GLN A 1 127 ? 6.955   -4.174  -1.796  1.00 20.70 ? 127 GLN A O   1 
ATOM   1029 C CB  . GLN A 1 127 ? 9.153   -6.281  -3.201  1.00 25.63 ? 127 GLN A CB  1 
ATOM   1030 C CG  . GLN A 1 127 ? 8.112   -7.240  -2.778  1.00 27.32 ? 127 GLN A CG  1 
ATOM   1031 C CD  . GLN A 1 127 ? 8.106   -8.502  -3.685  1.00 27.59 ? 127 GLN A CD  1 
ATOM   1032 O OE1 . GLN A 1 127 ? 9.125   -8.878  -4.276  1.00 27.22 ? 127 GLN A OE1 1 
ATOM   1033 N NE2 . GLN A 1 127 ? 6.982   -9.169  -3.738  1.00 23.86 ? 127 GLN A NE2 1 
ATOM   1034 N N   . PHE A 1 128 ? 7.380   -3.849  -3.996  1.00 21.08 ? 128 PHE A N   1 
ATOM   1035 C CA  . PHE A 1 128 ? 6.074   -3.303  -4.353  1.00 21.24 ? 128 PHE A CA  1 
ATOM   1036 C C   . PHE A 1 128 ? 5.659   -4.044  -5.610  1.00 21.91 ? 128 PHE A C   1 
ATOM   1037 O O   . PHE A 1 128 ? 6.491   -4.393  -6.439  1.00 21.03 ? 128 PHE A O   1 
ATOM   1038 C CB  . PHE A 1 128 ? 6.154   -1.820  -4.717  1.00 22.68 ? 128 PHE A CB  1 
ATOM   1039 C CG  . PHE A 1 128 ? 6.708   -0.958  -3.625  1.00 22.85 ? 128 PHE A CG  1 
ATOM   1040 C CD1 . PHE A 1 128 ? 5.852   -0.326  -2.742  1.00 22.93 ? 128 PHE A CD1 1 
ATOM   1041 C CD2 . PHE A 1 128 ? 8.090   -0.808  -3.474  1.00 25.18 ? 128 PHE A CD2 1 
ATOM   1042 C CE1 . PHE A 1 128 ? 6.355   0.466   -1.696  1.00 22.62 ? 128 PHE A CE1 1 
ATOM   1043 C CE2 . PHE A 1 128 ? 8.606   -0.027  -2.432  1.00 23.68 ? 128 PHE A CE2 1 
ATOM   1044 C CZ  . PHE A 1 128 ? 7.716   0.615   -1.537  1.00 21.22 ? 128 PHE A CZ  1 
ATOM   1045 N N   . LYS A 1 129 ? 4.368   -4.270  -5.774  1.00 22.21 ? 129 LYS A N   1 
ATOM   1046 C CA  . LYS A 1 129 ? 3.924   -4.966  -6.964  1.00 24.31 ? 129 LYS A CA  1 
ATOM   1047 C C   . LYS A 1 129 ? 2.736   -4.193  -7.516  1.00 25.75 ? 129 LYS A C   1 
ATOM   1048 O O   . LYS A 1 129 ? 1.800   -3.909  -6.777  1.00 27.51 ? 129 LYS A O   1 
ATOM   1049 C CB  . LYS A 1 129 ? 3.531   -6.390  -6.544  1.00 30.17 ? 129 LYS A CB  1 
ATOM   1050 C CG  . LYS A 1 129 ? 3.497   -7.401  -7.627  1.00 35.37 ? 129 LYS A CG  1 
ATOM   1051 C CD  . LYS A 1 129 ? 3.289   -8.821  -7.041  1.00 38.10 ? 129 LYS A CD  1 
ATOM   1052 C CE  . LYS A 1 129 ? 4.600   -9.425  -6.593  1.00 40.43 ? 129 LYS A CE  1 
ATOM   1053 N NZ  . LYS A 1 129 ? 4.363   -10.671 -5.785  1.00 43.22 ? 129 LYS A NZ  1 
ATOM   1054 N N   . VAL A 1 130 ? 2.771   -3.818  -8.785  1.00 24.32 ? 130 VAL A N   1 
ATOM   1055 C CA  . VAL A 1 130 ? 1.648   -3.082  -9.341  1.00 26.21 ? 130 VAL A CA  1 
ATOM   1056 C C   . VAL A 1 130 ? 1.265   -3.591  -10.712 1.00 24.82 ? 130 VAL A C   1 
ATOM   1057 O O   . VAL A 1 130 ? 2.087   -4.073  -11.462 1.00 22.71 ? 130 VAL A O   1 
ATOM   1058 C CB  . VAL A 1 130 ? 1.969   -1.593  -9.454  1.00 28.40 ? 130 VAL A CB  1 
ATOM   1059 C CG1 . VAL A 1 130 ? 2.181   -1.005  -8.062  1.00 31.81 ? 130 VAL A CG1 1 
ATOM   1060 C CG2 . VAL A 1 130 ? 3.228   -1.386  -10.273 1.00 30.49 ? 130 VAL A CG2 1 
ATOM   1061 N N   . ASP A 1 131 ? -0.004  -3.435  -11.038 1.00 24.22 ? 131 ASP A N   1 
ATOM   1062 C CA  . ASP A 1 131 ? -0.501  -3.876  -12.340 1.00 25.05 ? 131 ASP A CA  1 
ATOM   1063 C C   . ASP A 1 131 ? 0.226   -3.116  -13.432 1.00 25.53 ? 131 ASP A C   1 
ATOM   1064 O O   . ASP A 1 131 ? 0.454   -1.904  -13.328 1.00 25.46 ? 131 ASP A O   1 
ATOM   1065 C CB  . ASP A 1 131 ? -2.000  -3.568  -12.415 1.00 25.09 ? 131 ASP A CB  1 
ATOM   1066 C CG  . ASP A 1 131 ? -2.709  -4.311  -13.552 1.00 25.68 ? 131 ASP A CG  1 
ATOM   1067 O OD1 . ASP A 1 131 ? -2.290  -4.199  -14.718 1.00 27.30 ? 131 ASP A OD1 1 
ATOM   1068 O OD2 . ASP A 1 131 ? -3.706  -4.991  -13.248 1.00 28.31 ? 131 ASP A OD2 1 
ATOM   1069 N N   . LEU A 1 132 ? 0.616   -3.823  -14.487 1.00 24.09 ? 132 LEU A N   1 
ATOM   1070 C CA  . LEU A 1 132 ? 1.299   -3.185  -15.604 1.00 25.23 ? 132 LEU A CA  1 
ATOM   1071 C C   . LEU A 1 132 ? 0.407   -2.082  -16.192 1.00 26.65 ? 132 LEU A C   1 
ATOM   1072 O O   . LEU A 1 132 ? 0.905   -1.160  -16.820 1.00 27.12 ? 132 LEU A O   1 
ATOM   1073 C CB  . LEU A 1 132 ? 1.606   -4.226  -16.690 1.00 25.66 ? 132 LEU A CB  1 
ATOM   1074 C CG  . LEU A 1 132 ? 2.298   -3.763  -17.971 1.00 26.26 ? 132 LEU A CG  1 
ATOM   1075 C CD1 . LEU A 1 132 ? 3.698   -3.245  -17.695 1.00 28.30 ? 132 LEU A CD1 1 
ATOM   1076 C CD2 . LEU A 1 132 ? 2.346   -4.965  -18.954 1.00 28.12 ? 132 LEU A CD2 1 
ATOM   1077 N N   . ARG A 1 133 ? -0.901  -2.183  -15.981 1.00 27.26 ? 133 ARG A N   1 
ATOM   1078 C CA  . ARG A 1 133 ? -1.800  -1.163  -16.515 1.00 29.60 ? 133 ARG A CA  1 
ATOM   1079 C C   . ARG A 1 133 ? -1.918  0.058   -15.602 1.00 30.17 ? 133 ARG A C   1 
ATOM   1080 O O   . ARG A 1 133 ? -2.465  1.087   -16.025 1.00 30.29 ? 133 ARG A O   1 
ATOM   1081 C CB  . ARG A 1 133 ? -3.194  -1.742  -16.739 1.00 32.11 ? 133 ARG A CB  1 
ATOM   1082 C CG  . ARG A 1 133 ? -3.285  -2.844  -17.796 1.00 35.15 ? 133 ARG A CG  1 
ATOM   1083 C CD  . ARG A 1 133 ? -4.652  -3.542  -17.669 1.00 39.17 ? 133 ARG A CD  1 
ATOM   1084 N NE  . ARG A 1 133 ? -4.881  -3.935  -16.269 1.00 43.55 ? 133 ARG A NE  1 
ATOM   1085 C CZ  . ARG A 1 133 ? -6.030  -4.402  -15.774 1.00 45.23 ? 133 ARG A CZ  1 
ATOM   1086 N NH1 . ARG A 1 133 ? -7.095  -4.555  -16.558 1.00 49.16 ? 133 ARG A NH1 1 
ATOM   1087 N NH2 . ARG A 1 133 ? -6.129  -4.696  -14.485 1.00 46.12 ? 133 ARG A NH2 1 
ATOM   1088 N N   . ASN A 1 134 ? -1.436  -0.050  -14.362 1.00 28.08 ? 134 ASN A N   1 
ATOM   1089 C CA  . ASN A 1 134 ? -1.523  1.055   -13.392 1.00 26.17 ? 134 ASN A CA  1 
ATOM   1090 C C   . ASN A 1 134 ? -0.351  2.033   -13.606 1.00 26.50 ? 134 ASN A C   1 
ATOM   1091 O O   . ASN A 1 134 ? 0.666   2.001   -12.900 1.00 25.16 ? 134 ASN A O   1 
ATOM   1092 C CB  . ASN A 1 134 ? -1.499  0.498   -11.965 1.00 26.88 ? 134 ASN A CB  1 
ATOM   1093 C CG  . ASN A 1 134 ? -1.874  1.534   -10.919 1.00 26.54 ? 134 ASN A CG  1 
ATOM   1094 O OD1 . ASN A 1 134 ? -1.960  2.723   -11.228 1.00 26.85 ? 134 ASN A OD1 1 
ATOM   1095 N ND2 . ASN A 1 134 ? -2.107  1.090   -9.682  1.00 27.59 ? 134 ASN A ND2 1 
ATOM   1096 N N   . GLU A 1 135 ? -0.492  2.896   -14.606 1.00 27.91 ? 135 GLU A N   1 
ATOM   1097 C CA  . GLU A 1 135 ? 0.545   3.865   -14.919 1.00 30.72 ? 135 GLU A CA  1 
ATOM   1098 C C   . GLU A 1 135 ? 0.806   4.812   -13.764 1.00 29.43 ? 135 GLU A C   1 
ATOM   1099 O O   . GLU A 1 135 ? 1.936   5.129   -13.472 1.00 30.33 ? 135 GLU A O   1 
ATOM   1100 C CB  . GLU A 1 135 ? 0.142   4.710   -16.131 1.00 33.82 ? 135 GLU A CB  1 
ATOM   1101 C CG  . GLU A 1 135 ? -0.045  3.946   -17.431 1.00 39.57 ? 135 GLU A CG  1 
ATOM   1102 C CD  . GLU A 1 135 ? 1.224   3.259   -17.910 1.00 42.17 ? 135 GLU A CD  1 
ATOM   1103 O OE1 . GLU A 1 135 ? 2.336   3.677   -17.518 1.00 46.07 ? 135 GLU A OE1 1 
ATOM   1104 O OE2 . GLU A 1 135 ? 1.101   2.308   -18.706 1.00 44.75 ? 135 GLU A OE2 1 
ATOM   1105 N N   . ARG A 1 136 ? -0.262  5.270   -13.129 1.00 29.38 ? 136 ARG A N   1 
ATOM   1106 C CA  . ARG A 1 136 ? -0.176  6.224   -12.032 1.00 29.87 ? 136 ARG A CA  1 
ATOM   1107 C C   . ARG A 1 136 ? 0.749   5.706   -10.937 1.00 29.19 ? 136 ARG A C   1 
ATOM   1108 O O   . ARG A 1 136 ? 1.640   6.415   -10.462 1.00 27.38 ? 136 ARG A O   1 
ATOM   1109 C CB  . ARG A 1 136 ? -1.578  6.487   -11.446 1.00 30.29 ? 136 ARG A CB  1 
ATOM   1110 C CG  . ARG A 1 136 ? -1.572  7.513   -10.285 1.00 33.89 ? 136 ARG A CG  1 
ATOM   1111 C CD  . ARG A 1 136 ? -2.980  7.793   -9.704  1.00 34.54 ? 136 ARG A CD  1 
ATOM   1112 N NE  . ARG A 1 136 ? -3.479  6.622   -8.992  1.00 40.64 ? 136 ARG A NE  1 
ATOM   1113 C CZ  . ARG A 1 136 ? -3.364  6.408   -7.678  1.00 41.39 ? 136 ARG A CZ  1 
ATOM   1114 N NH1 . ARG A 1 136 ? -2.776  7.293   -6.873  1.00 40.37 ? 136 ARG A NH1 1 
ATOM   1115 N NH2 . ARG A 1 136 ? -3.811  5.268   -7.173  1.00 41.05 ? 136 ARG A NH2 1 
ATOM   1116 N N   . SER A 1 137 ? 0.555   4.453   -10.539 1.00 28.14 ? 137 SER A N   1 
ATOM   1117 C CA  . SER A 1 137 ? 1.386   3.932   -9.479  1.00 25.97 ? 137 SER A CA  1 
ATOM   1118 C C   . SER A 1 137 ? 2.806   3.662   -9.895  1.00 25.20 ? 137 SER A C   1 
ATOM   1119 O O   . SER A 1 137 ? 3.722   3.764   -9.070  1.00 24.91 ? 137 SER A O   1 
ATOM   1120 C CB  . SER A 1 137 ? 0.733   2.687   -8.893  1.00 27.77 ? 137 SER A CB  1 
ATOM   1121 O OG  . SER A 1 137 ? -0.445  3.093   -8.227  1.00 31.81 ? 137 SER A OG  1 
ATOM   1122 N N   . GLN A 1 138 ? 3.014   3.307   -11.163 1.00 25.15 ? 138 GLN A N   1 
ATOM   1123 C CA  . GLN A 1 138 ? 4.376   3.067   -11.626 1.00 24.84 ? 138 GLN A CA  1 
ATOM   1124 C C   . GLN A 1 138 ? 5.102   4.410   -11.596 1.00 25.78 ? 138 GLN A C   1 
ATOM   1125 O O   . GLN A 1 138 ? 6.251   4.494   -11.191 1.00 25.15 ? 138 GLN A O   1 
ATOM   1126 C CB  . GLN A 1 138 ? 4.377   2.471   -13.030 1.00 26.26 ? 138 GLN A CB  1 
ATOM   1127 C CG  . GLN A 1 138 ? 3.904   1.010   -13.076 1.00 26.20 ? 138 GLN A CG  1 
ATOM   1128 C CD  . GLN A 1 138 ? 3.703   0.553   -14.508 1.00 26.50 ? 138 GLN A CD  1 
ATOM   1129 O OE1 . GLN A 1 138 ? 4.647   0.518   -15.307 1.00 29.88 ? 138 GLN A OE1 1 
ATOM   1130 N NE2 . GLN A 1 138 ? 2.472   0.218   -14.847 1.00 27.69 ? 138 GLN A NE2 1 
ATOM   1131 N N   . ARG A 1 139 ? 4.424   5.473   -11.999 1.00 27.59 ? 139 ARG A N   1 
ATOM   1132 C CA  . ARG A 1 139 ? 5.097   6.775   -11.932 1.00 29.01 ? 139 ARG A CA  1 
ATOM   1133 C C   . ARG A 1 139 ? 5.392   7.160   -10.488 1.00 27.60 ? 139 ARG A C   1 
ATOM   1134 O O   . ARG A 1 139 ? 6.453   7.712   -10.192 1.00 28.97 ? 139 ARG A O   1 
ATOM   1135 C CB  . ARG A 1 139 ? 4.256   7.839   -12.617 1.00 33.89 ? 139 ARG A CB  1 
ATOM   1136 C CG  . ARG A 1 139 ? 4.330   7.691   -14.134 1.00 39.52 ? 139 ARG A CG  1 
ATOM   1137 C CD  . ARG A 1 139 ? 3.613   8.808   -14.825 1.00 43.69 ? 139 ARG A CD  1 
ATOM   1138 N NE  . ARG A 1 139 ? 2.200   8.775   -14.472 1.00 48.44 ? 139 ARG A NE  1 
ATOM   1139 C CZ  . ARG A 1 139 ? 1.236   8.337   -15.277 1.00 49.11 ? 139 ARG A CZ  1 
ATOM   1140 N NH1 . ARG A 1 139 ? 1.534   7.893   -16.507 1.00 48.23 ? 139 ARG A NH1 1 
ATOM   1141 N NH2 . ARG A 1 139 ? -0.021  8.328   -14.836 1.00 48.88 ? 139 ARG A NH2 1 
ATOM   1142 N N   . ALA A 1 140 ? 4.478   6.840   -9.574  1.00 26.58 ? 140 ALA A N   1 
ATOM   1143 C CA  . ALA A 1 140 ? 4.702   7.169   -8.166  1.00 26.70 ? 140 ALA A CA  1 
ATOM   1144 C C   . ALA A 1 140 ? 5.939   6.415   -7.627  1.00 27.25 ? 140 ALA A C   1 
ATOM   1145 O O   . ALA A 1 140 ? 6.752   6.972   -6.878  1.00 25.71 ? 140 ALA A O   1 
ATOM   1146 C CB  . ALA A 1 140 ? 3.438   6.817   -7.331  1.00 27.55 ? 140 ALA A CB  1 
ATOM   1147 N N   . LEU A 1 141 ? 6.078   5.135   -7.988  1.00 25.71 ? 141 LEU A N   1 
ATOM   1148 C CA  . LEU A 1 141 ? 7.225   4.363   -7.499  1.00 26.62 ? 141 LEU A CA  1 
ATOM   1149 C C   . LEU A 1 141 ? 8.522   4.826   -8.151  1.00 28.28 ? 141 LEU A C   1 
ATOM   1150 O O   . LEU A 1 141 ? 9.576   4.752   -7.535  1.00 27.36 ? 141 LEU A O   1 
ATOM   1151 C CB  . LEU A 1 141 ? 7.018   2.873   -7.767  1.00 25.81 ? 141 LEU A CB  1 
ATOM   1152 C CG  . LEU A 1 141 ? 5.899   2.264   -6.903  1.00 26.26 ? 141 LEU A CG  1 
ATOM   1153 C CD1 . LEU A 1 141 ? 5.622   0.849   -7.384  1.00 28.90 ? 141 LEU A CD1 1 
ATOM   1154 C CD2 . LEU A 1 141 ? 6.292   2.232   -5.430  1.00 28.91 ? 141 LEU A CD2 1 
ATOM   1155 N N   . GLU A 1 142 ? 8.438   5.273   -9.400  1.00 29.26 ? 142 GLU A N   1 
ATOM   1156 C CA  . GLU A 1 142 ? 9.632   5.774   -10.075 1.00 31.84 ? 142 GLU A CA  1 
ATOM   1157 C C   . GLU A 1 142 ? 10.075  7.015   -9.320  1.00 31.49 ? 142 GLU A C   1 
ATOM   1158 O O   . GLU A 1 142 ? 11.251  7.185   -9.031  1.00 32.57 ? 142 GLU A O   1 
ATOM   1159 C CB  . GLU A 1 142 ? 9.315   6.157   -11.520 1.00 32.37 ? 142 GLU A CB  1 
ATOM   1160 C CG  . GLU A 1 142 ? 8.967   4.994   -12.372 1.00 38.33 ? 142 GLU A CG  1 
ATOM   1161 C CD  . GLU A 1 142 ? 8.237   5.394   -13.644 1.00 40.39 ? 142 GLU A CD  1 
ATOM   1162 O OE1 . GLU A 1 142 ? 7.930   6.593   -13.834 1.00 41.61 ? 142 GLU A OE1 1 
ATOM   1163 O OE2 . GLU A 1 142 ? 7.947   4.489   -14.447 1.00 44.08 ? 142 GLU A OE2 1 
ATOM   1164 N N   . ALA A 1 143 ? 9.115   7.880   -8.993  1.00 32.03 ? 143 ALA A N   1 
ATOM   1165 C CA  . ALA A 1 143 ? 9.418   9.103   -8.255  1.00 31.92 ? 143 ALA A CA  1 
ATOM   1166 C C   . ALA A 1 143 ? 9.995   8.783   -6.880  1.00 31.67 ? 143 ALA A C   1 
ATOM   1167 O O   . ALA A 1 143 ? 10.854  9.504   -6.356  1.00 31.09 ? 143 ALA A O   1 
ATOM   1168 C CB  . ALA A 1 143 ? 8.153   9.953   -8.103  1.00 33.55 ? 143 ALA A CB  1 
ATOM   1169 N N   . LEU A 1 144 ? 9.513   7.700   -6.282  1.00 29.55 ? 144 LEU A N   1 
ATOM   1170 C CA  . LEU A 1 144 ? 9.993   7.282   -4.960  1.00 28.92 ? 144 LEU A CA  1 
ATOM   1171 C C   . LEU A 1 144 ? 11.454  6.858   -5.044  1.00 27.47 ? 144 LEU A C   1 
ATOM   1172 O O   . LEU A 1 144 ? 12.234  7.015   -4.091  1.00 27.10 ? 144 LEU A O   1 
ATOM   1173 C CB  . LEU A 1 144 ? 9.157   6.078   -4.488  1.00 29.66 ? 144 LEU A CB  1 
ATOM   1174 C CG  . LEU A 1 144 ? 9.605   5.399   -3.201  1.00 29.14 ? 144 LEU A CG  1 
ATOM   1175 C CD1 . LEU A 1 144 ? 9.245   6.300   -2.048  1.00 32.26 ? 144 LEU A CD1 1 
ATOM   1176 C CD2 . LEU A 1 144 ? 8.887   4.068   -3.032  1.00 34.40 ? 144 LEU A CD2 1 
ATOM   1177 N N   . GLY A 1 145 ? 11.811  6.284   -6.183  1.00 26.18 ? 145 GLY A N   1 
ATOM   1178 C CA  . GLY A 1 145 ? 13.168  5.820   -6.382  1.00 26.11 ? 145 GLY A CA  1 
ATOM   1179 C C   . GLY A 1 145 ? 13.260  4.300   -6.329  1.00 26.00 ? 145 GLY A C   1 
ATOM   1180 O O   . GLY A 1 145 ? 14.352  3.736   -6.357  1.00 26.27 ? 145 GLY A O   1 
ATOM   1181 N N   . ALA A 1 146 ? 12.109  3.621   -6.270  1.00 25.29 ? 146 ALA A N   1 
ATOM   1182 C CA  . ALA A 1 146 ? 12.164  2.161   -6.250  1.00 25.84 ? 146 ALA A CA  1 
ATOM   1183 C C   . ALA A 1 146 ? 12.677  1.694   -7.606  1.00 25.09 ? 146 ALA A C   1 
ATOM   1184 O O   . ALA A 1 146 ? 12.429  2.331   -8.633  1.00 25.91 ? 146 ALA A O   1 
ATOM   1185 C CB  . ALA A 1 146 ? 10.785  1.581   -5.990  1.00 23.02 ? 146 ALA A CB  1 
ATOM   1186 N N   . VAL A 1 147 ? 13.360  0.561   -7.603  1.00 23.17 ? 147 VAL A N   1 
ATOM   1187 C CA  . VAL A 1 147 ? 13.957  -0.022  -8.792  1.00 24.60 ? 147 VAL A CA  1 
ATOM   1188 C C   . VAL A 1 147 ? 13.007  -0.995  -9.457  1.00 23.64 ? 147 VAL A C   1 
ATOM   1189 O O   . VAL A 1 147 ? 12.491  -1.899  -8.806  1.00 22.21 ? 147 VAL A O   1 
ATOM   1190 C CB  . VAL A 1 147 ? 15.248  -0.749  -8.419  1.00 25.49 ? 147 VAL A CB  1 
ATOM   1191 C CG1 . VAL A 1 147 ? 15.826  -1.505  -9.606  1.00 28.10 ? 147 VAL A CG1 1 
ATOM   1192 C CG2 . VAL A 1 147 ? 16.262  0.255   -7.873  1.00 27.34 ? 147 VAL A CG2 1 
ATOM   1193 N N   . ARG A 1 148 ? 12.753  -0.791  -10.753 1.00 23.07 ? 148 ARG A N   1 
ATOM   1194 C CA  . ARG A 1 148 ? 11.859  -1.679  -11.496 1.00 23.28 ? 148 ARG A CA  1 
ATOM   1195 C C   . ARG A 1 148 ? 12.654  -2.929  -11.803 1.00 24.46 ? 148 ARG A C   1 
ATOM   1196 O O   . ARG A 1 148 ? 13.636  -2.882  -12.565 1.00 26.15 ? 148 ARG A O   1 
ATOM   1197 C CB  . ARG A 1 148 ? 11.408  -1.000  -12.796 1.00 24.21 ? 148 ARG A CB  1 
ATOM   1198 C CG  . ARG A 1 148 ? 10.303  -1.717  -13.573 1.00 24.52 ? 148 ARG A CG  1 
ATOM   1199 C CD  . ARG A 1 148 ? 10.122  -1.040  -14.946 1.00 28.36 ? 148 ARG A CD  1 
ATOM   1200 N NE  . ARG A 1 148 ? 9.107   -1.694  -15.772 1.00 30.38 ? 148 ARG A NE  1 
ATOM   1201 C CZ  . ARG A 1 148 ? 7.870   -1.242  -15.926 1.00 31.65 ? 148 ARG A CZ  1 
ATOM   1202 N NH1 . ARG A 1 148 ? 7.493   -0.119  -15.310 1.00 33.61 ? 148 ARG A NH1 1 
ATOM   1203 N NH2 . ARG A 1 148 ? 7.002   -1.907  -16.700 1.00 32.07 ? 148 ARG A NH2 1 
ATOM   1204 N N   . GLU A 1 149 ? 12.257  -4.058  -11.227 1.00 21.90 ? 149 GLU A N   1 
ATOM   1205 C CA  . GLU A 1 149 ? 13.028  -5.275  -11.464 1.00 21.95 ? 149 GLU A CA  1 
ATOM   1206 C C   . GLU A 1 149 ? 12.562  -6.059  -12.661 1.00 22.79 ? 149 GLU A C   1 
ATOM   1207 O O   . GLU A 1 149 ? 13.358  -6.774  -13.301 1.00 24.62 ? 149 GLU A O   1 
ATOM   1208 C CB  . GLU A 1 149 ? 13.000  -6.158  -10.221 1.00 21.43 ? 149 GLU A CB  1 
ATOM   1209 C CG  . GLU A 1 149 ? 13.795  -5.512  -9.082  1.00 19.96 ? 149 GLU A CG  1 
ATOM   1210 C CD  . GLU A 1 149 ? 13.750  -6.287  -7.774  1.00 22.19 ? 149 GLU A CD  1 
ATOM   1211 O OE1 . GLU A 1 149 ? 12.787  -7.001  -7.556  1.00 21.60 ? 149 GLU A OE1 1 
ATOM   1212 O OE2 . GLU A 1 149 ? 14.661  -6.147  -6.935  1.00 21.81 ? 149 GLU A OE2 1 
ATOM   1213 N N   . GLY A 1 150 ? 11.270  -5.981  -12.940 1.00 24.26 ? 150 GLY A N   1 
ATOM   1214 C CA  . GLY A 1 150 ? 10.754  -6.705  -14.092 1.00 25.17 ? 150 GLY A CA  1 
ATOM   1215 C C   . GLY A 1 150 ? 9.260   -6.891  -14.058 1.00 25.14 ? 150 GLY A C   1 
ATOM   1216 O O   . GLY A 1 150 ? 8.563   -6.383  -13.174 1.00 25.12 ? 150 GLY A O   1 
ATOM   1217 N N   . VAL A 1 151 ? 8.758   -7.638  -15.040 1.00 24.85 ? 151 VAL A N   1 
ATOM   1218 C CA  . VAL A 1 151 ? 7.329   -7.864  -15.144 1.00 23.90 ? 151 VAL A CA  1 
ATOM   1219 C C   . VAL A 1 151 ? 7.021   -9.350  -15.103 1.00 22.93 ? 151 VAL A C   1 
ATOM   1220 O O   . VAL A 1 151 ? 7.541   -10.113 -15.917 1.00 23.40 ? 151 VAL A O   1 
ATOM   1221 C CB  . VAL A 1 151 ? 6.805   -7.333  -16.472 1.00 24.10 ? 151 VAL A CB  1 
ATOM   1222 C CG1 . VAL A 1 151 ? 5.300   -7.660  -16.615 1.00 25.23 ? 151 VAL A CG1 1 
ATOM   1223 C CG2 . VAL A 1 151 ? 7.060   -5.811  -16.546 1.00 27.50 ? 151 VAL A CG2 1 
ATOM   1224 N N   . LEU A 1 152 ? 6.212   -9.727  -14.128 1.00 21.84 ? 152 LEU A N   1 
ATOM   1225 C CA  . LEU A 1 152 ? 5.749   -11.076 -13.949 1.00 20.74 ? 152 LEU A CA  1 
ATOM   1226 C C   . LEU A 1 152 ? 4.547   -11.159 -14.874 1.00 21.76 ? 152 LEU A C   1 
ATOM   1227 O O   . LEU A 1 152 ? 3.451   -10.667 -14.549 1.00 20.41 ? 152 LEU A O   1 
ATOM   1228 C CB  . LEU A 1 152 ? 5.337   -11.279 -12.490 1.00 20.88 ? 152 LEU A CB  1 
ATOM   1229 C CG  . LEU A 1 152 ? 6.462   -10.970 -11.467 1.00 21.11 ? 152 LEU A CG  1 
ATOM   1230 C CD1 . LEU A 1 152 ? 5.945   -11.253 -10.051 1.00 21.90 ? 152 LEU A CD1 1 
ATOM   1231 C CD2 . LEU A 1 152 ? 7.696   -11.864 -11.746 1.00 23.06 ? 152 LEU A CD2 1 
ATOM   1232 N N   . ARG A 1 153 ? 4.740   -11.796 -16.020 1.00 21.23 ? 153 ARG A N   1 
ATOM   1233 C CA  . ARG A 1 153 ? 3.683   -11.891 -17.010 1.00 21.29 ? 153 ARG A CA  1 
ATOM   1234 C C   . ARG A 1 153 ? 2.538   -12.819 -16.628 1.00 22.36 ? 153 ARG A C   1 
ATOM   1235 O O   . ARG A 1 153 ? 2.775   -13.937 -16.194 1.00 20.27 ? 153 ARG A O   1 
ATOM   1236 C CB  . ARG A 1 153 ? 4.295   -12.345 -18.323 1.00 22.49 ? 153 ARG A CB  1 
ATOM   1237 C CG  . ARG A 1 153 ? 5.433   -11.458 -18.784 1.00 24.83 ? 153 ARG A CG  1 
ATOM   1238 C CD  . ARG A 1 153 ? 6.115   -12.025 -20.014 1.00 24.47 ? 153 ARG A CD  1 
ATOM   1239 N NE  . ARG A 1 153 ? 6.601   -13.383 -19.763 1.00 22.71 ? 153 ARG A NE  1 
ATOM   1240 C CZ  . ARG A 1 153 ? 6.735   -14.292 -20.713 1.00 23.70 ? 153 ARG A CZ  1 
ATOM   1241 N NH1 . ARG A 1 153 ? 6.438   -13.970 -21.985 1.00 23.51 ? 153 ARG A NH1 1 
ATOM   1242 N NH2 . ARG A 1 153 ? 7.056   -15.541 -20.394 1.00 21.61 ? 153 ARG A NH2 1 
ATOM   1243 N N   . LYS A 1 154 ? 1.302   -12.349 -16.815 1.00 21.96 ? 154 LYS A N   1 
ATOM   1244 C CA  . LYS A 1 154 ? 0.112   -13.141 -16.455 1.00 23.79 ? 154 LYS A CA  1 
ATOM   1245 C C   . LYS A 1 154 ? 0.236   -13.709 -15.038 1.00 23.65 ? 154 LYS A C   1 
ATOM   1246 O O   . LYS A 1 154 ? 0.018   -14.889 -14.783 1.00 24.31 ? 154 LYS A O   1 
ATOM   1247 C CB  . LYS A 1 154 ? -0.076  -14.257 -17.489 1.00 25.59 ? 154 LYS A CB  1 
ATOM   1248 C CG  . LYS A 1 154 ? -0.205  -13.670 -18.894 1.00 30.48 ? 154 LYS A CG  1 
ATOM   1249 C CD  . LYS A 1 154 ? -0.910  -14.607 -19.826 1.00 35.86 ? 154 LYS A CD  1 
ATOM   1250 C CE  . LYS A 1 154 ? -1.532  -13.869 -20.982 1.00 38.90 ? 154 LYS A CE  1 
ATOM   1251 N NZ  . LYS A 1 154 ? -0.710  -12.744 -21.450 1.00 40.21 ? 154 LYS A NZ  1 
ATOM   1252 N N   . ASN A 1 155 ? 0.539   -12.832 -14.095 1.00 22.36 ? 155 ASN A N   1 
ATOM   1253 C CA  . ASN A 1 155 ? 0.763   -13.232 -12.716 1.00 24.50 ? 155 ASN A CA  1 
ATOM   1254 C C   . ASN A 1 155 ? -0.488  -13.285 -11.839 1.00 24.02 ? 155 ASN A C   1 
ATOM   1255 O O   . ASN A 1 155 ? -0.444  -13.793 -10.727 1.00 24.28 ? 155 ASN A O   1 
ATOM   1256 C CB  . ASN A 1 155 ? 1.822   -12.302 -12.123 1.00 25.79 ? 155 ASN A CB  1 
ATOM   1257 C CG  . ASN A 1 155 ? 2.446   -12.856 -10.846 1.00 27.73 ? 155 ASN A CG  1 
ATOM   1258 O OD1 . ASN A 1 155 ? 2.893   -14.007 -10.803 1.00 29.28 ? 155 ASN A OD1 1 
ATOM   1259 N ND2 . ASN A 1 155 ? 2.470   -12.041 -9.798  1.00 27.43 ? 155 ASN A ND2 1 
ATOM   1260 N N   . ARG A 1 156 ? -1.608  -12.765 -12.346 1.00 23.57 ? 156 ARG A N   1 
ATOM   1261 C CA  . ARG A 1 156 ? -2.871  -12.820 -11.627 1.00 25.55 ? 156 ARG A CA  1 
ATOM   1262 C C   . ARG A 1 156 ? -3.998  -12.974 -12.616 1.00 25.43 ? 156 ARG A C   1 
ATOM   1263 O O   . ARG A 1 156 ? -3.918  -12.489 -13.763 1.00 26.42 ? 156 ARG A O   1 
ATOM   1264 C CB  . ARG A 1 156 ? -3.161  -11.538 -10.827 1.00 28.06 ? 156 ARG A CB  1 
ATOM   1265 C CG  . ARG A 1 156 ? -2.344  -11.341 -9.571  1.00 32.73 ? 156 ARG A CG  1 
ATOM   1266 C CD  . ARG A 1 156 ? -2.575  -9.912  -9.008  1.00 35.02 ? 156 ARG A CD  1 
ATOM   1267 N NE  . ARG A 1 156 ? -2.045  -8.872  -9.897  1.00 36.06 ? 156 ARG A NE  1 
ATOM   1268 C CZ  . ARG A 1 156 ? -2.784  -7.997  -10.589 1.00 37.04 ? 156 ARG A CZ  1 
ATOM   1269 N NH1 . ARG A 1 156 ? -4.108  -8.028  -10.502 1.00 33.14 ? 156 ARG A NH1 1 
ATOM   1270 N NH2 . ARG A 1 156 ? -2.176  -7.089  -11.369 1.00 35.01 ? 156 ARG A NH2 1 
ATOM   1271 N N   . ARG A 1 157 ? -5.038  -13.650 -12.153 1.00 26.13 ? 157 ARG A N   1 
ATOM   1272 C CA  . ARG A 1 157 ? -6.234  -13.860 -12.953 1.00 29.00 ? 157 ARG A CA  1 
ATOM   1273 C C   . ARG A 1 157 ? -7.410  -13.136 -12.310 1.00 31.72 ? 157 ARG A C   1 
ATOM   1274 O O   . ARG A 1 157 ? -7.590  -13.210 -11.090 1.00 32.27 ? 157 ARG A O   1 
ATOM   1275 C CB  . ARG A 1 157 ? -6.580  -15.345 -13.048 1.00 28.74 ? 157 ARG A CB  1 
ATOM   1276 C CG  . ARG A 1 157 ? -7.572  -15.650 -14.210 1.00 32.84 ? 157 ARG A CG  1 
ATOM   1277 C CD  . ARG A 1 157 ? -7.753  -17.184 -14.407 1.00 35.42 ? 157 ARG A CD  1 
ATOM   1278 N NE  . ARG A 1 157 ? -8.426  -17.800 -13.259 1.00 39.13 ? 157 ARG A NE  1 
ATOM   1279 C CZ  . ARG A 1 157 ? -8.592  -19.114 -13.059 1.00 41.01 ? 157 ARG A CZ  1 
ATOM   1280 N NH1 . ARG A 1 157 ? -8.132  -20.014 -13.928 1.00 41.38 ? 157 ARG A NH1 1 
ATOM   1281 N NH2 . ARG A 1 157 ? -9.243  -19.534 -11.980 1.00 41.95 ? 157 ARG A NH2 1 
ATOM   1282 N N   . LEU A 1 158 ? -8.208  -12.458 -13.136 1.00 33.48 ? 158 LEU A N   1 
ATOM   1283 C CA  . LEU A 1 158 ? -9.400  -11.756 -12.665 1.00 35.49 ? 158 LEU A CA  1 
ATOM   1284 C C   . LEU A 1 158 ? -10.619 -12.679 -12.697 1.00 37.24 ? 158 LEU A C   1 
ATOM   1285 O O   . LEU A 1 158 ? -10.609 -13.739 -13.340 1.00 36.12 ? 158 LEU A O   1 
ATOM   1286 C CB  . LEU A 1 158 ? -9.677  -10.565 -13.559 1.00 37.25 ? 158 LEU A CB  1 
ATOM   1287 C CG  . LEU A 1 158 ? -8.490  -9.618  -13.652 1.00 39.34 ? 158 LEU A CG  1 
ATOM   1288 C CD1 . LEU A 1 158 ? -8.825  -8.504  -14.612 1.00 41.19 ? 158 LEU A CD1 1 
ATOM   1289 C CD2 . LEU A 1 158 ? -8.143  -9.078  -12.274 1.00 40.16 ? 158 LEU A CD2 1 
ATOM   1290 N N   . PRO A 1 159 ? -11.701 -12.273 -12.021 1.00 37.72 ? 159 PRO A N   1 
ATOM   1291 C CA  . PRO A 1 159 ? -12.942 -13.061 -11.964 1.00 39.50 ? 159 PRO A CA  1 
ATOM   1292 C C   . PRO A 1 159 ? -13.484 -13.462 -13.337 1.00 40.17 ? 159 PRO A C   1 
ATOM   1293 O O   . PRO A 1 159 ? -14.028 -14.561 -13.505 1.00 41.31 ? 159 PRO A O   1 
ATOM   1294 C CB  . PRO A 1 159 ? -13.897 -12.137 -11.201 1.00 40.15 ? 159 PRO A CB  1 
ATOM   1295 C CG  . PRO A 1 159 ? -12.926 -11.387 -10.264 1.00 39.37 ? 159 PRO A CG  1 
ATOM   1296 C CD  . PRO A 1 159 ? -11.802 -11.049 -11.195 1.00 39.45 ? 159 PRO A CD  1 
ATOM   1297 N N   . ASP A 1 160 ? -13.338 -12.574 -14.312 1.00 39.85 ? 160 ASP A N   1 
ATOM   1298 C CA  . ASP A 1 160 ? -13.824 -12.846 -15.658 1.00 40.52 ? 160 ASP A CA  1 
ATOM   1299 C C   . ASP A 1 160 ? -12.881 -13.746 -16.422 1.00 39.42 ? 160 ASP A C   1 
ATOM   1300 O O   . ASP A 1 160 ? -13.139 -14.061 -17.589 1.00 39.53 ? 160 ASP A O   1 
ATOM   1301 C CB  . ASP A 1 160 ? -14.014 -11.554 -16.466 1.00 41.56 ? 160 ASP A CB  1 
ATOM   1302 C CG  . ASP A 1 160 ? -12.722 -10.796 -16.676 1.00 43.26 ? 160 ASP A CG  1 
ATOM   1303 O OD1 . ASP A 1 160 ? -11.629 -11.389 -16.483 1.00 42.45 ? 160 ASP A OD1 1 
ATOM   1304 O OD2 . ASP A 1 160 ? -12.799 -9.594  -17.037 1.00 43.21 ? 160 ASP A OD2 1 
ATOM   1305 N N   . GLY A 1 161 ? -11.772 -14.119 -15.783 1.00 38.33 ? 161 GLY A N   1 
ATOM   1306 C CA  . GLY A 1 161 ? -10.814 -15.004 -16.422 1.00 35.53 ? 161 GLY A CA  1 
ATOM   1307 C C   . GLY A 1 161 ? -9.677  -14.361 -17.185 1.00 33.49 ? 161 GLY A C   1 
ATOM   1308 O O   . GLY A 1 161 ? -8.823  -15.068 -17.728 1.00 32.90 ? 161 GLY A O   1 
ATOM   1309 N N   . ALA A 1 162 ? -9.654  -13.041 -17.257 1.00 31.44 ? 162 ALA A N   1 
ATOM   1310 C CA  . ALA A 1 162 ? -8.575  -12.378 -17.978 1.00 30.68 ? 162 ALA A CA  1 
ATOM   1311 C C   . ALA A 1 162 ? -7.378  -12.350 -17.048 1.00 29.93 ? 162 ALA A C   1 
ATOM   1312 O O   . ALA A 1 162 ? -7.543  -12.426 -15.834 1.00 30.83 ? 162 ALA A O   1 
ATOM   1313 C CB  . ALA A 1 162 ? -8.968  -10.989 -18.351 1.00 33.52 ? 162 ALA A CB  1 
ATOM   1314 N N   . PHE A 1 163 ? -6.191  -12.229 -17.621 1.00 29.20 ? 163 PHE A N   1 
ATOM   1315 C CA  . PHE A 1 163 ? -4.954  -12.204 -16.837 1.00 28.93 ? 163 PHE A CA  1 
ATOM   1316 C C   . PHE A 1 163 ? -4.312  -10.816 -16.810 1.00 30.07 ? 163 PHE A C   1 
ATOM   1317 O O   . PHE A 1 163 ? -4.496  -10.018 -17.729 1.00 32.07 ? 163 PHE A O   1 
ATOM   1318 C CB  . PHE A 1 163 ? -3.976  -13.198 -17.440 1.00 29.78 ? 163 PHE A CB  1 
ATOM   1319 C CG  . PHE A 1 163 ? -4.353  -14.615 -17.192 1.00 28.35 ? 163 PHE A CG  1 
ATOM   1320 C CD1 . PHE A 1 163 ? -4.010  -15.225 -15.992 1.00 27.26 ? 163 PHE A CD1 1 
ATOM   1321 C CD2 . PHE A 1 163 ? -5.059  -15.345 -18.151 1.00 30.82 ? 163 PHE A CD2 1 
ATOM   1322 C CE1 . PHE A 1 163 ? -4.375  -16.567 -15.743 1.00 28.01 ? 163 PHE A CE1 1 
ATOM   1323 C CE2 . PHE A 1 163 ? -5.428  -16.695 -17.908 1.00 28.57 ? 163 PHE A CE2 1 
ATOM   1324 C CZ  . PHE A 1 163 ? -5.081  -17.290 -16.705 1.00 27.16 ? 163 PHE A CZ  1 
ATOM   1325 N N   . ARG A 1 164 ? -3.588  -10.524 -15.741 1.00 28.51 ? 164 ARG A N   1 
ATOM   1326 C CA  . ARG A 1 164 ? -2.903  -9.251  -15.609 1.00 29.42 ? 164 ARG A CA  1 
ATOM   1327 C C   . ARG A 1 164 ? -1.424  -9.518  -15.321 1.00 27.21 ? 164 ARG A C   1 
ATOM   1328 O O   . ARG A 1 164 ? -1.082  -10.546 -14.747 1.00 26.98 ? 164 ARG A O   1 
ATOM   1329 C CB  . ARG A 1 164 ? -3.516  -8.434  -14.470 1.00 31.66 ? 164 ARG A CB  1 
ATOM   1330 C CG  . ARG A 1 164 ? -4.994  -8.051  -14.744 1.00 37.85 ? 164 ARG A CG  1 
ATOM   1331 C CD  . ARG A 1 164 ? -5.090  -7.178  -15.990 1.00 43.40 ? 164 ARG A CD  1 
ATOM   1332 N NE  . ARG A 1 164 ? -6.467  -7.111  -16.488 1.00 51.86 ? 164 ARG A NE  1 
ATOM   1333 C CZ  . ARG A 1 164 ? -6.803  -7.102  -17.780 1.00 53.92 ? 164 ARG A CZ  1 
ATOM   1334 N NH1 . ARG A 1 164 ? -5.861  -7.151  -18.719 1.00 56.50 ? 164 ARG A NH1 1 
ATOM   1335 N NH2 . ARG A 1 164 ? -8.089  -7.058  -18.138 1.00 55.71 ? 164 ARG A NH2 1 
ATOM   1336 N N   . ASP A 1 165 ? -0.576  -8.582  -15.739 1.00 26.39 ? 165 ASP A N   1 
ATOM   1337 C CA  . ASP A 1 165 ? 0.875   -8.646  -15.517 1.00 26.04 ? 165 ASP A CA  1 
ATOM   1338 C C   . ASP A 1 165 ? 1.200   -7.750  -14.326 1.00 26.59 ? 165 ASP A C   1 
ATOM   1339 O O   . ASP A 1 165 ? 0.606   -6.657  -14.172 1.00 24.90 ? 165 ASP A O   1 
ATOM   1340 C CB  . ASP A 1 165 ? 1.633   -8.104  -16.706 1.00 27.20 ? 165 ASP A CB  1 
ATOM   1341 C CG  . ASP A 1 165 ? 1.383   -8.886  -17.988 1.00 31.38 ? 165 ASP A CG  1 
ATOM   1342 O OD1 . ASP A 1 165 ? 0.907   -10.030 -17.938 1.00 31.32 ? 165 ASP A OD1 1 
ATOM   1343 O OD2 . ASP A 1 165 ? 1.690   -8.325  -19.054 1.00 35.50 ? 165 ASP A OD2 1 
ATOM   1344 N N   . ASP A 1 166 ? 2.154   -8.196  -13.507 1.00 24.43 ? 166 ASP A N   1 
ATOM   1345 C CA  . ASP A 1 166 ? 2.572   -7.439  -12.320 1.00 25.08 ? 166 ASP A CA  1 
ATOM   1346 C C   . ASP A 1 166 ? 3.997   -6.895  -12.529 1.00 26.28 ? 166 ASP A C   1 
ATOM   1347 O O   . ASP A 1 166 ? 4.905   -7.649  -12.914 1.00 28.35 ? 166 ASP A O   1 
ATOM   1348 C CB  . ASP A 1 166 ? 2.600   -8.337  -11.069 1.00 27.09 ? 166 ASP A CB  1 
ATOM   1349 C CG  . ASP A 1 166 ? 1.218   -8.561  -10.428 1.00 27.20 ? 166 ASP A CG  1 
ATOM   1350 O OD1 . ASP A 1 166 ? 0.364   -7.668  -10.457 1.00 29.63 ? 166 ASP A OD1 1 
ATOM   1351 O OD2 . ASP A 1 166 ? 1.022   -9.640  -9.843  1.00 30.41 ? 166 ASP A OD2 1 
ATOM   1352 N N   . VAL A 1 167 ? 4.201   -5.595  -12.289 1.00 23.26 ? 167 VAL A N   1 
ATOM   1353 C CA  . VAL A 1 167 ? 5.536   -5.021  -12.388 1.00 22.95 ? 167 VAL A CA  1 
ATOM   1354 C C   . VAL A 1 167 ? 6.069   -5.102  -10.955 1.00 21.87 ? 167 VAL A C   1 
ATOM   1355 O O   . VAL A 1 167 ? 5.379   -4.677  -10.010 1.00 22.14 ? 167 VAL A O   1 
ATOM   1356 C CB  . VAL A 1 167 ? 5.495   -3.516  -12.799 1.00 23.85 ? 167 VAL A CB  1 
ATOM   1357 C CG1 . VAL A 1 167 ? 6.894   -2.997  -12.918 1.00 24.21 ? 167 VAL A CG1 1 
ATOM   1358 C CG2 . VAL A 1 167 ? 4.737   -3.343  -14.144 1.00 24.84 ? 167 VAL A CG2 1 
ATOM   1359 N N   . VAL A 1 168 ? 7.270   -5.641  -10.782 1.00 21.08 ? 168 VAL A N   1 
ATOM   1360 C CA  . VAL A 1 168 ? 7.849   -5.750  -9.443  1.00 21.35 ? 168 VAL A CA  1 
ATOM   1361 C C   . VAL A 1 168 ? 8.908   -4.695  -9.255  1.00 20.72 ? 168 VAL A C   1 
ATOM   1362 O O   . VAL A 1 168 ? 9.768   -4.540  -10.123 1.00 22.34 ? 168 VAL A O   1 
ATOM   1363 C CB  . VAL A 1 168 ? 8.517   -7.138  -9.228  1.00 22.89 ? 168 VAL A CB  1 
ATOM   1364 C CG1 . VAL A 1 168 ? 9.197   -7.218  -7.817  1.00 24.52 ? 168 VAL A CG1 1 
ATOM   1365 C CG2 . VAL A 1 168 ? 7.498   -8.197  -9.367  1.00 25.89 ? 168 VAL A CG2 1 
ATOM   1366 N N   . TYR A 1 169 ? 8.834   -3.963  -8.132  1.00 21.31 ? 169 TYR A N   1 
ATOM   1367 C CA  . TYR A 1 169 ? 9.817   -2.920  -7.813  1.00 22.69 ? 169 TYR A CA  1 
ATOM   1368 C C   . TYR A 1 169 ? 10.376  -3.221  -6.447  1.00 22.77 ? 169 TYR A C   1 
ATOM   1369 O O   . TYR A 1 169 ? 9.752   -3.919  -5.679  1.00 21.75 ? 169 TYR A O   1 
ATOM   1370 C CB  . TYR A 1 169 ? 9.157   -1.550  -7.663  1.00 22.70 ? 169 TYR A CB  1 
ATOM   1371 C CG  . TYR A 1 169 ? 8.670   -0.911  -8.926  1.00 22.97 ? 169 TYR A CG  1 
ATOM   1372 C CD1 . TYR A 1 169 ? 9.417   0.081   -9.545  1.00 24.48 ? 169 TYR A CD1 1 
ATOM   1373 C CD2 . TYR A 1 169 ? 7.437   -1.269  -9.476  1.00 23.84 ? 169 TYR A CD2 1 
ATOM   1374 C CE1 . TYR A 1 169 ? 8.942   0.710   -10.697 1.00 24.96 ? 169 TYR A CE1 1 
ATOM   1375 C CE2 . TYR A 1 169 ? 6.967   -0.642  -10.607 1.00 27.15 ? 169 TYR A CE2 1 
ATOM   1376 C CZ  . TYR A 1 169 ? 7.733   0.342   -11.206 1.00 24.30 ? 169 TYR A CZ  1 
ATOM   1377 O OH  . TYR A 1 169 ? 7.262   0.944   -12.336 1.00 29.29 ? 169 TYR A OH  1 
ATOM   1378 N N   . SER A 1 170 ? 11.564  -2.701  -6.139  1.00 20.49 ? 170 SER A N   1 
ATOM   1379 C CA  . SER A 1 170 ? 12.039  -2.869  -4.775  1.00 19.66 ? 170 SER A CA  1 
ATOM   1380 C C   . SER A 1 170 ? 12.951  -1.738  -4.366  1.00 20.63 ? 170 SER A C   1 
ATOM   1381 O O   . SER A 1 170 ? 13.488  -1.012  -5.213  1.00 21.17 ? 170 SER A O   1 
ATOM   1382 C CB  . SER A 1 170 ? 12.802  -4.182  -4.556  1.00 20.45 ? 170 SER A CB  1 
ATOM   1383 O OG  . SER A 1 170 ? 14.053  -4.181  -5.235  1.00 20.99 ? 170 SER A OG  1 
ATOM   1384 N N   . VAL A 1 171 ? 13.063  -1.597  -3.055  1.00 20.71 ? 171 VAL A N   1 
ATOM   1385 C CA  . VAL A 1 171 ? 13.997  -0.663  -2.431  1.00 20.32 ? 171 VAL A CA  1 
ATOM   1386 C C   . VAL A 1 171 ? 14.800  -1.547  -1.493  1.00 20.70 ? 171 VAL A C   1 
ATOM   1387 O O   . VAL A 1 171 ? 14.238  -2.282  -0.653  1.00 20.76 ? 171 VAL A O   1 
ATOM   1388 C CB  . VAL A 1 171 ? 13.276  0.431   -1.616  1.00 20.57 ? 171 VAL A CB  1 
ATOM   1389 C CG1 . VAL A 1 171 ? 14.292  1.236   -0.819  1.00 21.15 ? 171 VAL A CG1 1 
ATOM   1390 C CG2 . VAL A 1 171 ? 12.546  1.365   -2.581  1.00 21.38 ? 171 VAL A CG2 1 
ATOM   1391 N N   . LEU A 1 172 ? 16.128  -1.504  -1.644  1.00 20.59 ? 172 LEU A N   1 
ATOM   1392 C CA  . LEU A 1 172 ? 17.014  -2.273  -0.769  1.00 20.97 ? 172 LEU A CA  1 
ATOM   1393 C C   . LEU A 1 172 ? 17.477  -1.358  0.368   1.00 22.16 ? 172 LEU A C   1 
ATOM   1394 O O   . LEU A 1 172 ? 17.462  -0.127  0.241   1.00 22.49 ? 172 LEU A O   1 
ATOM   1395 C CB  . LEU A 1 172 ? 18.255  -2.761  -1.530  1.00 21.50 ? 172 LEU A CB  1 
ATOM   1396 C CG  . LEU A 1 172 ? 17.907  -3.659  -2.735  1.00 22.62 ? 172 LEU A CG  1 
ATOM   1397 C CD1 . LEU A 1 172 ? 19.228  -4.126  -3.426  1.00 23.73 ? 172 LEU A CD1 1 
ATOM   1398 C CD2 . LEU A 1 172 ? 17.054  -4.853  -2.256  1.00 24.31 ? 172 LEU A CD2 1 
ATOM   1399 N N   . LYS A 1 173 ? 17.892  -1.968  1.463   1.00 23.24 ? 173 LYS A N   1 
ATOM   1400 C CA  . LYS A 1 173 ? 18.342  -1.207  2.626   1.00 26.00 ? 173 LYS A CA  1 
ATOM   1401 C C   . LYS A 1 173 ? 19.399  -0.166  2.242   1.00 25.72 ? 173 LYS A C   1 
ATOM   1402 O O   . LYS A 1 173 ? 19.386  0.950   2.759   1.00 23.69 ? 173 LYS A O   1 
ATOM   1403 C CB  . LYS A 1 173 ? 18.911  -2.168  3.666   1.00 28.02 ? 173 LYS A CB  1 
ATOM   1404 C CG  . LYS A 1 173 ? 19.745  -1.523  4.766   1.00 34.61 ? 173 LYS A CG  1 
ATOM   1405 C CD  . LYS A 1 173 ? 20.294  -2.606  5.715   1.00 37.36 ? 173 LYS A CD  1 
ATOM   1406 C CE  . LYS A 1 173 ? 19.133  -3.290  6.414   1.00 37.66 ? 173 LYS A CE  1 
ATOM   1407 N NZ  . LYS A 1 173 ? 18.186  -2.269  6.977   1.00 35.92 ? 173 LYS A NZ  1 
ATOM   1408 N N   . GLU A 1 174 ? 20.302  -0.538  1.342   1.00 26.21 ? 174 GLU A N   1 
ATOM   1409 C CA  . GLU A 1 174 ? 21.356  0.398   0.942   1.00 27.59 ? 174 GLU A CA  1 
ATOM   1410 C C   . GLU A 1 174 ? 20.822  1.576   0.174   1.00 26.85 ? 174 GLU A C   1 
ATOM   1411 O O   . GLU A 1 174 ? 21.481  2.625   0.089   1.00 26.90 ? 174 GLU A O   1 
ATOM   1412 C CB  . GLU A 1 174 ? 22.399  -0.276  0.073   1.00 32.13 ? 174 GLU A CB  1 
ATOM   1413 C CG  . GLU A 1 174 ? 22.859  -1.619  0.525   1.00 38.45 ? 174 GLU A CG  1 
ATOM   1414 C CD  . GLU A 1 174 ? 21.982  -2.718  -0.046  1.00 39.88 ? 174 GLU A CD  1 
ATOM   1415 O OE1 . GLU A 1 174 ? 21.022  -3.089  0.647   1.00 38.03 ? 174 GLU A OE1 1 
ATOM   1416 O OE2 . GLU A 1 174 ? 22.252  -3.188  -1.197  1.00 43.92 ? 174 GLU A OE2 1 
ATOM   1417 N N   . GLU A 1 175 ? 19.631  1.409   -0.401  1.00 22.96 ? 175 GLU A N   1 
ATOM   1418 C CA  . GLU A 1 175 ? 18.995  2.452   -1.177  1.00 22.60 ? 175 GLU A CA  1 
ATOM   1419 C C   . GLU A 1 175 ? 18.059  3.314   -0.320  1.00 21.67 ? 175 GLU A C   1 
ATOM   1420 O O   . GLU A 1 175 ? 17.639  4.390   -0.750  1.00 21.96 ? 175 GLU A O   1 
ATOM   1421 C CB  . GLU A 1 175 ? 18.185  1.807   -2.325  1.00 22.60 ? 175 GLU A CB  1 
ATOM   1422 C CG  . GLU A 1 175 ? 19.096  1.012   -3.229  1.00 24.25 ? 175 GLU A CG  1 
ATOM   1423 C CD  . GLU A 1 175 ? 18.374  0.187   -4.266  1.00 26.43 ? 175 GLU A CD  1 
ATOM   1424 O OE1 . GLU A 1 175 ? 17.199  -0.225  -4.042  1.00 22.91 ? 175 GLU A OE1 1 
ATOM   1425 O OE2 . GLU A 1 175 ? 18.996  -0.064  -5.321  1.00 23.84 ? 175 GLU A OE2 1 
ATOM   1426 N N   . TRP A 1 176 ? 17.754  2.850   0.889   1.00 21.18 ? 176 TRP A N   1 
ATOM   1427 C CA  . TRP A 1 176 ? 16.798  3.597   1.712   1.00 21.49 ? 176 TRP A CA  1 
ATOM   1428 C C   . TRP A 1 176 ? 17.209  5.053   2.014   1.00 22.03 ? 176 TRP A C   1 
ATOM   1429 O O   . TRP A 1 176 ? 16.416  5.956   1.892   1.00 22.81 ? 176 TRP A O   1 
ATOM   1430 C CB  . TRP A 1 176 ? 16.530  2.830   3.010   1.00 20.63 ? 176 TRP A CB  1 
ATOM   1431 C CG  . TRP A 1 176 ? 15.825  3.639   4.056   1.00 18.88 ? 176 TRP A CG  1 
ATOM   1432 C CD1 . TRP A 1 176 ? 16.255  3.837   5.324   1.00 21.14 ? 176 TRP A CD1 1 
ATOM   1433 C CD2 . TRP A 1 176 ? 14.576  4.334   3.931   1.00 20.83 ? 176 TRP A CD2 1 
ATOM   1434 N NE1 . TRP A 1 176 ? 15.346  4.615   6.012   1.00 23.43 ? 176 TRP A NE1 1 
ATOM   1435 C CE2 . TRP A 1 176 ? 14.311  4.934   5.180   1.00 22.60 ? 176 TRP A CE2 1 
ATOM   1436 C CE3 . TRP A 1 176 ? 13.657  4.503   2.890   1.00 19.92 ? 176 TRP A CE3 1 
ATOM   1437 C CZ2 . TRP A 1 176 ? 13.166  5.696   5.422   1.00 22.34 ? 176 TRP A CZ2 1 
ATOM   1438 C CZ3 . TRP A 1 176 ? 12.510  5.265   3.126   1.00 22.22 ? 176 TRP A CZ3 1 
ATOM   1439 C CH2 . TRP A 1 176 ? 12.281  5.848   4.376   1.00 20.86 ? 176 TRP A CH2 1 
ATOM   1440 N N   . PRO A 1 177 ? 18.471  5.285   2.380   1.00 22.59 ? 177 PRO A N   1 
ATOM   1441 C CA  . PRO A 1 177 ? 18.831  6.687   2.664   1.00 22.93 ? 177 PRO A CA  1 
ATOM   1442 C C   . PRO A 1 177 ? 18.485  7.643   1.535   1.00 22.18 ? 177 PRO A C   1 
ATOM   1443 O O   . PRO A 1 177 ? 17.952  8.729   1.786   1.00 23.08 ? 177 PRO A O   1 
ATOM   1444 C CB  . PRO A 1 177 ? 20.330  6.619   2.972   1.00 22.74 ? 177 PRO A CB  1 
ATOM   1445 C CG  . PRO A 1 177 ? 20.489  5.206   3.584   1.00 25.16 ? 177 PRO A CG  1 
ATOM   1446 C CD  . PRO A 1 177 ? 19.564  4.347   2.678   1.00 21.06 ? 177 PRO A CD  1 
ATOM   1447 N N   . GLY A 1 178 ? 18.738  7.223   0.291   1.00 23.64 ? 178 GLY A N   1 
ATOM   1448 C CA  . GLY A 1 178 ? 18.440  8.058   -0.866  1.00 24.44 ? 178 GLY A CA  1 
ATOM   1449 C C   . GLY A 1 178 ? 16.941  8.264   -1.035  1.00 26.18 ? 178 GLY A C   1 
ATOM   1450 O O   . GLY A 1 178 ? 16.440  9.366   -1.345  1.00 25.64 ? 178 GLY A O   1 
ATOM   1451 N N   . VAL A 1 179 ? 16.210  7.174   -0.845  1.00 23.81 ? 179 VAL A N   1 
ATOM   1452 C CA  . VAL A 1 179 ? 14.762  7.232   -0.965  1.00 23.20 ? 179 VAL A CA  1 
ATOM   1453 C C   . VAL A 1 179 ? 14.170  8.113   0.130   1.00 22.84 ? 179 VAL A C   1 
ATOM   1454 O O   . VAL A 1 179 ? 13.281  8.907   -0.135  1.00 25.34 ? 179 VAL A O   1 
ATOM   1455 C CB  . VAL A 1 179 ? 14.182  5.819   -0.869  1.00 23.25 ? 179 VAL A CB  1 
ATOM   1456 C CG1 . VAL A 1 179 ? 12.671  5.895   -0.714  1.00 24.47 ? 179 VAL A CG1 1 
ATOM   1457 C CG2 . VAL A 1 179 ? 14.538  5.058   -2.144  1.00 24.09 ? 179 VAL A CG2 1 
ATOM   1458 N N   . LYS A 1 180 ? 14.698  7.977   1.337   1.00 23.31 ? 180 LYS A N   1 
ATOM   1459 C CA  . LYS A 1 180 ? 14.248  8.729   2.498   1.00 26.87 ? 180 LYS A CA  1 
ATOM   1460 C C   . LYS A 1 180 ? 14.461  10.224  2.249   1.00 28.64 ? 180 LYS A C   1 
ATOM   1461 O O   . LYS A 1 180 ? 13.611  11.070  2.578   1.00 25.77 ? 180 LYS A O   1 
ATOM   1462 C CB  . LYS A 1 180 ? 15.050  8.280   3.711   1.00 25.27 ? 180 LYS A CB  1 
ATOM   1463 C CG  . LYS A 1 180 ? 14.628  8.935   5.049   1.00 26.52 ? 180 LYS A CG  1 
ATOM   1464 C CD  . LYS A 1 180 ? 15.469  8.448   6.206   1.00 26.66 ? 180 LYS A CD  1 
ATOM   1465 C CE  . LYS A 1 180 ? 14.949  9.078   7.505   1.00 30.84 ? 180 LYS A CE  1 
ATOM   1466 N NZ  . LYS A 1 180 ? 15.686  8.603   8.702   1.00 32.45 ? 180 LYS A NZ  1 
ATOM   1467 N N   . ALA A 1 181 ? 15.609  10.534  1.659   1.00 30.26 ? 181 ALA A N   1 
ATOM   1468 C CA  . ALA A 1 181 ? 15.923  11.937  1.375   1.00 32.83 ? 181 ALA A CA  1 
ATOM   1469 C C   . ALA A 1 181 ? 14.937  12.548  0.404   1.00 33.38 ? 181 ALA A C   1 
ATOM   1470 O O   . ALA A 1 181 ? 14.484  13.668  0.626   1.00 35.39 ? 181 ALA A O   1 
ATOM   1471 C CB  . ALA A 1 181 ? 17.358  12.065  0.825   1.00 33.49 ? 181 ALA A CB  1 
ATOM   1472 N N   . ARG A 1 182 ? 14.617  11.840  -0.676  1.00 32.79 ? 182 ARG A N   1 
ATOM   1473 C CA  . ARG A 1 182 ? 13.685  12.329  -1.675  1.00 34.87 ? 182 ARG A CA  1 
ATOM   1474 C C   . ARG A 1 182 ? 12.316  12.506  -1.033  1.00 35.04 ? 182 ARG A C   1 
ATOM   1475 O O   . ARG A 1 182 ? 11.632  13.520  -1.256  1.00 33.01 ? 182 ARG A O   1 
ATOM   1476 C CB  . ARG A 1 182 ? 13.553  11.348  -2.841  1.00 38.41 ? 182 ARG A CB  1 
ATOM   1477 C CG  . ARG A 1 182 ? 14.825  11.136  -3.633  1.00 43.69 ? 182 ARG A CG  1 
ATOM   1478 C CD  . ARG A 1 182 ? 14.776  9.897   -4.535  1.00 48.63 ? 182 ARG A CD  1 
ATOM   1479 N NE  . ARG A 1 182 ? 13.933  10.092  -5.709  1.00 52.38 ? 182 ARG A NE  1 
ATOM   1480 C CZ  . ARG A 1 182 ? 14.046  9.380   -6.824  1.00 53.82 ? 182 ARG A CZ  1 
ATOM   1481 N NH1 . ARG A 1 182 ? 14.969  8.433   -6.899  1.00 55.81 ? 182 ARG A NH1 1 
ATOM   1482 N NH2 . ARG A 1 182 ? 13.255  9.621   -7.867  1.00 54.65 ? 182 ARG A NH2 1 
ATOM   1483 N N   . LEU A 1 183 ? 11.915  11.532  -0.221  1.00 32.81 ? 183 LEU A N   1 
ATOM   1484 C CA  . LEU A 1 183 ? 10.609  11.645  0.412   1.00 32.43 ? 183 LEU A CA  1 
ATOM   1485 C C   . LEU A 1 183 ? 10.559  12.826  1.368   1.00 32.75 ? 183 LEU A C   1 
ATOM   1486 O O   . LEU A 1 183 ? 9.585   13.556  1.382   1.00 33.69 ? 183 LEU A O   1 
ATOM   1487 C CB  . LEU A 1 183 ? 10.265  10.375  1.179   1.00 32.07 ? 183 LEU A CB  1 
ATOM   1488 C CG  . LEU A 1 183 ? 9.788   9.211   0.316   1.00 30.80 ? 183 LEU A CG  1 
ATOM   1489 C CD1 . LEU A 1 183 ? 9.778   7.953   1.206   1.00 30.23 ? 183 LEU A CD1 1 
ATOM   1490 C CD2 . LEU A 1 183 ? 8.375   9.489   -0.220  1.00 31.16 ? 183 LEU A CD2 1 
ATOM   1491 N N   . GLU A 1 184 ? 11.597  13.005  2.169   1.00 33.81 ? 184 GLU A N   1 
ATOM   1492 C CA  . GLU A 1 184 ? 11.585  14.108  3.122   1.00 35.88 ? 184 GLU A CA  1 
ATOM   1493 C C   . GLU A 1 184 ? 11.557  15.456  2.393   1.00 37.76 ? 184 GLU A C   1 
ATOM   1494 O O   . GLU A 1 184 ? 10.853  16.380  2.811   1.00 38.62 ? 184 GLU A O   1 
ATOM   1495 C CB  . GLU A 1 184 ? 12.784  14.012  4.075   1.00 36.09 ? 184 GLU A CB  1 
ATOM   1496 C CG  . GLU A 1 184 ? 12.715  12.853  5.049   1.00 35.83 ? 184 GLU A CG  1 
ATOM   1497 C CD  . GLU A 1 184 ? 13.872  12.800  6.016   1.00 38.18 ? 184 GLU A CD  1 
ATOM   1498 O OE1 . GLU A 1 184 ? 14.875  13.532  5.815   1.00 39.37 ? 184 GLU A OE1 1 
ATOM   1499 O OE2 . GLU A 1 184 ? 13.794  12.022  6.993   1.00 37.14 ? 184 GLU A OE2 1 
ATOM   1500 N N   . ALA A 1 185 ? 12.296  15.572  1.296   1.00 39.17 ? 185 ALA A N   1 
ATOM   1501 C CA  . ALA A 1 185 ? 12.300  16.829  0.546   1.00 41.31 ? 185 ALA A CA  1 
ATOM   1502 C C   . ALA A 1 185 ? 10.894  17.130  0.045   1.00 42.97 ? 185 ALA A C   1 
ATOM   1503 O O   . ALA A 1 185 ? 10.435  18.279  0.099   1.00 42.30 ? 185 ALA A O   1 
ATOM   1504 C CB  . ALA A 1 185 ? 13.254  16.741  -0.625  1.00 40.70 ? 185 ALA A CB  1 
ATOM   1505 N N   . ARG A 1 186 ? 10.198  16.100  -0.435  1.00 43.32 ? 186 ARG A N   1 
ATOM   1506 C CA  . ARG A 1 186 ? 8.843   16.286  -0.951  1.00 43.32 ? 186 ARG A CA  1 
ATOM   1507 C C   . ARG A 1 186 ? 7.780   16.480  0.121   1.00 41.61 ? 186 ARG A C   1 
ATOM   1508 O O   . ARG A 1 186 ? 6.782   17.128  -0.125  1.00 43.26 ? 186 ARG A O   1 
ATOM   1509 C CB  . ARG A 1 186 ? 8.433   15.104  -1.825  1.00 45.54 ? 186 ARG A CB  1 
ATOM   1510 C CG  . ARG A 1 186 ? 9.178   14.987  -3.154  1.00 50.45 ? 186 ARG A CG  1 
ATOM   1511 C CD  . ARG A 1 186 ? 8.725   13.752  -3.948  1.00 54.47 ? 186 ARG A CD  1 
ATOM   1512 N NE  . ARG A 1 186 ? 9.611   13.432  -5.073  1.00 58.59 ? 186 ARG A NE  1 
ATOM   1513 C CZ  . ARG A 1 186 ? 9.665   14.109  -6.223  1.00 61.16 ? 186 ARG A CZ  1 
ATOM   1514 N NH1 . ARG A 1 186 ? 8.872   15.158  -6.426  1.00 62.69 ? 186 ARG A NH1 1 
ATOM   1515 N NH2 . ARG A 1 186 ? 10.529  13.747  -7.170  1.00 61.74 ? 186 ARG A NH2 1 
ATOM   1516 N N   . LEU A 1 187 ? 7.991   15.930  1.307   1.00 39.99 ? 187 LEU A N   1 
ATOM   1517 C CA  . LEU A 1 187 ? 7.001   16.007  2.374   1.00 39.16 ? 187 LEU A CA  1 
ATOM   1518 C C   . LEU A 1 187 ? 7.180   17.123  3.370   1.00 40.51 ? 187 LEU A C   1 
ATOM   1519 O O   . LEU A 1 187 ? 6.195   17.701  3.842   1.00 40.10 ? 187 LEU A O   1 
ATOM   1520 C CB  . LEU A 1 187 ? 6.980   14.701  3.171   1.00 36.62 ? 187 LEU A CB  1 
ATOM   1521 C CG  . LEU A 1 187 ? 6.374   13.454  2.512   1.00 35.39 ? 187 LEU A CG  1 
ATOM   1522 C CD1 . LEU A 1 187 ? 6.770   12.223  3.312   1.00 32.90 ? 187 LEU A CD1 1 
ATOM   1523 C CD2 . LEU A 1 187 ? 4.849   13.587  2.456   1.00 33.23 ? 187 LEU A CD2 1 
ATOM   1524 N N   . TYR A 1 188 ? 8.437   17.417  3.694   1.00 40.55 ? 188 TYR A N   1 
ATOM   1525 C CA  . TYR A 1 188 ? 8.745   18.406  4.711   1.00 41.26 ? 188 TYR A CA  1 
ATOM   1526 C C   . TYR A 1 188 ? 9.549   19.623  4.238   1.00 41.75 ? 188 TYR A C   1 
ATOM   1527 O O   . TYR A 1 188 ? 9.923   20.411  5.131   1.00 43.07 ? 188 TYR A O   1 
ATOM   1528 C CB  . TYR A 1 188 ? 9.483   17.704  5.853   1.00 40.05 ? 188 TYR A CB  1 
ATOM   1529 C CG  . TYR A 1 188 ? 8.861   16.362  6.223   1.00 41.02 ? 188 TYR A CG  1 
ATOM   1530 C CD1 . TYR A 1 188 ? 7.528   16.275  6.645   1.00 41.50 ? 188 TYR A CD1 1 
ATOM   1531 C CD2 . TYR A 1 188 ? 9.590   15.174  6.117   1.00 39.98 ? 188 TYR A CD2 1 
ATOM   1532 C CE1 . TYR A 1 188 ? 6.938   15.036  6.950   1.00 39.55 ? 188 TYR A CE1 1 
ATOM   1533 C CE2 . TYR A 1 188 ? 9.007   13.919  6.425   1.00 39.61 ? 188 TYR A CE2 1 
ATOM   1534 C CZ  . TYR A 1 188 ? 7.682   13.859  6.840   1.00 40.27 ? 188 TYR A CZ  1 
ATOM   1535 O OH  . TYR A 1 188 ? 7.105   12.629  7.151   1.00 36.06 ? 188 TYR A OH  1 
HETATM 1536 O O   . HOH B 2 .   ? -1.687  -1.979  -9.032  1.00 20.57 ? 195 HOH A O   1 
HETATM 1537 O O   . HOH B 2 .   ? 2.559   -10.631 10.001  1.00 25.89 ? 196 HOH A O   1 
HETATM 1538 O O   . HOH B 2 .   ? -14.276 2.893   -1.691  1.00 23.33 ? 197 HOH A O   1 
HETATM 1539 O O   . HOH B 2 .   ? -7.782  -1.827  -0.694  1.00 24.36 ? 198 HOH A O   1 
HETATM 1540 O O   . HOH B 2 .   ? 15.987  -7.128  -13.187 1.00 26.53 ? 199 HOH A O   1 
HETATM 1541 O O   . HOH B 2 .   ? -4.005  4.535   -4.559  1.00 26.00 ? 200 HOH A O   1 
HETATM 1542 O O   . HOH B 2 .   ? 18.432  5.421   -3.243  1.00 27.82 ? 201 HOH A O   1 
HETATM 1543 O O   . HOH B 2 .   ? -11.786 -5.396  12.413  1.00 30.37 ? 202 HOH A O   1 
HETATM 1544 O O   . HOH B 2 .   ? 8.487   -9.729  -18.492 1.00 23.43 ? 203 HOH A O   1 
HETATM 1545 O O   . HOH B 2 .   ? 1.482   0.851   -3.494  1.00 36.14 ? 204 HOH A O   1 
HETATM 1546 O O   . HOH B 2 .   ? -1.854  -3.043  -2.116  1.00 33.41 ? 205 HOH A O   1 
HETATM 1547 O O   . HOH B 2 .   ? 8.470   5.095   11.292  1.00 27.25 ? 206 HOH A O   1 
HETATM 1548 O O   . HOH B 2 .   ? -4.033  4.177   -10.257 1.00 31.37 ? 207 HOH A O   1 
HETATM 1549 O O   . HOH B 2 .   ? -2.878  7.136   14.969  1.00 28.20 ? 208 HOH A O   1 
HETATM 1550 O O   . HOH B 2 .   ? -5.554  -4.192  11.676  1.00 27.63 ? 209 HOH A O   1 
HETATM 1551 O O   . HOH B 2 .   ? 11.268  -12.534 13.828  1.00 30.44 ? 210 HOH A O   1 
HETATM 1552 O O   . HOH B 2 .   ? -8.277  0.562   14.837  1.00 29.81 ? 211 HOH A O   1 
HETATM 1553 O O   . HOH B 2 .   ? 10.199  -15.505 7.530   1.00 35.99 ? 212 HOH A O   1 
HETATM 1554 O O   . HOH B 2 .   ? -12.532 7.049   -4.097  1.00 26.85 ? 213 HOH A O   1 
HETATM 1555 O O   . HOH B 2 .   ? 20.941  5.442   -0.377  1.00 29.39 ? 214 HOH A O   1 
HETATM 1556 O O   . HOH B 2 .   ? 6.836   -10.971 10.886  1.00 28.09 ? 215 HOH A O   1 
HETATM 1557 O O   . HOH B 2 .   ? -2.947  4.781   -14.212 1.00 30.97 ? 216 HOH A O   1 
HETATM 1558 O O   . HOH B 2 .   ? 0.253   4.917   -6.151  1.00 37.18 ? 217 HOH A O   1 
HETATM 1559 O O   . HOH B 2 .   ? 1.600   11.387  -1.597  1.00 31.15 ? 218 HOH A O   1 
HETATM 1560 O O   . HOH B 2 .   ? -9.937  -8.241  -0.316  1.00 29.31 ? 219 HOH A O   1 
HETATM 1561 O O   . HOH B 2 .   ? -0.144  -5.983  -8.466  1.00 34.44 ? 220 HOH A O   1 
HETATM 1562 O O   . HOH B 2 .   ? 3.866   -13.252 -7.581  1.00 29.18 ? 221 HOH A O   1 
HETATM 1563 O O   . HOH B 2 .   ? -3.824  -5.310  -1.796  1.00 35.16 ? 222 HOH A O   1 
HETATM 1564 O O   . HOH B 2 .   ? -1.740  10.694  -1.455  1.00 31.02 ? 223 HOH A O   1 
HETATM 1565 O O   . HOH B 2 .   ? -2.349  -2.612  12.013  1.00 31.71 ? 224 HOH A O   1 
HETATM 1566 O O   . HOH B 2 .   ? -1.764  -6.137  -16.452 1.00 29.58 ? 225 HOH A O   1 
HETATM 1567 O O   . HOH B 2 .   ? 3.414   -8.119  13.410  1.00 32.36 ? 226 HOH A O   1 
HETATM 1568 O O   . HOH B 2 .   ? 1.725   9.085   -10.105 1.00 33.61 ? 227 HOH A O   1 
HETATM 1569 O O   . HOH B 2 .   ? -12.864 -1.744  -9.717  1.00 34.11 ? 228 HOH A O   1 
HETATM 1570 O O   . HOH B 2 .   ? 6.004   -13.257 9.543   1.00 31.88 ? 229 HOH A O   1 
HETATM 1571 O O   . HOH B 2 .   ? -8.948  -5.129  12.481  1.00 31.95 ? 230 HOH A O   1 
HETATM 1572 O O   . HOH B 2 .   ? -6.389  -0.153  -8.201  1.00 29.98 ? 231 HOH A O   1 
HETATM 1573 O O   . HOH B 2 .   ? 2.591   -3.774  -3.624  1.00 38.92 ? 232 HOH A O   1 
HETATM 1574 O O   . HOH B 2 .   ? -9.533  -10.261 -8.255  1.00 38.51 ? 233 HOH A O   1 
HETATM 1575 O O   . HOH B 2 .   ? 6.135   8.830   -4.938  1.00 39.43 ? 234 HOH A O   1 
HETATM 1576 O O   . HOH B 2 .   ? 5.053   -10.495 -1.276  1.00 32.34 ? 235 HOH A O   1 
HETATM 1577 O O   . HOH B 2 .   ? -4.276  -5.823  9.776   1.00 39.40 ? 236 HOH A O   1 
HETATM 1578 O O   . HOH B 2 .   ? -1.507  3.398   -4.387  1.00 32.52 ? 237 HOH A O   1 
HETATM 1579 O O   . HOH B 2 .   ? 9.090   2.815   14.427  1.00 36.76 ? 238 HOH A O   1 
HETATM 1580 O O   . HOH B 2 .   ? 4.829   4.852   15.714  1.00 32.63 ? 239 HOH A O   1 
HETATM 1581 O O   . HOH B 2 .   ? 23.655  3.497   1.700   1.00 39.12 ? 240 HOH A O   1 
HETATM 1582 O O   . HOH B 2 .   ? -13.884 -2.591  14.044  1.00 28.57 ? 241 HOH A O   1 
HETATM 1583 O O   . HOH B 2 .   ? 10.293  -3.730  -16.730 1.00 41.24 ? 242 HOH A O   1 
HETATM 1584 O O   . HOH B 2 .   ? -6.214  -12.145 -20.359 1.00 39.63 ? 243 HOH A O   1 
HETATM 1585 O O   . HOH B 2 .   ? 14.271  1.227   -12.103 1.00 37.46 ? 244 HOH A O   1 
HETATM 1586 O O   . HOH B 2 .   ? 7.639   9.627   -11.828 1.00 40.11 ? 245 HOH A O   1 
HETATM 1587 O O   . HOH B 2 .   ? -14.015 -11.447 2.002   1.00 36.68 ? 246 HOH A O   1 
HETATM 1588 O O   . HOH B 2 .   ? 15.937  -11.811 1.225   1.00 31.61 ? 247 HOH A O   1 
HETATM 1589 O O   . HOH B 2 .   ? -25.028 1.294   -3.805  1.00 31.01 ? 248 HOH A O   1 
HETATM 1590 O O   . HOH B 2 .   ? -16.445 -7.703  -3.282  1.00 30.55 ? 249 HOH A O   1 
HETATM 1591 O O   . HOH B 2 .   ? -14.703 9.435   -7.385  1.00 36.40 ? 250 HOH A O   1 
HETATM 1592 O O   . HOH B 2 .   ? 19.126  -6.995  6.895   1.00 34.15 ? 251 HOH A O   1 
HETATM 1593 O O   . HOH B 2 .   ? -20.281 -8.956  2.232   1.00 38.52 ? 252 HOH A O   1 
HETATM 1594 O O   . HOH B 2 .   ? 1.089   -3.537  14.491  1.00 37.19 ? 253 HOH A O   1 
HETATM 1595 O O   . HOH B 2 .   ? 5.487   -11.553 -23.309 1.00 42.48 ? 254 HOH A O   1 
HETATM 1596 O O   . HOH B 2 .   ? -27.161 -8.579  0.011   1.00 35.31 ? 255 HOH A O   1 
HETATM 1597 O O   . HOH B 2 .   ? 2.081   -0.053  -18.958 1.00 39.68 ? 256 HOH A O   1 
HETATM 1598 O O   . HOH B 2 .   ? -14.584 -2.150  -7.492  1.00 31.36 ? 257 HOH A O   1 
HETATM 1599 O O   . HOH B 2 .   ? -13.829 -8.293  -2.949  1.00 33.56 ? 258 HOH A O   1 
HETATM 1600 O O   . HOH B 2 .   ? -17.530 2.805   12.404  1.00 40.49 ? 259 HOH A O   1 
HETATM 1601 O O   . HOH B 2 .   ? -10.594 -16.115 -11.920 1.00 51.15 ? 260 HOH A O   1 
HETATM 1602 O O   . HOH B 2 .   ? -5.825  3.146   -6.260  1.00 36.44 ? 261 HOH A O   1 
HETATM 1603 O O   . HOH B 2 .   ? -11.343 -10.789 7.818   1.00 31.77 ? 262 HOH A O   1 
HETATM 1604 O O   . HOH B 2 .   ? 8.754   2.287   -13.766 1.00 40.93 ? 263 HOH A O   1 
HETATM 1605 O O   . HOH B 2 .   ? -8.579  -12.840 3.206   1.00 38.19 ? 264 HOH A O   1 
HETATM 1606 O O   . HOH B 2 .   ? 10.352  -16.306 0.238   1.00 44.19 ? 265 HOH A O   1 
HETATM 1607 O O   . HOH B 2 .   ? -0.638  -2.723  -6.461  1.00 33.63 ? 266 HOH A O   1 
HETATM 1608 O O   . HOH B 2 .   ? 17.349  4.248   -5.104  1.00 43.57 ? 267 HOH A O   1 
HETATM 1609 O O   . HOH B 2 .   ? -5.904  2.908   -8.842  1.00 33.58 ? 268 HOH A O   1 
HETATM 1610 O O   . HOH B 2 .   ? -7.619  -19.872 -16.445 1.00 38.70 ? 269 HOH A O   1 
HETATM 1611 O O   . HOH B 2 .   ? 12.960  -3.282  -15.566 1.00 39.97 ? 270 HOH A O   1 
HETATM 1612 O O   . HOH B 2 .   ? -15.905 11.457  4.265   1.00 50.94 ? 271 HOH A O   1 
HETATM 1613 O O   . HOH B 2 .   ? -7.113  -6.698  -2.455  1.00 43.25 ? 272 HOH A O   1 
HETATM 1614 O O   . HOH B 2 .   ? -13.006 -9.643  -13.883 1.00 38.48 ? 273 HOH A O   1 
HETATM 1615 O O   . HOH B 2 .   ? 10.029  -17.223 5.296   1.00 41.67 ? 274 HOH A O   1 
HETATM 1616 O O   . HOH B 2 .   ? -6.745  -10.971 -9.311  1.00 38.14 ? 275 HOH A O   1 
HETATM 1617 O O   . HOH B 2 .   ? 5.153   7.495   14.708  1.00 41.59 ? 276 HOH A O   1 
HETATM 1618 O O   . HOH B 2 .   ? 13.266  6.195   -10.331 1.00 45.51 ? 277 HOH A O   1 
HETATM 1619 O O   . HOH B 2 .   ? -5.601  -6.226  -11.170 1.00 43.70 ? 278 HOH A O   1 
HETATM 1620 O O   . HOH B 2 .   ? -1.706  -9.545  10.875  1.00 47.34 ? 279 HOH A O   1 
HETATM 1621 O O   . HOH B 2 .   ? -12.852 9.691   9.808   1.00 46.05 ? 280 HOH A O   1 
HETATM 1622 O O   . HOH B 2 .   ? 0.730   16.881  -2.082  1.00 50.02 ? 281 HOH A O   1 
HETATM 1623 O O   . HOH B 2 .   ? -3.827  -6.313  -4.951  1.00 44.75 ? 282 HOH A O   1 
HETATM 1624 O O   . HOH B 2 .   ? 10.150  -8.452  -0.714  1.00 34.98 ? 283 HOH A O   1 
HETATM 1625 O O   . HOH B 2 .   ? -15.587 10.790  -2.572  1.00 47.38 ? 284 HOH A O   1 
HETATM 1626 O O   . HOH B 2 .   ? 6.391   -11.690 -4.885  1.00 45.72 ? 285 HOH A O   1 
HETATM 1627 O O   . HOH B 2 .   ? -13.394 -8.628  -7.941  1.00 37.73 ? 286 HOH A O   1 
HETATM 1628 O O   . HOH B 2 .   ? 10.611  4.302   12.658  1.00 38.57 ? 287 HOH A O   1 
HETATM 1629 O O   . HOH B 2 .   ? -15.556 -10.335 9.325   1.00 45.47 ? 288 HOH A O   1 
HETATM 1630 O O   . HOH B 2 .   ? -10.739 -8.233  -8.872  1.00 37.43 ? 289 HOH A O   1 
HETATM 1631 O O   . HOH B 2 .   ? -18.475 11.187  0.852   1.00 41.51 ? 290 HOH A O   1 
HETATM 1632 O O   . HOH B 2 .   ? 4.172   -16.430 -10.270 1.00 39.34 ? 291 HOH A O   1 
HETATM 1633 O O   . HOH B 2 .   ? 18.213  11.276  -2.671  1.00 41.08 ? 292 HOH A O   1 
HETATM 1634 O O   . HOH B 2 .   ? -8.266  12.978  -7.368  1.00 41.49 ? 293 HOH A O   1 
HETATM 1635 O O   . HOH B 2 .   ? -8.910  -17.976 -17.777 1.00 40.96 ? 294 HOH A O   1 
HETATM 1636 O O   . HOH B 2 .   ? 0.121   7.991   -5.975  1.00 51.62 ? 295 HOH A O   1 
HETATM 1637 O O   . HOH B 2 .   ? -1.715  -9.978  -19.351 1.00 46.25 ? 296 HOH A O   1 
HETATM 1638 O O   . HOH B 2 .   ? 21.739  -0.330  -4.896  1.00 44.45 ? 297 HOH A O   1 
HETATM 1639 O O   . HOH B 2 .   ? -14.779 8.792   -4.540  1.00 26.40 ? 298 HOH A O   1 
HETATM 1640 O O   . HOH B 2 .   ? 6.937   -8.389  -20.246 1.00 31.89 ? 299 HOH A O   1 
HETATM 1641 O O   . HOH B 2 .   ? -1.844  9.407   -4.221  1.00 31.25 ? 300 HOH A O   1 
HETATM 1642 O O   . HOH B 2 .   ? 4.740   -9.111  10.906  1.00 30.16 ? 301 HOH A O   1 
HETATM 1643 O O   . HOH B 2 .   ? 3.467   -13.141 9.729   1.00 31.69 ? 302 HOH A O   1 
HETATM 1644 O O   . HOH B 2 .   ? -13.193 -9.017  9.060   1.00 33.97 ? 303 HOH A O   1 
HETATM 1645 O O   . HOH B 2 .   ? -5.067  5.443   -12.460 1.00 31.50 ? 304 HOH A O   1 
HETATM 1646 O O   . HOH B 2 .   ? -13.484 9.465   5.219   1.00 37.25 ? 305 HOH A O   1 
HETATM 1647 O O   . HOH B 2 .   ? 8.075   -11.063 -6.581  1.00 31.40 ? 306 HOH A O   1 
HETATM 1648 O O   . HOH B 2 .   ? -12.321 -0.666  15.949  1.00 35.37 ? 307 HOH A O   1 
HETATM 1649 O O   . HOH B 2 .   ? -1.160  -5.127  -3.202  1.00 38.76 ? 308 HOH A O   1 
HETATM 1650 O O   . HOH B 2 .   ? -8.208  -1.786  16.093  1.00 40.67 ? 309 HOH A O   1 
HETATM 1651 O O   . HOH B 2 .   ? -5.648  -4.931  14.601  1.00 36.90 ? 310 HOH A O   1 
HETATM 1652 O O   . HOH B 2 .   ? 0.392   -10.748 11.729  1.00 39.49 ? 311 HOH A O   1 
HETATM 1653 O O   . HOH B 2 .   ? 2.488   3.936   -5.167  1.00 44.51 ? 312 HOH A O   1 
HETATM 1654 O O   . HOH B 2 .   ? -10.915 1.077   14.596  1.00 38.32 ? 313 HOH A O   1 
HETATM 1655 O O   . HOH B 2 .   ? -1.741  -3.675  14.311  1.00 41.58 ? 314 HOH A O   1 
HETATM 1656 O O   . HOH B 2 .   ? -12.372 -8.128  11.536  1.00 40.38 ? 315 HOH A O   1 
HETATM 1657 O O   . HOH B 2 .   ? -7.486  -7.573  11.361  1.00 44.13 ? 316 HOH A O   1 
HETATM 1658 O O   . HOH B 2 .   ? 17.781  -7.575  -14.986 1.00 36.07 ? 317 HOH A O   1 
HETATM 1659 O O   . HOH B 2 .   ? -2.560  -6.984  12.687  1.00 42.26 ? 318 HOH A O   1 
HETATM 1660 O O   . HOH B 2 .   ? 15.632  2.212   -4.462  1.00 35.24 ? 319 HOH A O   1 
HETATM 1661 O O   . HOH B 2 .   ? -14.571 -7.901  -9.981  1.00 42.10 ? 320 HOH A O   1 
HETATM 1662 O O   . HOH B 2 .   ? -12.449 -3.943  -11.016 1.00 41.95 ? 321 HOH A O   1 
HETATM 1663 O O   . HOH B 2 .   ? 1.756   9.547   -4.174  1.00 40.91 ? 322 HOH A O   1 
HETATM 1664 O O   . HOH B 2 .   ? 11.901  9.155   -2.435  1.00 41.65 ? 323 HOH A O   1 
HETATM 1665 O O   . HOH B 2 .   ? 8.155   -15.908 14.475  1.00 45.81 ? 324 HOH A O   1 
HETATM 1666 O O   . HOH B 2 .   ? 4.142   7.447   -3.066  1.00 42.11 ? 325 HOH A O   1 
HETATM 1667 O O   . HOH B 2 .   ? -17.808 -10.266 -3.034  1.00 39.25 ? 326 HOH A O   1 
HETATM 1668 O O   . HOH B 2 .   ? -5.903  5.945   16.636  1.00 45.96 ? 327 HOH A O   1 
HETATM 1669 O O   . HOH B 2 .   ? -0.525  -2.612  21.352  1.00 43.68 ? 328 HOH A O   1 
HETATM 1670 O O   . HOH B 2 .   ? -10.594 -6.017  -10.878 1.00 49.08 ? 329 HOH A O   1 
HETATM 1671 O O   . HOH B 2 .   ? 1.791   -10.858 -20.575 1.00 43.57 ? 330 HOH A O   1 
HETATM 1672 O O   . HOH B 2 .   ? 4.020   16.856  0.305   1.00 43.89 ? 331 HOH A O   1 
HETATM 1673 O O   . HOH B 2 .   ? -24.816 -9.172  -1.949  1.00 52.72 ? 332 HOH A O   1 
HETATM 1674 O O   . HOH B 2 .   ? 7.863   -3.387  -18.976 1.00 41.56 ? 333 HOH A O   1 
HETATM 1675 O O   . HOH B 2 .   ? -2.848  1.858   -6.937  1.00 49.48 ? 334 HOH A O   1 
HETATM 1676 O O   . HOH B 2 .   ? -5.717  -11.181 -2.760  1.00 50.07 ? 335 HOH A O   1 
HETATM 1677 O O   . HOH B 2 .   ? 18.980  0.768   12.228  1.00 46.35 ? 336 HOH A O   1 
HETATM 1678 O O   . HOH B 2 .   ? 4.115   -13.450 6.391   1.00 47.15 ? 337 HOH A O   1 
HETATM 1679 O O   . HOH B 2 .   ? 20.818  -5.668  8.510   1.00 43.75 ? 338 HOH A O   1 
HETATM 1680 O O   . HOH B 2 .   ? 11.385  2.561   -13.360 1.00 46.14 ? 339 HOH A O   1 
HETATM 1681 O O   . HOH B 2 .   ? 0.572   10.232  -12.235 1.00 46.77 ? 340 HOH A O   1 
HETATM 1682 O O   . HOH B 2 .   ? 12.348  3.553   -11.002 1.00 45.80 ? 341 HOH A O   1 
HETATM 1683 O O   . HOH B 2 .   ? 19.400  1.953   -6.923  1.00 46.37 ? 342 HOH A O   1 
HETATM 1684 O O   . HOH B 2 .   ? 20.736  1.974   4.893   1.00 42.43 ? 343 HOH A O   1 
HETATM 1685 O O   . HOH B 2 .   ? -26.909 -6.779  3.608   1.00 45.16 ? 344 HOH A O   1 
HETATM 1686 O O   . HOH B 2 .   ? -2.092  -13.522 10.184  1.00 42.16 ? 345 HOH A O   1 
HETATM 1687 O O   . HOH B 2 .   ? 0.195   -11.125 3.908   1.00 29.05 ? 346 HOH A O   1 
HETATM 1688 O O   . HOH B 2 .   ? -6.578  -14.796 2.402   1.00 47.14 ? 347 HOH A O   1 
HETATM 1689 O O   . HOH B 2 .   ? -18.221 -8.064  8.593   1.00 45.76 ? 348 HOH A O   1 
HETATM 1690 O O   . HOH B 2 .   ? 13.380  -0.542  -16.450 1.00 44.50 ? 349 HOH A O   1 
HETATM 1691 O O   . HOH B 2 .   ? 16.792  1.713   14.997  1.00 49.02 ? 350 HOH A O   1 
HETATM 1692 O O   . HOH B 2 .   ? 1.689   6.807   17.189  1.00 43.03 ? 351 HOH A O   1 
HETATM 1693 O O   . HOH B 2 .   ? -3.562  1.869   -18.418 1.00 48.39 ? 352 HOH A O   1 
HETATM 1694 O O   . HOH B 2 .   ? 22.353  -2.348  -3.469  1.00 49.06 ? 353 HOH A O   1 
HETATM 1695 O O   . HOH B 2 .   ? 0.681   -8.474  -4.008  1.00 50.22 ? 354 HOH A O   1 
HETATM 1696 O O   . HOH B 2 .   ? -12.304 3.060   14.161  1.00 49.74 ? 355 HOH A O   1 
HETATM 1697 O O   . HOH B 2 .   ? 20.206  -7.452  -13.563 1.00 48.93 ? 356 HOH A O   1 
HETATM 1698 O O   . HOH B 2 .   ? -2.149  10.232  -7.632  1.00 48.00 ? 357 HOH A O   1 
HETATM 1699 O O   . HOH B 2 .   ? -22.648 -5.984  4.371   1.00 49.66 ? 358 HOH A O   1 
HETATM 1700 O O   . HOH B 2 .   ? -12.120 -9.946  -1.389  1.00 49.86 ? 359 HOH A O   1 
HETATM 1701 O O   . HOH B 2 .   ? 21.350  6.211   -2.538  1.00 48.16 ? 360 HOH A O   1 
HETATM 1702 O O   . HOH B 2 .   ? 15.053  2.904   16.558  1.00 45.83 ? 361 HOH A O   1 
HETATM 1703 O O   . HOH B 2 .   ? -7.711  2.761   16.219  1.00 49.07 ? 362 HOH A O   1 
HETATM 1704 O O   . HOH B 2 .   ? 18.657  0.569   16.400  1.00 47.76 ? 363 HOH A O   1 
HETATM 1705 O O   . HOH B 2 .   ? -22.388 -8.684  3.704   1.00 45.24 ? 364 HOH A O   1 
HETATM 1706 O O   . HOH B 2 .   ? -4.601  8.410   -12.765 1.00 44.96 ? 365 HOH A O   1 
HETATM 1707 O O   . HOH B 2 .   ? 7.267   4.050   15.724  1.00 45.17 ? 366 HOH A O   1 
HETATM 1708 O O   . HOH B 2 .   ? -8.153  -15.443 -20.248 1.00 51.44 ? 367 HOH A O   1 
HETATM 1709 O O   . HOH B 2 .   ? 9.044   -13.073 -1.894  1.00 49.30 ? 368 HOH A O   1 
HETATM 1710 O O   . HOH B 2 .   ? -8.495  -4.580  15.041  1.00 48.52 ? 369 HOH A O   1 
HETATM 1711 O O   . HOH B 2 .   ? -25.330 -5.093  4.534   1.00 47.65 ? 370 HOH A O   1 
HETATM 1712 O O   . HOH B 2 .   ? -1.681  -10.486 -1.194  1.00 49.02 ? 371 HOH A O   1 
HETATM 1713 O O   . HOH B 2 .   ? -10.886 -12.329 -7.384  1.00 45.04 ? 372 HOH A O   1 
HETATM 1714 O O   . HOH B 2 .   ? -1.281  -1.192  -4.227  1.00 40.05 ? 373 HOH A O   1 
HETATM 1715 O O   . HOH B 2 .   ? 3.967   10.342  -9.440  1.00 43.69 ? 374 HOH A O   1 
HETATM 1716 O O   . HOH B 2 .   ? 0.053   -13.400 11.565  1.00 47.39 ? 375 HOH A O   1 
HETATM 1717 O O   . HOH B 2 .   ? -18.622 -7.794  -10.603 1.00 46.42 ? 376 HOH A O   1 
HETATM 1718 O O   . HOH B 2 .   ? -14.958 -5.329  -9.916  1.00 45.39 ? 377 HOH A O   1 
HETATM 1719 O O   . HOH B 2 .   ? 5.134   -0.196  -18.191 1.00 50.55 ? 378 HOH A O   1 
# 
